data_5MVK
# 
_entry.id   5MVK 
# 
_audit_conform.dict_name       mmcif_pdbx.dic 
_audit_conform.dict_version    5.391 
_audit_conform.dict_location   http://mmcif.pdb.org/dictionaries/ascii/mmcif_pdbx.dic 
# 
loop_
_database_2.database_id 
_database_2.database_code 
_database_2.pdbx_database_accession 
_database_2.pdbx_DOI 
PDB   5MVK         pdb_00005mvk 10.2210/pdb5mvk/pdb 
WWPDB D_1200003075 ?            ?                   
# 
loop_
_pdbx_audit_revision_history.ordinal 
_pdbx_audit_revision_history.data_content_type 
_pdbx_audit_revision_history.major_revision 
_pdbx_audit_revision_history.minor_revision 
_pdbx_audit_revision_history.revision_date 
1 'Structure model' 1 0 2017-05-10 
2 'Structure model' 1 1 2017-05-17 
3 'Structure model' 1 2 2017-05-24 
4 'Structure model' 1 3 2017-06-14 
5 'Structure model' 1 4 2017-08-30 
6 'Structure model' 1 5 2019-10-16 
7 'Structure model' 1 6 2024-05-08 
# 
_pdbx_audit_revision_details.ordinal             1 
_pdbx_audit_revision_details.revision_ordinal    1 
_pdbx_audit_revision_details.data_content_type   'Structure model' 
_pdbx_audit_revision_details.provider            repository 
_pdbx_audit_revision_details.type                'Initial release' 
_pdbx_audit_revision_details.description         ? 
_pdbx_audit_revision_details.details             ? 
# 
loop_
_pdbx_audit_revision_group.ordinal 
_pdbx_audit_revision_group.revision_ordinal 
_pdbx_audit_revision_group.data_content_type 
_pdbx_audit_revision_group.group 
1 2 'Structure model' 'Database references'        
2 3 'Structure model' 'Database references'        
3 4 'Structure model' 'Database references'        
4 5 'Structure model' 'Author supporting evidence' 
5 6 'Structure model' 'Data collection'            
6 7 'Structure model' 'Data collection'            
7 7 'Structure model' 'Database references'        
# 
loop_
_pdbx_audit_revision_category.ordinal 
_pdbx_audit_revision_category.revision_ordinal 
_pdbx_audit_revision_category.data_content_type 
_pdbx_audit_revision_category.category 
1 4 'Structure model' citation           
2 5 'Structure model' pdbx_audit_support 
3 6 'Structure model' reflns_shell       
4 7 'Structure model' chem_comp_atom     
5 7 'Structure model' chem_comp_bond     
6 7 'Structure model' database_2         
# 
loop_
_pdbx_audit_revision_item.ordinal 
_pdbx_audit_revision_item.revision_ordinal 
_pdbx_audit_revision_item.data_content_type 
_pdbx_audit_revision_item.item 
1 4 'Structure model' '_citation.country'                        
2 4 'Structure model' '_citation.journal_volume'                 
3 4 'Structure model' '_citation.page_first'                     
4 4 'Structure model' '_citation.page_last'                      
5 5 'Structure model' '_pdbx_audit_support.funding_organization' 
6 7 'Structure model' '_database_2.pdbx_DOI'                     
7 7 'Structure model' '_database_2.pdbx_database_accession'      
# 
_pdbx_database_status.status_code                     REL 
_pdbx_database_status.status_code_sf                  REL 
_pdbx_database_status.status_code_mr                  ? 
_pdbx_database_status.entry_id                        5MVK 
_pdbx_database_status.recvd_initial_deposition_date   2017-01-16 
_pdbx_database_status.SG_entry                        N 
_pdbx_database_status.deposit_site                    PDBE 
_pdbx_database_status.process_site                    PDBE 
_pdbx_database_status.status_code_cs                  ? 
_pdbx_database_status.methods_development_category    ? 
_pdbx_database_status.pdb_format_compatible           Y 
_pdbx_database_status.status_code_nmr_data            ? 
# 
loop_
_audit_author.name 
_audit_author.pdbx_ordinal 
_audit_author.identifier_ORCID 
'Hardwick, J.S.'   1 0000-0002-3117-1035 
'Ptchelkine, D.'   2 ?                   
'Phillips, S.E.V.' 3 0000-0001-8922-0250 
'Brown, T.'        4 0000-0002-6538-3036 
# 
_citation.abstract                  ? 
_citation.abstract_id_CAS           ? 
_citation.book_id_ISBN              ? 
_citation.book_publisher            ? 
_citation.book_publisher_city       ? 
_citation.book_title                ? 
_citation.coordinate_linkage        ? 
_citation.country                   US 
_citation.database_id_Medline       ? 
_citation.details                   ? 
_citation.id                        primary 
_citation.journal_abbrev            'Nat. Struct. Mol. Biol.' 
_citation.journal_id_ASTM           ? 
_citation.journal_id_CSD            ? 
_citation.journal_id_ISSN           1545-9985 
_citation.journal_full              ? 
_citation.journal_issue             ? 
_citation.journal_volume            24 
_citation.language                  ? 
_citation.page_first                544 
_citation.page_last                 552 
_citation.title                     '5-Formylcytosine does not change the global structure of DNA.' 
_citation.year                      2017 
_citation.database_id_CSD           ? 
_citation.pdbx_database_id_DOI      10.1038/nsmb.3411 
_citation.pdbx_database_id_PubMed   28504696 
_citation.unpublished_flag          ? 
# 
loop_
_citation_author.citation_id 
_citation_author.name 
_citation_author.ordinal 
_citation_author.identifier_ORCID 
primary 'Hardwick, J.S.'   1 ? 
primary 'Ptchelkine, D.'   2 ? 
primary 'El-Sagheer, A.H.' 3 ? 
primary 'Tear, I.'         4 ? 
primary 'Singleton, D.'    5 ? 
primary 'Phillips, S.E.V.' 6 ? 
primary 'Lane, A.N.'       7 ? 
primary 'Brown, T.'        8 ? 
# 
loop_
_entity.id 
_entity.type 
_entity.src_method 
_entity.pdbx_description 
_entity.formula_weight 
_entity.pdbx_number_of_molecules 
_entity.pdbx_ec 
_entity.pdbx_mutation 
_entity.pdbx_fragment 
_entity.details 
1 polymer man DNA   3663.392 2  ? ? ? ? 
2 water   nat water 18.015   67 ? ? ? ? 
# 
_entity_poly.entity_id                      1 
_entity_poly.type                           polydeoxyribonucleotide 
_entity_poly.nstd_linkage                   no 
_entity_poly.nstd_monomer                   no 
_entity_poly.pdbx_seq_one_letter_code       '(DC)(DT)(DA)(DC)(DG)(DC)(DG)(DC)(DG)(DT)(DA)(DG)' 
_entity_poly.pdbx_seq_one_letter_code_can   CTACGCGCGTAG 
_entity_poly.pdbx_strand_id                 A,B 
_entity_poly.pdbx_target_identifier         ? 
# 
_pdbx_entity_nonpoly.entity_id   2 
_pdbx_entity_nonpoly.name        water 
_pdbx_entity_nonpoly.comp_id     HOH 
# 
loop_
_entity_poly_seq.entity_id 
_entity_poly_seq.num 
_entity_poly_seq.mon_id 
_entity_poly_seq.hetero 
1 1  DC n 
1 2  DT n 
1 3  DA n 
1 4  DC n 
1 5  DG n 
1 6  DC n 
1 7  DG n 
1 8  DC n 
1 9  DG n 
1 10 DT n 
1 11 DA n 
1 12 DG n 
# 
_entity_src_gen.entity_id                          1 
_entity_src_gen.pdbx_src_id                        1 
_entity_src_gen.pdbx_alt_source_flag               sample 
_entity_src_gen.pdbx_seq_type                      'Biological sequence' 
_entity_src_gen.pdbx_beg_seq_num                   1 
_entity_src_gen.pdbx_end_seq_num                   12 
_entity_src_gen.gene_src_common_name               ? 
_entity_src_gen.gene_src_genus                     ? 
_entity_src_gen.pdbx_gene_src_gene                 ? 
_entity_src_gen.gene_src_species                   ? 
_entity_src_gen.gene_src_strain                    ? 
_entity_src_gen.gene_src_tissue                    ? 
_entity_src_gen.gene_src_tissue_fraction           ? 
_entity_src_gen.gene_src_details                   ? 
_entity_src_gen.pdbx_gene_src_fragment             ? 
_entity_src_gen.pdbx_gene_src_scientific_name      'synthetic construct' 
_entity_src_gen.pdbx_gene_src_ncbi_taxonomy_id     32630 
_entity_src_gen.pdbx_gene_src_variant              ? 
_entity_src_gen.pdbx_gene_src_cell_line            ? 
_entity_src_gen.pdbx_gene_src_atcc                 ? 
_entity_src_gen.pdbx_gene_src_organ                ? 
_entity_src_gen.pdbx_gene_src_organelle            ? 
_entity_src_gen.pdbx_gene_src_cell                 ? 
_entity_src_gen.pdbx_gene_src_cellular_location    ? 
_entity_src_gen.host_org_common_name               ? 
_entity_src_gen.pdbx_host_org_scientific_name      'synthetic construct' 
_entity_src_gen.pdbx_host_org_ncbi_taxonomy_id     32630 
_entity_src_gen.host_org_genus                     ? 
_entity_src_gen.pdbx_host_org_gene                 ? 
_entity_src_gen.pdbx_host_org_organ                ? 
_entity_src_gen.host_org_species                   ? 
_entity_src_gen.pdbx_host_org_tissue               ? 
_entity_src_gen.pdbx_host_org_tissue_fraction      ? 
_entity_src_gen.pdbx_host_org_strain               ? 
_entity_src_gen.pdbx_host_org_variant              ? 
_entity_src_gen.pdbx_host_org_cell_line            ? 
_entity_src_gen.pdbx_host_org_atcc                 ? 
_entity_src_gen.pdbx_host_org_culture_collection   ? 
_entity_src_gen.pdbx_host_org_cell                 ? 
_entity_src_gen.pdbx_host_org_organelle            ? 
_entity_src_gen.pdbx_host_org_cellular_location    ? 
_entity_src_gen.pdbx_host_org_vector_type          ? 
_entity_src_gen.pdbx_host_org_vector               ? 
_entity_src_gen.host_org_details                   ? 
_entity_src_gen.expression_system_id               ? 
_entity_src_gen.plasmid_name                       ? 
_entity_src_gen.plasmid_details                    ? 
_entity_src_gen.pdbx_description                   ? 
# 
loop_
_chem_comp.id 
_chem_comp.type 
_chem_comp.mon_nstd_flag 
_chem_comp.name 
_chem_comp.pdbx_synonyms 
_chem_comp.formula 
_chem_comp.formula_weight 
DA  'DNA linking' y "2'-DEOXYADENOSINE-5'-MONOPHOSPHATE" ? 'C10 H14 N5 O6 P' 331.222 
DC  'DNA linking' y "2'-DEOXYCYTIDINE-5'-MONOPHOSPHATE"  ? 'C9 H14 N3 O7 P'  307.197 
DG  'DNA linking' y "2'-DEOXYGUANOSINE-5'-MONOPHOSPHATE" ? 'C10 H14 N5 O7 P' 347.221 
DT  'DNA linking' y "THYMIDINE-5'-MONOPHOSPHATE"         ? 'C10 H15 N2 O8 P' 322.208 
HOH non-polymer   . WATER                                ? 'H2 O'            18.015  
# 
loop_
_pdbx_poly_seq_scheme.asym_id 
_pdbx_poly_seq_scheme.entity_id 
_pdbx_poly_seq_scheme.seq_id 
_pdbx_poly_seq_scheme.mon_id 
_pdbx_poly_seq_scheme.ndb_seq_num 
_pdbx_poly_seq_scheme.pdb_seq_num 
_pdbx_poly_seq_scheme.auth_seq_num 
_pdbx_poly_seq_scheme.pdb_mon_id 
_pdbx_poly_seq_scheme.auth_mon_id 
_pdbx_poly_seq_scheme.pdb_strand_id 
_pdbx_poly_seq_scheme.pdb_ins_code 
_pdbx_poly_seq_scheme.hetero 
A 1 1  DC 1  1  1  DC DC A . n 
A 1 2  DT 2  2  2  DT DT A . n 
A 1 3  DA 3  3  3  DA DA A . n 
A 1 4  DC 4  4  4  DC DC A . n 
A 1 5  DG 5  5  5  DG DG A . n 
A 1 6  DC 6  6  6  DC DC A . n 
A 1 7  DG 7  7  7  DG DG A . n 
A 1 8  DC 8  8  8  DC DC A . n 
A 1 9  DG 9  9  9  DG DG A . n 
A 1 10 DT 10 10 10 DT DT A . n 
A 1 11 DA 11 11 11 DA DA A . n 
A 1 12 DG 12 12 12 DG DG A . n 
B 1 1  DC 1  1  1  DC DC B . n 
B 1 2  DT 2  2  2  DT DT B . n 
B 1 3  DA 3  3  3  DA DA B . n 
B 1 4  DC 4  4  4  DC DC B . n 
B 1 5  DG 5  5  5  DG DG B . n 
B 1 6  DC 6  6  6  DC DC B . n 
B 1 7  DG 7  7  7  DG DG B . n 
B 1 8  DC 8  8  8  DC DC B . n 
B 1 9  DG 9  9  9  DG DG B . n 
B 1 10 DT 10 10 10 DT DT B . n 
B 1 11 DA 11 11 11 DA DA B . n 
B 1 12 DG 12 12 12 DG DG B . n 
# 
loop_
_pdbx_nonpoly_scheme.asym_id 
_pdbx_nonpoly_scheme.entity_id 
_pdbx_nonpoly_scheme.mon_id 
_pdbx_nonpoly_scheme.ndb_seq_num 
_pdbx_nonpoly_scheme.pdb_seq_num 
_pdbx_nonpoly_scheme.auth_seq_num 
_pdbx_nonpoly_scheme.pdb_mon_id 
_pdbx_nonpoly_scheme.auth_mon_id 
_pdbx_nonpoly_scheme.pdb_strand_id 
_pdbx_nonpoly_scheme.pdb_ins_code 
C 2 HOH 1  101 23 HOH HOH A . 
C 2 HOH 2  102 7  HOH HOH A . 
C 2 HOH 3  103 8  HOH HOH A . 
C 2 HOH 4  104 25 HOH HOH A . 
C 2 HOH 5  105 26 HOH HOH A . 
C 2 HOH 6  106 22 HOH HOH A . 
C 2 HOH 7  107 1  HOH HOH A . 
C 2 HOH 8  108 2  HOH HOH A . 
C 2 HOH 9  109 51 HOH HOH A . 
C 2 HOH 10 110 10 HOH HOH A . 
C 2 HOH 11 111 48 HOH HOH A . 
C 2 HOH 12 112 11 HOH HOH A . 
C 2 HOH 13 113 19 HOH HOH A . 
C 2 HOH 14 114 18 HOH HOH A . 
C 2 HOH 15 115 5  HOH HOH A . 
C 2 HOH 16 116 13 HOH HOH A . 
C 2 HOH 17 117 12 HOH HOH A . 
C 2 HOH 18 118 17 HOH HOH A . 
C 2 HOH 19 119 4  HOH HOH A . 
C 2 HOH 20 120 46 HOH HOH A . 
C 2 HOH 21 121 6  HOH HOH A . 
C 2 HOH 22 122 55 HOH HOH A . 
C 2 HOH 23 123 44 HOH HOH A . 
C 2 HOH 24 124 36 HOH HOH A . 
C 2 HOH 25 125 72 HOH HOH A . 
C 2 HOH 26 126 67 HOH HOH A . 
C 2 HOH 27 127 43 HOH HOH A . 
C 2 HOH 28 128 61 HOH HOH A . 
C 2 HOH 29 129 63 HOH HOH A . 
C 2 HOH 30 130 35 HOH HOH A . 
C 2 HOH 31 131 49 HOH HOH A . 
C 2 HOH 32 132 41 HOH HOH A . 
C 2 HOH 33 133 66 HOH HOH A . 
C 2 HOH 34 134 34 HOH HOH A . 
C 2 HOH 35 135 54 HOH HOH A . 
D 2 HOH 1  101 27 HOH HOH B . 
D 2 HOH 2  102 75 HOH HOH B . 
D 2 HOH 3  103 57 HOH HOH B . 
D 2 HOH 4  104 47 HOH HOH B . 
D 2 HOH 5  105 38 HOH HOH B . 
D 2 HOH 6  106 64 HOH HOH B . 
D 2 HOH 7  107 21 HOH HOH B . 
D 2 HOH 8  108 31 HOH HOH B . 
D 2 HOH 9  109 20 HOH HOH B . 
D 2 HOH 10 110 3  HOH HOH B . 
D 2 HOH 11 111 73 HOH HOH B . 
D 2 HOH 12 112 53 HOH HOH B . 
D 2 HOH 13 113 56 HOH HOH B . 
D 2 HOH 14 114 62 HOH HOH B . 
D 2 HOH 15 115 24 HOH HOH B . 
D 2 HOH 16 116 39 HOH HOH B . 
D 2 HOH 17 117 14 HOH HOH B . 
D 2 HOH 18 118 37 HOH HOH B . 
D 2 HOH 19 119 9  HOH HOH B . 
D 2 HOH 20 120 16 HOH HOH B . 
D 2 HOH 21 121 33 HOH HOH B . 
D 2 HOH 22 122 15 HOH HOH B . 
D 2 HOH 23 123 50 HOH HOH B . 
D 2 HOH 24 124 58 HOH HOH B . 
D 2 HOH 25 125 30 HOH HOH B . 
D 2 HOH 26 126 32 HOH HOH B . 
D 2 HOH 27 127 42 HOH HOH B . 
D 2 HOH 28 128 29 HOH HOH B . 
D 2 HOH 29 129 52 HOH HOH B . 
D 2 HOH 30 130 74 HOH HOH B . 
D 2 HOH 31 131 28 HOH HOH B . 
D 2 HOH 32 132 40 HOH HOH B . 
# 
loop_
_software.citation_id 
_software.classification 
_software.compiler_name 
_software.compiler_version 
_software.contact_author 
_software.contact_author_email 
_software.date 
_software.description 
_software.dependencies 
_software.hardware 
_software.language 
_software.location 
_software.mods 
_software.name 
_software.os 
_software.os_version 
_software.type 
_software.version 
_software.pdbx_ordinal 
? refinement       ? ? ? ? ? ? ? ? ? ? ? PHENIX  ? ? ? '(1.10.1_2155: ???)' 1 
? 'data reduction' ? ? ? ? ? ? ? ? ? ? ? XDS     ? ? ? .                    2 
? 'data scaling'   ? ? ? ? ? ? ? ? ? ? ? Aimless ? ? ? .                    3 
? phasing          ? ? ? ? ? ? ? ? ? ? ? PHASER  ? ? ? .                    4 
# 
_cell.angle_alpha                  90.00 
_cell.angle_alpha_esd              ? 
_cell.angle_beta                   90.00 
_cell.angle_beta_esd               ? 
_cell.angle_gamma                  120.00 
_cell.angle_gamma_esd              ? 
_cell.entry_id                     5MVK 
_cell.details                      ? 
_cell.formula_units_Z              ? 
_cell.length_a                     43.678 
_cell.length_a_esd                 ? 
_cell.length_b                     43.678 
_cell.length_b_esd                 ? 
_cell.length_c                     58.887 
_cell.length_c_esd                 ? 
_cell.volume                       ? 
_cell.volume_esd                   ? 
_cell.Z_PDB                        12 
_cell.reciprocal_angle_alpha       ? 
_cell.reciprocal_angle_beta        ? 
_cell.reciprocal_angle_gamma       ? 
_cell.reciprocal_angle_alpha_esd   ? 
_cell.reciprocal_angle_beta_esd    ? 
_cell.reciprocal_angle_gamma_esd   ? 
_cell.reciprocal_length_a          ? 
_cell.reciprocal_length_b          ? 
_cell.reciprocal_length_c          ? 
_cell.reciprocal_length_a_esd      ? 
_cell.reciprocal_length_b_esd      ? 
_cell.reciprocal_length_c_esd      ? 
_cell.pdbx_unique_axis             ? 
# 
_symmetry.entry_id                         5MVK 
_symmetry.cell_setting                     ? 
_symmetry.Int_Tables_number                154 
_symmetry.space_group_name_Hall            ? 
_symmetry.space_group_name_H-M             'P 32 2 1' 
_symmetry.pdbx_full_space_group_name_H-M   ? 
# 
_exptl.absorpt_coefficient_mu     ? 
_exptl.absorpt_correction_T_max   ? 
_exptl.absorpt_correction_T_min   ? 
_exptl.absorpt_correction_type    ? 
_exptl.absorpt_process_details    ? 
_exptl.entry_id                   5MVK 
_exptl.crystals_number            1 
_exptl.details                    ? 
_exptl.method                     'X-RAY DIFFRACTION' 
_exptl.method_details             ? 
# 
_exptl_crystal.colour                      ? 
_exptl_crystal.density_diffrn              ? 
_exptl_crystal.density_Matthews            2.21 
_exptl_crystal.density_method              ? 
_exptl_crystal.density_percent_sol         44.42 
_exptl_crystal.description                 ? 
_exptl_crystal.F_000                       ? 
_exptl_crystal.id                          1 
_exptl_crystal.preparation                 ? 
_exptl_crystal.size_max                    ? 
_exptl_crystal.size_mid                    ? 
_exptl_crystal.size_min                    ? 
_exptl_crystal.size_rad                    ? 
_exptl_crystal.colour_lustre               ? 
_exptl_crystal.colour_modifier             ? 
_exptl_crystal.colour_primary              ? 
_exptl_crystal.density_meas                ? 
_exptl_crystal.density_meas_esd            ? 
_exptl_crystal.density_meas_gt             ? 
_exptl_crystal.density_meas_lt             ? 
_exptl_crystal.density_meas_temp           ? 
_exptl_crystal.density_meas_temp_esd       ? 
_exptl_crystal.density_meas_temp_gt        ? 
_exptl_crystal.density_meas_temp_lt        ? 
_exptl_crystal.pdbx_crystal_image_url      ? 
_exptl_crystal.pdbx_crystal_image_format   ? 
_exptl_crystal.pdbx_mosaicity              ? 
_exptl_crystal.pdbx_mosaicity_esd          ? 
# 
_exptl_crystal_grow.apparatus       ? 
_exptl_crystal_grow.atmosphere      ? 
_exptl_crystal_grow.crystal_id      1 
_exptl_crystal_grow.details         ? 
_exptl_crystal_grow.method          'VAPOR DIFFUSION, SITTING DROP' 
_exptl_crystal_grow.method_ref      ? 
_exptl_crystal_grow.pH              7 
_exptl_crystal_grow.pressure        ? 
_exptl_crystal_grow.pressure_esd    ? 
_exptl_crystal_grow.seeding         ? 
_exptl_crystal_grow.seeding_ref     ? 
_exptl_crystal_grow.temp            293 
_exptl_crystal_grow.temp_details    ? 
_exptl_crystal_grow.temp_esd        ? 
_exptl_crystal_grow.time            ? 
_exptl_crystal_grow.pdbx_details    
;Sodium chloride (12 mM)
Potassium chloride (80 mM)
Sodium cacodylate (40 mM, pH 7.0)
Spermine tetrahydrochloride (12 mM)
MPD (40% v/v)
;
_exptl_crystal_grow.pdbx_pH_range   ? 
# 
_diffrn.ambient_environment    ? 
_diffrn.ambient_temp           100 
_diffrn.ambient_temp_details   ? 
_diffrn.ambient_temp_esd       ? 
_diffrn.crystal_id             1 
_diffrn.crystal_support        ? 
_diffrn.crystal_treatment      ? 
_diffrn.details                ? 
_diffrn.id                     1 
_diffrn.ambient_pressure       ? 
_diffrn.ambient_pressure_esd   ? 
_diffrn.ambient_pressure_gt    ? 
_diffrn.ambient_pressure_lt    ? 
_diffrn.ambient_temp_gt        ? 
_diffrn.ambient_temp_lt        ? 
# 
_diffrn_detector.details                      ? 
_diffrn_detector.detector                     PIXEL 
_diffrn_detector.diffrn_id                    1 
_diffrn_detector.type                         'DECTRIS PILATUS 6M-F' 
_diffrn_detector.area_resol_mean              ? 
_diffrn_detector.dtime                        ? 
_diffrn_detector.pdbx_frames_total            ? 
_diffrn_detector.pdbx_collection_time_total   ? 
_diffrn_detector.pdbx_collection_date         2016-02-10 
# 
_diffrn_radiation.collimation                      ? 
_diffrn_radiation.diffrn_id                        1 
_diffrn_radiation.filter_edge                      ? 
_diffrn_radiation.inhomogeneity                    ? 
_diffrn_radiation.monochromator                    ? 
_diffrn_radiation.polarisn_norm                    ? 
_diffrn_radiation.polarisn_ratio                   ? 
_diffrn_radiation.probe                            ? 
_diffrn_radiation.type                             ? 
_diffrn_radiation.xray_symbol                      ? 
_diffrn_radiation.wavelength_id                    1 
_diffrn_radiation.pdbx_monochromatic_or_laue_m_l   M 
_diffrn_radiation.pdbx_wavelength_list             ? 
_diffrn_radiation.pdbx_wavelength                  ? 
_diffrn_radiation.pdbx_diffrn_protocol             'SINGLE WAVELENGTH' 
_diffrn_radiation.pdbx_analyzer                    ? 
_diffrn_radiation.pdbx_scattering_type             x-ray 
# 
_diffrn_radiation_wavelength.id           1 
_diffrn_radiation_wavelength.wavelength   0.970 
_diffrn_radiation_wavelength.wt           1.0 
# 
_diffrn_source.current                     ? 
_diffrn_source.details                     ? 
_diffrn_source.diffrn_id                   1 
_diffrn_source.power                       ? 
_diffrn_source.size                        ? 
_diffrn_source.source                      SYNCHROTRON 
_diffrn_source.target                      ? 
_diffrn_source.type                        'DIAMOND BEAMLINE I02' 
_diffrn_source.voltage                     ? 
_diffrn_source.take-off_angle              ? 
_diffrn_source.pdbx_wavelength_list        0.970 
_diffrn_source.pdbx_wavelength             ? 
_diffrn_source.pdbx_synchrotron_beamline   I02 
_diffrn_source.pdbx_synchrotron_site       Diamond 
# 
_reflns.B_iso_Wilson_estimate            ? 
_reflns.entry_id                         5MVK 
_reflns.data_reduction_details           ? 
_reflns.data_reduction_method            ? 
_reflns.d_resolution_high                1.53 
_reflns.d_resolution_low                 37.83 
_reflns.details                          ? 
_reflns.limit_h_max                      ? 
_reflns.limit_h_min                      ? 
_reflns.limit_k_max                      ? 
_reflns.limit_k_min                      ? 
_reflns.limit_l_max                      ? 
_reflns.limit_l_min                      ? 
_reflns.number_all                       ? 
_reflns.number_obs                       10206 
_reflns.observed_criterion               ? 
_reflns.observed_criterion_F_max         ? 
_reflns.observed_criterion_F_min         ? 
_reflns.observed_criterion_I_max         ? 
_reflns.observed_criterion_I_min         ? 
_reflns.observed_criterion_sigma_F       ? 
_reflns.observed_criterion_sigma_I       ? 
_reflns.percent_possible_obs             99.87 
_reflns.R_free_details                   ? 
_reflns.Rmerge_F_all                     ? 
_reflns.Rmerge_F_obs                     ? 
_reflns.Friedel_coverage                 ? 
_reflns.number_gt                        ? 
_reflns.threshold_expression             ? 
_reflns.pdbx_redundancy                  9.2 
_reflns.pdbx_Rmerge_I_obs                ? 
_reflns.pdbx_Rmerge_I_all                ? 
_reflns.pdbx_Rsym_value                  ? 
_reflns.pdbx_netI_over_av_sigmaI         ? 
_reflns.pdbx_netI_over_sigmaI            19.7 
_reflns.pdbx_res_netI_over_av_sigmaI_2   ? 
_reflns.pdbx_res_netI_over_sigmaI_2      ? 
_reflns.pdbx_chi_squared                 ? 
_reflns.pdbx_scaling_rejects             ? 
_reflns.pdbx_d_res_high_opt              ? 
_reflns.pdbx_d_res_low_opt               ? 
_reflns.pdbx_d_res_opt_method            ? 
_reflns.phase_calculation_details        ? 
_reflns.pdbx_Rrim_I_all                  ? 
_reflns.pdbx_Rpim_I_all                  ? 
_reflns.pdbx_d_opt                       ? 
_reflns.pdbx_number_measured_all         ? 
_reflns.pdbx_diffrn_id                   1 
_reflns.pdbx_ordinal                     1 
_reflns.pdbx_CC_half                     ? 
_reflns.pdbx_R_split                     ? 
# 
_refine.aniso_B[1][1]                            ? 
_refine.aniso_B[1][2]                            ? 
_refine.aniso_B[1][3]                            ? 
_refine.aniso_B[2][2]                            ? 
_refine.aniso_B[2][3]                            ? 
_refine.aniso_B[3][3]                            ? 
_refine.B_iso_max                                ? 
_refine.B_iso_mean                               ? 
_refine.B_iso_min                                ? 
_refine.correlation_coeff_Fo_to_Fc               ? 
_refine.correlation_coeff_Fo_to_Fc_free          ? 
_refine.details                                  ? 
_refine.diff_density_max                         ? 
_refine.diff_density_max_esd                     ? 
_refine.diff_density_min                         ? 
_refine.diff_density_min_esd                     ? 
_refine.diff_density_rms                         ? 
_refine.diff_density_rms_esd                     ? 
_refine.entry_id                                 5MVK 
_refine.pdbx_refine_id                           'X-RAY DIFFRACTION' 
_refine.ls_abs_structure_details                 ? 
_refine.ls_abs_structure_Flack                   ? 
_refine.ls_abs_structure_Flack_esd               ? 
_refine.ls_abs_structure_Rogers                  ? 
_refine.ls_abs_structure_Rogers_esd              ? 
_refine.ls_d_res_high                            1.531 
_refine.ls_d_res_low                             37.826 
_refine.ls_extinction_coef                       ? 
_refine.ls_extinction_coef_esd                   ? 
_refine.ls_extinction_expression                 ? 
_refine.ls_extinction_method                     ? 
_refine.ls_goodness_of_fit_all                   ? 
_refine.ls_goodness_of_fit_all_esd               ? 
_refine.ls_goodness_of_fit_obs                   ? 
_refine.ls_goodness_of_fit_obs_esd               ? 
_refine.ls_hydrogen_treatment                    ? 
_refine.ls_matrix_type                           ? 
_refine.ls_number_constraints                    ? 
_refine.ls_number_parameters                     ? 
_refine.ls_number_reflns_all                     ? 
_refine.ls_number_reflns_obs                     10206 
_refine.ls_number_reflns_R_free                  491 
_refine.ls_number_reflns_R_work                  ? 
_refine.ls_number_restraints                     ? 
_refine.ls_percent_reflns_obs                    99.87 
_refine.ls_percent_reflns_R_free                 4.81 
_refine.ls_R_factor_all                          ? 
_refine.ls_R_factor_obs                          0.1809 
_refine.ls_R_factor_R_free                       0.1877 
_refine.ls_R_factor_R_free_error                 ? 
_refine.ls_R_factor_R_free_error_details         ? 
_refine.ls_R_factor_R_work                       0.1805 
_refine.ls_R_Fsqd_factor_obs                     ? 
_refine.ls_R_I_factor_obs                        ? 
_refine.ls_redundancy_reflns_all                 ? 
_refine.ls_redundancy_reflns_obs                 ? 
_refine.ls_restrained_S_all                      ? 
_refine.ls_restrained_S_obs                      ? 
_refine.ls_shift_over_esd_max                    ? 
_refine.ls_shift_over_esd_mean                   ? 
_refine.ls_structure_factor_coef                 ? 
_refine.ls_weighting_details                     ? 
_refine.ls_weighting_scheme                      ? 
_refine.ls_wR_factor_all                         ? 
_refine.ls_wR_factor_obs                         ? 
_refine.ls_wR_factor_R_free                      ? 
_refine.ls_wR_factor_R_work                      ? 
_refine.occupancy_max                            ? 
_refine.occupancy_min                            ? 
_refine.solvent_model_details                    ? 
_refine.solvent_model_param_bsol                 ? 
_refine.solvent_model_param_ksol                 ? 
_refine.ls_R_factor_gt                           ? 
_refine.ls_goodness_of_fit_gt                    ? 
_refine.ls_goodness_of_fit_ref                   ? 
_refine.ls_shift_over_su_max                     ? 
_refine.ls_shift_over_su_max_lt                  ? 
_refine.ls_shift_over_su_mean                    ? 
_refine.ls_shift_over_su_mean_lt                 ? 
_refine.pdbx_ls_sigma_I                          ? 
_refine.pdbx_ls_sigma_F                          1.34 
_refine.pdbx_ls_sigma_Fsqd                       ? 
_refine.pdbx_data_cutoff_high_absF               ? 
_refine.pdbx_data_cutoff_high_rms_absF           ? 
_refine.pdbx_data_cutoff_low_absF                ? 
_refine.pdbx_isotropic_thermal_model             ? 
_refine.pdbx_ls_cross_valid_method               'FREE R-VALUE' 
_refine.pdbx_method_to_determine_struct          'MOLECULAR REPLACEMENT' 
_refine.pdbx_starting_model                      ? 
_refine.pdbx_stereochemistry_target_values       ? 
_refine.pdbx_R_Free_selection_details            'Random selection' 
_refine.pdbx_stereochem_target_val_spec_case     ? 
_refine.pdbx_overall_ESU_R                       ? 
_refine.pdbx_overall_ESU_R_Free                  ? 
_refine.pdbx_solvent_vdw_probe_radii             1.11 
_refine.pdbx_solvent_ion_probe_radii             ? 
_refine.pdbx_solvent_shrinkage_radii             0.90 
_refine.pdbx_real_space_R                        ? 
_refine.pdbx_density_correlation                 ? 
_refine.pdbx_pd_number_of_powder_patterns        ? 
_refine.pdbx_pd_number_of_points                 ? 
_refine.pdbx_pd_meas_number_of_points            ? 
_refine.pdbx_pd_proc_ls_prof_R_factor            ? 
_refine.pdbx_pd_proc_ls_prof_wR_factor           ? 
_refine.pdbx_pd_Marquardt_correlation_coeff      ? 
_refine.pdbx_pd_Fsqrd_R_factor                   ? 
_refine.pdbx_pd_ls_matrix_band_width             ? 
_refine.pdbx_overall_phase_error                 29.75 
_refine.pdbx_overall_SU_R_free_Cruickshank_DPI   ? 
_refine.pdbx_overall_SU_R_free_Blow_DPI          ? 
_refine.pdbx_overall_SU_R_Blow_DPI               ? 
_refine.pdbx_TLS_residual_ADP_flag               ? 
_refine.pdbx_diffrn_id                           1 
_refine.overall_SU_B                             ? 
_refine.overall_SU_ML                            0.10 
_refine.overall_SU_R_Cruickshank_DPI             ? 
_refine.overall_SU_R_free                        ? 
_refine.overall_FOM_free_R_set                   ? 
_refine.overall_FOM_work_R_set                   ? 
_refine.pdbx_average_fsc_overall                 ? 
_refine.pdbx_average_fsc_work                    ? 
_refine.pdbx_average_fsc_free                    ? 
# 
_refine_hist.pdbx_refine_id                   'X-RAY DIFFRACTION' 
_refine_hist.cycle_id                         LAST 
_refine_hist.pdbx_number_atoms_protein        0 
_refine_hist.pdbx_number_atoms_nucleic_acid   486 
_refine_hist.pdbx_number_atoms_ligand         0 
_refine_hist.number_atoms_solvent             67 
_refine_hist.number_atoms_total               553 
_refine_hist.d_res_high                       1.531 
_refine_hist.d_res_low                        37.826 
# 
loop_
_refine_ls_restr.pdbx_refine_id 
_refine_ls_restr.criterion 
_refine_ls_restr.dev_ideal 
_refine_ls_restr.dev_ideal_target 
_refine_ls_restr.number 
_refine_ls_restr.rejects 
_refine_ls_restr.type 
_refine_ls_restr.weight 
_refine_ls_restr.pdbx_restraint_function 
'X-RAY DIFFRACTION' ? 0.014  ? 544 ? f_bond_d           ? ? 
'X-RAY DIFFRACTION' ? 1.379  ? 836 ? f_angle_d          ? ? 
'X-RAY DIFFRACTION' ? 16.068 ? 232 ? f_dihedral_angle_d ? ? 
'X-RAY DIFFRACTION' ? 0.073  ? 94  ? f_chiral_restr     ? ? 
'X-RAY DIFFRACTION' ? 0.013  ? 24  ? f_plane_restr      ? ? 
# 
loop_
_refine_ls_shell.pdbx_refine_id 
_refine_ls_shell.d_res_high 
_refine_ls_shell.d_res_low 
_refine_ls_shell.number_reflns_all 
_refine_ls_shell.number_reflns_obs 
_refine_ls_shell.number_reflns_R_free 
_refine_ls_shell.number_reflns_R_work 
_refine_ls_shell.percent_reflns_obs 
_refine_ls_shell.percent_reflns_R_free 
_refine_ls_shell.R_factor_all 
_refine_ls_shell.R_factor_obs 
_refine_ls_shell.R_factor_R_free 
_refine_ls_shell.R_factor_R_free_error 
_refine_ls_shell.R_factor_R_work 
_refine_ls_shell.redundancy_reflns_all 
_refine_ls_shell.redundancy_reflns_obs 
_refine_ls_shell.wR_factor_all 
_refine_ls_shell.wR_factor_obs 
_refine_ls_shell.wR_factor_R_free 
_refine_ls_shell.wR_factor_R_work 
_refine_ls_shell.pdbx_total_number_of_bins_used 
_refine_ls_shell.pdbx_phase_error 
_refine_ls_shell.pdbx_fsc_work 
_refine_ls_shell.pdbx_fsc_free 
'X-RAY DIFFRACTION' 1.5306 1.6847  . . 132 2378 100.00 . . . 0.2711 . 0.2379 . . . . . . . . . . 
'X-RAY DIFFRACTION' 1.6847 1.9284  . . 96  2395 100.00 . . . 0.3021 . 0.2034 . . . . . . . . . . 
'X-RAY DIFFRACTION' 1.9284 2.4295  . . 130 2424 100.00 . . . 0.2708 . 0.2357 . . . . . . . . . . 
'X-RAY DIFFRACTION' 2.4295 37.8378 . . 133 2518 100.00 . . . 0.1527 . 0.1589 . . . . . . . . . . 
# 
_struct.entry_id                     5MVK 
_struct.title                        'Crystal structure of an unmodified A-DNA dodecamer containing 3 consecutive CpG steps' 
_struct.pdbx_model_details           ? 
_struct.pdbx_formula_weight          ? 
_struct.pdbx_formula_weight_method   ? 
_struct.pdbx_model_type_details      ? 
_struct.pdbx_CASP_flag               N 
# 
_struct_keywords.entry_id        5MVK 
_struct_keywords.text            'A-DNA, Unmodified, CpG, DNA' 
_struct_keywords.pdbx_keywords   DNA 
# 
loop_
_struct_asym.id 
_struct_asym.pdbx_blank_PDB_chainid_flag 
_struct_asym.pdbx_modified 
_struct_asym.entity_id 
_struct_asym.details 
A N N 1 ? 
B N N 1 ? 
C N N 2 ? 
D N N 2 ? 
# 
_struct_ref.id                         1 
_struct_ref.db_name                    PDB 
_struct_ref.db_code                    5MVK 
_struct_ref.pdbx_db_accession          5MVK 
_struct_ref.pdbx_db_isoform            ? 
_struct_ref.entity_id                  1 
_struct_ref.pdbx_seq_one_letter_code   ? 
_struct_ref.pdbx_align_begin           1 
# 
loop_
_struct_ref_seq.align_id 
_struct_ref_seq.ref_id 
_struct_ref_seq.pdbx_PDB_id_code 
_struct_ref_seq.pdbx_strand_id 
_struct_ref_seq.seq_align_beg 
_struct_ref_seq.pdbx_seq_align_beg_ins_code 
_struct_ref_seq.seq_align_end 
_struct_ref_seq.pdbx_seq_align_end_ins_code 
_struct_ref_seq.pdbx_db_accession 
_struct_ref_seq.db_align_beg 
_struct_ref_seq.pdbx_db_align_beg_ins_code 
_struct_ref_seq.db_align_end 
_struct_ref_seq.pdbx_db_align_end_ins_code 
_struct_ref_seq.pdbx_auth_seq_align_beg 
_struct_ref_seq.pdbx_auth_seq_align_end 
1 1 5MVK A 1 ? 12 ? 5MVK 1 ? 12 ? 1 12 
2 1 5MVK B 1 ? 12 ? 5MVK 1 ? 12 ? 1 12 
# 
_pdbx_struct_assembly.id                   1 
_pdbx_struct_assembly.details              author_and_software_defined_assembly 
_pdbx_struct_assembly.method_details       PISA 
_pdbx_struct_assembly.oligomeric_details   dimeric 
_pdbx_struct_assembly.oligomeric_count     2 
# 
loop_
_pdbx_struct_assembly_prop.biol_id 
_pdbx_struct_assembly_prop.type 
_pdbx_struct_assembly_prop.value 
_pdbx_struct_assembly_prop.details 
1 'ABSA (A^2)' 1210 ? 
1 MORE         -2   ? 
1 'SSA (A^2)'  4460 ? 
# 
_pdbx_struct_assembly_gen.assembly_id       1 
_pdbx_struct_assembly_gen.oper_expression   1 
_pdbx_struct_assembly_gen.asym_id_list      A,B,C,D 
# 
_pdbx_struct_oper_list.id                   1 
_pdbx_struct_oper_list.type                 'identity operation' 
_pdbx_struct_oper_list.name                 1_555 
_pdbx_struct_oper_list.symmetry_operation   x,y,z 
_pdbx_struct_oper_list.matrix[1][1]         1.0000000000 
_pdbx_struct_oper_list.matrix[1][2]         0.0000000000 
_pdbx_struct_oper_list.matrix[1][3]         0.0000000000 
_pdbx_struct_oper_list.vector[1]            0.0000000000 
_pdbx_struct_oper_list.matrix[2][1]         0.0000000000 
_pdbx_struct_oper_list.matrix[2][2]         1.0000000000 
_pdbx_struct_oper_list.matrix[2][3]         0.0000000000 
_pdbx_struct_oper_list.vector[2]            0.0000000000 
_pdbx_struct_oper_list.matrix[3][1]         0.0000000000 
_pdbx_struct_oper_list.matrix[3][2]         0.0000000000 
_pdbx_struct_oper_list.matrix[3][3]         1.0000000000 
_pdbx_struct_oper_list.vector[3]            0.0000000000 
# 
loop_
_struct_conn.id 
_struct_conn.conn_type_id 
_struct_conn.pdbx_leaving_atom_flag 
_struct_conn.pdbx_PDB_id 
_struct_conn.ptnr1_label_asym_id 
_struct_conn.ptnr1_label_comp_id 
_struct_conn.ptnr1_label_seq_id 
_struct_conn.ptnr1_label_atom_id 
_struct_conn.pdbx_ptnr1_label_alt_id 
_struct_conn.pdbx_ptnr1_PDB_ins_code 
_struct_conn.pdbx_ptnr1_standard_comp_id 
_struct_conn.ptnr1_symmetry 
_struct_conn.ptnr2_label_asym_id 
_struct_conn.ptnr2_label_comp_id 
_struct_conn.ptnr2_label_seq_id 
_struct_conn.ptnr2_label_atom_id 
_struct_conn.pdbx_ptnr2_label_alt_id 
_struct_conn.pdbx_ptnr2_PDB_ins_code 
_struct_conn.ptnr1_auth_asym_id 
_struct_conn.ptnr1_auth_comp_id 
_struct_conn.ptnr1_auth_seq_id 
_struct_conn.ptnr2_auth_asym_id 
_struct_conn.ptnr2_auth_comp_id 
_struct_conn.ptnr2_auth_seq_id 
_struct_conn.ptnr2_symmetry 
_struct_conn.pdbx_ptnr3_label_atom_id 
_struct_conn.pdbx_ptnr3_label_seq_id 
_struct_conn.pdbx_ptnr3_label_comp_id 
_struct_conn.pdbx_ptnr3_label_asym_id 
_struct_conn.pdbx_ptnr3_label_alt_id 
_struct_conn.pdbx_ptnr3_PDB_ins_code 
_struct_conn.details 
_struct_conn.pdbx_dist_value 
_struct_conn.pdbx_value_order 
_struct_conn.pdbx_role 
hydrog1  hydrog ? ? A DC 1  N3 ? ? ? 1_555 B DG 12 N1 ? ? A DC 1  B DG 12 1_555 ? ? ? ? ? ? WATSON-CRICK ? ? ? 
hydrog2  hydrog ? ? A DC 1  N4 ? ? ? 1_555 B DG 12 O6 ? ? A DC 1  B DG 12 1_555 ? ? ? ? ? ? WATSON-CRICK ? ? ? 
hydrog3  hydrog ? ? A DC 1  O2 ? ? ? 1_555 B DG 12 N2 ? ? A DC 1  B DG 12 1_555 ? ? ? ? ? ? WATSON-CRICK ? ? ? 
hydrog4  hydrog ? ? A DT 2  N3 ? ? ? 1_555 B DA 11 N1 ? ? A DT 2  B DA 11 1_555 ? ? ? ? ? ? WATSON-CRICK ? ? ? 
hydrog5  hydrog ? ? A DT 2  O4 ? ? ? 1_555 B DA 11 N6 ? ? A DT 2  B DA 11 1_555 ? ? ? ? ? ? WATSON-CRICK ? ? ? 
hydrog6  hydrog ? ? A DA 3  N1 ? ? ? 1_555 B DT 10 N3 ? ? A DA 3  B DT 10 1_555 ? ? ? ? ? ? WATSON-CRICK ? ? ? 
hydrog7  hydrog ? ? A DA 3  N6 ? ? ? 1_555 B DT 10 O4 ? ? A DA 3  B DT 10 1_555 ? ? ? ? ? ? WATSON-CRICK ? ? ? 
hydrog8  hydrog ? ? A DC 4  N3 ? ? ? 1_555 B DG 9  N1 ? ? A DC 4  B DG 9  1_555 ? ? ? ? ? ? WATSON-CRICK ? ? ? 
hydrog9  hydrog ? ? A DC 4  N4 ? ? ? 1_555 B DG 9  O6 ? ? A DC 4  B DG 9  1_555 ? ? ? ? ? ? WATSON-CRICK ? ? ? 
hydrog10 hydrog ? ? A DC 4  O2 ? ? ? 1_555 B DG 9  N2 ? ? A DC 4  B DG 9  1_555 ? ? ? ? ? ? WATSON-CRICK ? ? ? 
hydrog11 hydrog ? ? A DG 5  N1 ? ? ? 1_555 B DC 8  N3 ? ? A DG 5  B DC 8  1_555 ? ? ? ? ? ? WATSON-CRICK ? ? ? 
hydrog12 hydrog ? ? A DG 5  N2 ? ? ? 1_555 B DC 8  O2 ? ? A DG 5  B DC 8  1_555 ? ? ? ? ? ? WATSON-CRICK ? ? ? 
hydrog13 hydrog ? ? A DG 5  O6 ? ? ? 1_555 B DC 8  N4 ? ? A DG 5  B DC 8  1_555 ? ? ? ? ? ? WATSON-CRICK ? ? ? 
hydrog14 hydrog ? ? A DC 6  N3 ? ? ? 1_555 B DG 7  N1 ? ? A DC 6  B DG 7  1_555 ? ? ? ? ? ? WATSON-CRICK ? ? ? 
hydrog15 hydrog ? ? A DC 6  N4 ? ? ? 1_555 B DG 7  O6 ? ? A DC 6  B DG 7  1_555 ? ? ? ? ? ? WATSON-CRICK ? ? ? 
hydrog16 hydrog ? ? A DC 6  O2 ? ? ? 1_555 B DG 7  N2 ? ? A DC 6  B DG 7  1_555 ? ? ? ? ? ? WATSON-CRICK ? ? ? 
hydrog17 hydrog ? ? A DG 7  N1 ? ? ? 1_555 B DC 6  N3 ? ? A DG 7  B DC 6  1_555 ? ? ? ? ? ? WATSON-CRICK ? ? ? 
hydrog18 hydrog ? ? A DG 7  N2 ? ? ? 1_555 B DC 6  O2 ? ? A DG 7  B DC 6  1_555 ? ? ? ? ? ? WATSON-CRICK ? ? ? 
hydrog19 hydrog ? ? A DG 7  O6 ? ? ? 1_555 B DC 6  N4 ? ? A DG 7  B DC 6  1_555 ? ? ? ? ? ? WATSON-CRICK ? ? ? 
hydrog20 hydrog ? ? A DC 8  N3 ? ? ? 1_555 B DG 5  N1 ? ? A DC 8  B DG 5  1_555 ? ? ? ? ? ? WATSON-CRICK ? ? ? 
hydrog21 hydrog ? ? A DC 8  N4 ? ? ? 1_555 B DG 5  O6 ? ? A DC 8  B DG 5  1_555 ? ? ? ? ? ? WATSON-CRICK ? ? ? 
hydrog22 hydrog ? ? A DC 8  O2 ? ? ? 1_555 B DG 5  N2 ? ? A DC 8  B DG 5  1_555 ? ? ? ? ? ? WATSON-CRICK ? ? ? 
hydrog23 hydrog ? ? A DG 9  N1 ? ? ? 1_555 B DC 4  N3 ? ? A DG 9  B DC 4  1_555 ? ? ? ? ? ? WATSON-CRICK ? ? ? 
hydrog24 hydrog ? ? A DG 9  N2 ? ? ? 1_555 B DC 4  O2 ? ? A DG 9  B DC 4  1_555 ? ? ? ? ? ? WATSON-CRICK ? ? ? 
hydrog25 hydrog ? ? A DG 9  O6 ? ? ? 1_555 B DC 4  N4 ? ? A DG 9  B DC 4  1_555 ? ? ? ? ? ? WATSON-CRICK ? ? ? 
hydrog26 hydrog ? ? A DT 10 N3 ? ? ? 1_555 B DA 3  N1 ? ? A DT 10 B DA 3  1_555 ? ? ? ? ? ? WATSON-CRICK ? ? ? 
hydrog27 hydrog ? ? A DT 10 O4 ? ? ? 1_555 B DA 3  N6 ? ? A DT 10 B DA 3  1_555 ? ? ? ? ? ? WATSON-CRICK ? ? ? 
hydrog28 hydrog ? ? A DA 11 N1 ? ? ? 1_555 B DT 2  N3 ? ? A DA 11 B DT 2  1_555 ? ? ? ? ? ? WATSON-CRICK ? ? ? 
hydrog29 hydrog ? ? A DA 11 N6 ? ? ? 1_555 B DT 2  O4 ? ? A DA 11 B DT 2  1_555 ? ? ? ? ? ? WATSON-CRICK ? ? ? 
hydrog30 hydrog ? ? A DG 12 N1 ? ? ? 1_555 B DC 1  N3 ? ? A DG 12 B DC 1  1_555 ? ? ? ? ? ? WATSON-CRICK ? ? ? 
hydrog31 hydrog ? ? A DG 12 N2 ? ? ? 1_555 B DC 1  O2 ? ? A DG 12 B DC 1  1_555 ? ? ? ? ? ? WATSON-CRICK ? ? ? 
hydrog32 hydrog ? ? A DG 12 O6 ? ? ? 1_555 B DC 1  N4 ? ? A DG 12 B DC 1  1_555 ? ? ? ? ? ? WATSON-CRICK ? ? ? 
# 
_struct_conn_type.id          hydrog 
_struct_conn_type.criteria    ? 
_struct_conn_type.reference   ? 
# 
loop_
_pdbx_validate_rmsd_bond.id 
_pdbx_validate_rmsd_bond.PDB_model_num 
_pdbx_validate_rmsd_bond.auth_atom_id_1 
_pdbx_validate_rmsd_bond.auth_asym_id_1 
_pdbx_validate_rmsd_bond.auth_comp_id_1 
_pdbx_validate_rmsd_bond.auth_seq_id_1 
_pdbx_validate_rmsd_bond.PDB_ins_code_1 
_pdbx_validate_rmsd_bond.label_alt_id_1 
_pdbx_validate_rmsd_bond.auth_atom_id_2 
_pdbx_validate_rmsd_bond.auth_asym_id_2 
_pdbx_validate_rmsd_bond.auth_comp_id_2 
_pdbx_validate_rmsd_bond.auth_seq_id_2 
_pdbx_validate_rmsd_bond.PDB_ins_code_2 
_pdbx_validate_rmsd_bond.label_alt_id_2 
_pdbx_validate_rmsd_bond.bond_value 
_pdbx_validate_rmsd_bond.bond_target_value 
_pdbx_validate_rmsd_bond.bond_deviation 
_pdbx_validate_rmsd_bond.bond_standard_deviation 
_pdbx_validate_rmsd_bond.linker_flag 
1 1 "O3'" A DC 1  ? ? "C3'" A DC 1  ? ? 1.381 1.419 -0.038 0.006 N 
2 1 "O3'" B DG 12 ? ? "C3'" B DG 12 ? ? 1.360 1.419 -0.059 0.006 N 
# 
loop_
_pdbx_validate_rmsd_angle.id 
_pdbx_validate_rmsd_angle.PDB_model_num 
_pdbx_validate_rmsd_angle.auth_atom_id_1 
_pdbx_validate_rmsd_angle.auth_asym_id_1 
_pdbx_validate_rmsd_angle.auth_comp_id_1 
_pdbx_validate_rmsd_angle.auth_seq_id_1 
_pdbx_validate_rmsd_angle.PDB_ins_code_1 
_pdbx_validate_rmsd_angle.label_alt_id_1 
_pdbx_validate_rmsd_angle.auth_atom_id_2 
_pdbx_validate_rmsd_angle.auth_asym_id_2 
_pdbx_validate_rmsd_angle.auth_comp_id_2 
_pdbx_validate_rmsd_angle.auth_seq_id_2 
_pdbx_validate_rmsd_angle.PDB_ins_code_2 
_pdbx_validate_rmsd_angle.label_alt_id_2 
_pdbx_validate_rmsd_angle.auth_atom_id_3 
_pdbx_validate_rmsd_angle.auth_asym_id_3 
_pdbx_validate_rmsd_angle.auth_comp_id_3 
_pdbx_validate_rmsd_angle.auth_seq_id_3 
_pdbx_validate_rmsd_angle.PDB_ins_code_3 
_pdbx_validate_rmsd_angle.label_alt_id_3 
_pdbx_validate_rmsd_angle.angle_value 
_pdbx_validate_rmsd_angle.angle_target_value 
_pdbx_validate_rmsd_angle.angle_deviation 
_pdbx_validate_rmsd_angle.angle_standard_deviation 
_pdbx_validate_rmsd_angle.linker_flag 
1 1 "O4'" A DG 5 ? ? "C1'" A DG 5 ? ? N9 A DG 5 ? ? 110.29 108.30 1.99 0.30 N 
2 1 "O4'" A DG 7 ? ? "C1'" A DG 7 ? ? N9 A DG 7 ? ? 110.35 108.30 2.05 0.30 N 
3 1 "O4'" A DC 8 ? ? "C1'" A DC 8 ? ? N1 A DC 8 ? ? 110.71 108.30 2.41 0.30 N 
4 1 "O4'" B DC 4 ? ? "C1'" B DC 4 ? ? N1 B DC 4 ? ? 112.99 108.30 4.69 0.30 N 
5 1 "O4'" B DC 8 ? ? "C1'" B DC 8 ? ? N1 B DC 8 ? ? 111.20 108.30 2.90 0.30 N 
# 
loop_
_pdbx_refine_tls.pdbx_refine_id 
_pdbx_refine_tls.id 
_pdbx_refine_tls.details 
_pdbx_refine_tls.method 
_pdbx_refine_tls.origin_x 
_pdbx_refine_tls.origin_y 
_pdbx_refine_tls.origin_z 
_pdbx_refine_tls.T[1][1] 
_pdbx_refine_tls.T[2][2] 
_pdbx_refine_tls.T[3][3] 
_pdbx_refine_tls.T[1][2] 
_pdbx_refine_tls.T[1][3] 
_pdbx_refine_tls.T[2][3] 
_pdbx_refine_tls.L[1][1] 
_pdbx_refine_tls.L[2][2] 
_pdbx_refine_tls.L[3][3] 
_pdbx_refine_tls.L[1][2] 
_pdbx_refine_tls.L[1][3] 
_pdbx_refine_tls.L[2][3] 
_pdbx_refine_tls.S[1][1] 
_pdbx_refine_tls.S[1][2] 
_pdbx_refine_tls.S[1][3] 
_pdbx_refine_tls.S[2][1] 
_pdbx_refine_tls.S[2][2] 
_pdbx_refine_tls.S[2][3] 
_pdbx_refine_tls.S[3][1] 
_pdbx_refine_tls.S[3][2] 
_pdbx_refine_tls.S[3][3] 
'X-RAY DIFFRACTION' 1 ? refined 0.1382  1.5013  2.6437  0.2473 0.2505 0.2513 -0.0510 0.0192 -0.0123 2.3738 1.1168 3.5105 -0.3712 2.8943 -0.2952 0.0296  0.0587 0.0922  0.0680  0.0598 0.0938  -0.1037 0.1621 -0.0909 
'X-RAY DIFFRACTION' 2 ? refined -0.1641 -1.2931 -2.5898 0.1858 0.2032 0.2273 -0.0139 0.0448 -0.0219 4.8139 2.6389 3.1482 1.8757  3.3624 0.3470  -0.1069 0.4106 -0.1425 -0.0164 0.0961 -0.1806 -0.0226 0.2444 0.0376 
# 
loop_
_pdbx_refine_tls_group.pdbx_refine_id 
_pdbx_refine_tls_group.id 
_pdbx_refine_tls_group.refine_tls_id 
_pdbx_refine_tls_group.beg_auth_asym_id 
_pdbx_refine_tls_group.beg_auth_seq_id 
_pdbx_refine_tls_group.beg_label_asym_id 
_pdbx_refine_tls_group.beg_label_seq_id 
_pdbx_refine_tls_group.end_auth_asym_id 
_pdbx_refine_tls_group.end_auth_seq_id 
_pdbx_refine_tls_group.end_label_asym_id 
_pdbx_refine_tls_group.end_label_seq_id 
_pdbx_refine_tls_group.selection 
_pdbx_refine_tls_group.selection_details 
'X-RAY DIFFRACTION' 1 1 ? ? ? ? ? ? ? ? ? 
;chain 'A' and (resid 1 through 12 )
;
'X-RAY DIFFRACTION' 2 2 ? ? ? ? ? ? ? ? ? 
;chain 'B' and (resid 1 through 12 )
;
# 
loop_
_chem_comp_atom.comp_id 
_chem_comp_atom.atom_id 
_chem_comp_atom.type_symbol 
_chem_comp_atom.pdbx_aromatic_flag 
_chem_comp_atom.pdbx_stereo_config 
_chem_comp_atom.pdbx_ordinal 
DA  OP3    O N N 1   
DA  P      P N N 2   
DA  OP1    O N N 3   
DA  OP2    O N N 4   
DA  "O5'"  O N N 5   
DA  "C5'"  C N N 6   
DA  "C4'"  C N R 7   
DA  "O4'"  O N N 8   
DA  "C3'"  C N S 9   
DA  "O3'"  O N N 10  
DA  "C2'"  C N N 11  
DA  "C1'"  C N R 12  
DA  N9     N Y N 13  
DA  C8     C Y N 14  
DA  N7     N Y N 15  
DA  C5     C Y N 16  
DA  C6     C Y N 17  
DA  N6     N N N 18  
DA  N1     N Y N 19  
DA  C2     C Y N 20  
DA  N3     N Y N 21  
DA  C4     C Y N 22  
DA  HOP3   H N N 23  
DA  HOP2   H N N 24  
DA  "H5'"  H N N 25  
DA  "H5''" H N N 26  
DA  "H4'"  H N N 27  
DA  "H3'"  H N N 28  
DA  "HO3'" H N N 29  
DA  "H2'"  H N N 30  
DA  "H2''" H N N 31  
DA  "H1'"  H N N 32  
DA  H8     H N N 33  
DA  H61    H N N 34  
DA  H62    H N N 35  
DA  H2     H N N 36  
DC  OP3    O N N 37  
DC  P      P N N 38  
DC  OP1    O N N 39  
DC  OP2    O N N 40  
DC  "O5'"  O N N 41  
DC  "C5'"  C N N 42  
DC  "C4'"  C N R 43  
DC  "O4'"  O N N 44  
DC  "C3'"  C N S 45  
DC  "O3'"  O N N 46  
DC  "C2'"  C N N 47  
DC  "C1'"  C N R 48  
DC  N1     N N N 49  
DC  C2     C N N 50  
DC  O2     O N N 51  
DC  N3     N N N 52  
DC  C4     C N N 53  
DC  N4     N N N 54  
DC  C5     C N N 55  
DC  C6     C N N 56  
DC  HOP3   H N N 57  
DC  HOP2   H N N 58  
DC  "H5'"  H N N 59  
DC  "H5''" H N N 60  
DC  "H4'"  H N N 61  
DC  "H3'"  H N N 62  
DC  "HO3'" H N N 63  
DC  "H2'"  H N N 64  
DC  "H2''" H N N 65  
DC  "H1'"  H N N 66  
DC  H41    H N N 67  
DC  H42    H N N 68  
DC  H5     H N N 69  
DC  H6     H N N 70  
DG  OP3    O N N 71  
DG  P      P N N 72  
DG  OP1    O N N 73  
DG  OP2    O N N 74  
DG  "O5'"  O N N 75  
DG  "C5'"  C N N 76  
DG  "C4'"  C N R 77  
DG  "O4'"  O N N 78  
DG  "C3'"  C N S 79  
DG  "O3'"  O N N 80  
DG  "C2'"  C N N 81  
DG  "C1'"  C N R 82  
DG  N9     N Y N 83  
DG  C8     C Y N 84  
DG  N7     N Y N 85  
DG  C5     C Y N 86  
DG  C6     C N N 87  
DG  O6     O N N 88  
DG  N1     N N N 89  
DG  C2     C N N 90  
DG  N2     N N N 91  
DG  N3     N N N 92  
DG  C4     C Y N 93  
DG  HOP3   H N N 94  
DG  HOP2   H N N 95  
DG  "H5'"  H N N 96  
DG  "H5''" H N N 97  
DG  "H4'"  H N N 98  
DG  "H3'"  H N N 99  
DG  "HO3'" H N N 100 
DG  "H2'"  H N N 101 
DG  "H2''" H N N 102 
DG  "H1'"  H N N 103 
DG  H8     H N N 104 
DG  H1     H N N 105 
DG  H21    H N N 106 
DG  H22    H N N 107 
DT  OP3    O N N 108 
DT  P      P N N 109 
DT  OP1    O N N 110 
DT  OP2    O N N 111 
DT  "O5'"  O N N 112 
DT  "C5'"  C N N 113 
DT  "C4'"  C N R 114 
DT  "O4'"  O N N 115 
DT  "C3'"  C N S 116 
DT  "O3'"  O N N 117 
DT  "C2'"  C N N 118 
DT  "C1'"  C N R 119 
DT  N1     N N N 120 
DT  C2     C N N 121 
DT  O2     O N N 122 
DT  N3     N N N 123 
DT  C4     C N N 124 
DT  O4     O N N 125 
DT  C5     C N N 126 
DT  C7     C N N 127 
DT  C6     C N N 128 
DT  HOP3   H N N 129 
DT  HOP2   H N N 130 
DT  "H5'"  H N N 131 
DT  "H5''" H N N 132 
DT  "H4'"  H N N 133 
DT  "H3'"  H N N 134 
DT  "HO3'" H N N 135 
DT  "H2'"  H N N 136 
DT  "H2''" H N N 137 
DT  "H1'"  H N N 138 
DT  H3     H N N 139 
DT  H71    H N N 140 
DT  H72    H N N 141 
DT  H73    H N N 142 
DT  H6     H N N 143 
HOH O      O N N 144 
HOH H1     H N N 145 
HOH H2     H N N 146 
# 
loop_
_chem_comp_bond.comp_id 
_chem_comp_bond.atom_id_1 
_chem_comp_bond.atom_id_2 
_chem_comp_bond.value_order 
_chem_comp_bond.pdbx_aromatic_flag 
_chem_comp_bond.pdbx_stereo_config 
_chem_comp_bond.pdbx_ordinal 
DA  OP3   P      sing N N 1   
DA  OP3   HOP3   sing N N 2   
DA  P     OP1    doub N N 3   
DA  P     OP2    sing N N 4   
DA  P     "O5'"  sing N N 5   
DA  OP2   HOP2   sing N N 6   
DA  "O5'" "C5'"  sing N N 7   
DA  "C5'" "C4'"  sing N N 8   
DA  "C5'" "H5'"  sing N N 9   
DA  "C5'" "H5''" sing N N 10  
DA  "C4'" "O4'"  sing N N 11  
DA  "C4'" "C3'"  sing N N 12  
DA  "C4'" "H4'"  sing N N 13  
DA  "O4'" "C1'"  sing N N 14  
DA  "C3'" "O3'"  sing N N 15  
DA  "C3'" "C2'"  sing N N 16  
DA  "C3'" "H3'"  sing N N 17  
DA  "O3'" "HO3'" sing N N 18  
DA  "C2'" "C1'"  sing N N 19  
DA  "C2'" "H2'"  sing N N 20  
DA  "C2'" "H2''" sing N N 21  
DA  "C1'" N9     sing N N 22  
DA  "C1'" "H1'"  sing N N 23  
DA  N9    C8     sing Y N 24  
DA  N9    C4     sing Y N 25  
DA  C8    N7     doub Y N 26  
DA  C8    H8     sing N N 27  
DA  N7    C5     sing Y N 28  
DA  C5    C6     sing Y N 29  
DA  C5    C4     doub Y N 30  
DA  C6    N6     sing N N 31  
DA  C6    N1     doub Y N 32  
DA  N6    H61    sing N N 33  
DA  N6    H62    sing N N 34  
DA  N1    C2     sing Y N 35  
DA  C2    N3     doub Y N 36  
DA  C2    H2     sing N N 37  
DA  N3    C4     sing Y N 38  
DC  OP3   P      sing N N 39  
DC  OP3   HOP3   sing N N 40  
DC  P     OP1    doub N N 41  
DC  P     OP2    sing N N 42  
DC  P     "O5'"  sing N N 43  
DC  OP2   HOP2   sing N N 44  
DC  "O5'" "C5'"  sing N N 45  
DC  "C5'" "C4'"  sing N N 46  
DC  "C5'" "H5'"  sing N N 47  
DC  "C5'" "H5''" sing N N 48  
DC  "C4'" "O4'"  sing N N 49  
DC  "C4'" "C3'"  sing N N 50  
DC  "C4'" "H4'"  sing N N 51  
DC  "O4'" "C1'"  sing N N 52  
DC  "C3'" "O3'"  sing N N 53  
DC  "C3'" "C2'"  sing N N 54  
DC  "C3'" "H3'"  sing N N 55  
DC  "O3'" "HO3'" sing N N 56  
DC  "C2'" "C1'"  sing N N 57  
DC  "C2'" "H2'"  sing N N 58  
DC  "C2'" "H2''" sing N N 59  
DC  "C1'" N1     sing N N 60  
DC  "C1'" "H1'"  sing N N 61  
DC  N1    C2     sing N N 62  
DC  N1    C6     sing N N 63  
DC  C2    O2     doub N N 64  
DC  C2    N3     sing N N 65  
DC  N3    C4     doub N N 66  
DC  C4    N4     sing N N 67  
DC  C4    C5     sing N N 68  
DC  N4    H41    sing N N 69  
DC  N4    H42    sing N N 70  
DC  C5    C6     doub N N 71  
DC  C5    H5     sing N N 72  
DC  C6    H6     sing N N 73  
DG  OP3   P      sing N N 74  
DG  OP3   HOP3   sing N N 75  
DG  P     OP1    doub N N 76  
DG  P     OP2    sing N N 77  
DG  P     "O5'"  sing N N 78  
DG  OP2   HOP2   sing N N 79  
DG  "O5'" "C5'"  sing N N 80  
DG  "C5'" "C4'"  sing N N 81  
DG  "C5'" "H5'"  sing N N 82  
DG  "C5'" "H5''" sing N N 83  
DG  "C4'" "O4'"  sing N N 84  
DG  "C4'" "C3'"  sing N N 85  
DG  "C4'" "H4'"  sing N N 86  
DG  "O4'" "C1'"  sing N N 87  
DG  "C3'" "O3'"  sing N N 88  
DG  "C3'" "C2'"  sing N N 89  
DG  "C3'" "H3'"  sing N N 90  
DG  "O3'" "HO3'" sing N N 91  
DG  "C2'" "C1'"  sing N N 92  
DG  "C2'" "H2'"  sing N N 93  
DG  "C2'" "H2''" sing N N 94  
DG  "C1'" N9     sing N N 95  
DG  "C1'" "H1'"  sing N N 96  
DG  N9    C8     sing Y N 97  
DG  N9    C4     sing Y N 98  
DG  C8    N7     doub Y N 99  
DG  C8    H8     sing N N 100 
DG  N7    C5     sing Y N 101 
DG  C5    C6     sing N N 102 
DG  C5    C4     doub Y N 103 
DG  C6    O6     doub N N 104 
DG  C6    N1     sing N N 105 
DG  N1    C2     sing N N 106 
DG  N1    H1     sing N N 107 
DG  C2    N2     sing N N 108 
DG  C2    N3     doub N N 109 
DG  N2    H21    sing N N 110 
DG  N2    H22    sing N N 111 
DG  N3    C4     sing N N 112 
DT  OP3   P      sing N N 113 
DT  OP3   HOP3   sing N N 114 
DT  P     OP1    doub N N 115 
DT  P     OP2    sing N N 116 
DT  P     "O5'"  sing N N 117 
DT  OP2   HOP2   sing N N 118 
DT  "O5'" "C5'"  sing N N 119 
DT  "C5'" "C4'"  sing N N 120 
DT  "C5'" "H5'"  sing N N 121 
DT  "C5'" "H5''" sing N N 122 
DT  "C4'" "O4'"  sing N N 123 
DT  "C4'" "C3'"  sing N N 124 
DT  "C4'" "H4'"  sing N N 125 
DT  "O4'" "C1'"  sing N N 126 
DT  "C3'" "O3'"  sing N N 127 
DT  "C3'" "C2'"  sing N N 128 
DT  "C3'" "H3'"  sing N N 129 
DT  "O3'" "HO3'" sing N N 130 
DT  "C2'" "C1'"  sing N N 131 
DT  "C2'" "H2'"  sing N N 132 
DT  "C2'" "H2''" sing N N 133 
DT  "C1'" N1     sing N N 134 
DT  "C1'" "H1'"  sing N N 135 
DT  N1    C2     sing N N 136 
DT  N1    C6     sing N N 137 
DT  C2    O2     doub N N 138 
DT  C2    N3     sing N N 139 
DT  N3    C4     sing N N 140 
DT  N3    H3     sing N N 141 
DT  C4    O4     doub N N 142 
DT  C4    C5     sing N N 143 
DT  C5    C7     sing N N 144 
DT  C5    C6     doub N N 145 
DT  C7    H71    sing N N 146 
DT  C7    H72    sing N N 147 
DT  C7    H73    sing N N 148 
DT  C6    H6     sing N N 149 
HOH O     H1     sing N N 150 
HOH O     H2     sing N N 151 
# 
loop_
_ndb_struct_conf_na.entry_id 
_ndb_struct_conf_na.feature 
5MVK 'double helix'        
5MVK 'a-form double helix' 
# 
loop_
_ndb_struct_na_base_pair.model_number 
_ndb_struct_na_base_pair.i_label_asym_id 
_ndb_struct_na_base_pair.i_label_comp_id 
_ndb_struct_na_base_pair.i_label_seq_id 
_ndb_struct_na_base_pair.i_symmetry 
_ndb_struct_na_base_pair.j_label_asym_id 
_ndb_struct_na_base_pair.j_label_comp_id 
_ndb_struct_na_base_pair.j_label_seq_id 
_ndb_struct_na_base_pair.j_symmetry 
_ndb_struct_na_base_pair.shear 
_ndb_struct_na_base_pair.stretch 
_ndb_struct_na_base_pair.stagger 
_ndb_struct_na_base_pair.buckle 
_ndb_struct_na_base_pair.propeller 
_ndb_struct_na_base_pair.opening 
_ndb_struct_na_base_pair.pair_number 
_ndb_struct_na_base_pair.pair_name 
_ndb_struct_na_base_pair.i_auth_asym_id 
_ndb_struct_na_base_pair.i_auth_seq_id 
_ndb_struct_na_base_pair.i_PDB_ins_code 
_ndb_struct_na_base_pair.j_auth_asym_id 
_ndb_struct_na_base_pair.j_auth_seq_id 
_ndb_struct_na_base_pair.j_PDB_ins_code 
_ndb_struct_na_base_pair.hbond_type_28 
_ndb_struct_na_base_pair.hbond_type_12 
1 A DC 1  1_555 B DG 12 1_555 0.068  -0.168 0.178  -4.644  -6.843  0.301  1  A_DC1:DG12_B A 1  ? B 12 ? 19 1 
1 A DT 2  1_555 B DA 11 1_555 -0.093 -0.198 0.376  2.251   -10.874 1.621  2  A_DT2:DA11_B A 2  ? B 11 ? 20 1 
1 A DA 3  1_555 B DT 10 1_555 -0.024 -0.166 0.218  7.049   -16.508 -0.416 3  A_DA3:DT10_B A 3  ? B 10 ? 20 1 
1 A DC 4  1_555 B DG 9  1_555 0.171  -0.057 0.111  6.562   -16.983 2.190  4  A_DC4:DG9_B  A 4  ? B 9  ? 19 1 
1 A DG 5  1_555 B DC 8  1_555 -0.236 -0.135 0.140  0.696   -7.200  3.827  5  A_DG5:DC8_B  A 5  ? B 8  ? 19 1 
1 A DC 6  1_555 B DG 7  1_555 0.116  -0.173 -0.233 2.940   -11.901 0.862  6  A_DC6:DG7_B  A 6  ? B 7  ? 19 1 
1 A DG 7  1_555 B DC 6  1_555 -0.057 -0.117 0.077  1.173   -3.046  0.197  7  A_DG7:DC6_B  A 7  ? B 6  ? 19 1 
1 A DC 8  1_555 B DG 5  1_555 0.130  -0.196 -0.132 5.362   -7.085  -0.007 8  A_DC8:DG5_B  A 8  ? B 5  ? 19 1 
1 A DG 9  1_555 B DC 4  1_555 -0.212 -0.049 -0.432 -20.966 -14.413 1.925  9  A_DG9:DC4_B  A 9  ? B 4  ? 19 1 
1 A DT 10 1_555 B DA 3  1_555 -0.178 -0.163 -0.060 -8.613  -8.070  -0.078 10 A_DT10:DA3_B A 10 ? B 3  ? 20 1 
1 A DA 11 1_555 B DT 2  1_555 0.170  -0.172 0.376  -2.742  -12.783 -2.045 11 A_DA11:DT2_B A 11 ? B 2  ? 20 1 
1 A DG 12 1_555 B DC 1  1_555 -0.134 -0.095 0.492  6.986   -9.854  -1.647 12 A_DG12:DC1_B A 12 ? B 1  ? 19 1 
# 
loop_
_ndb_struct_na_base_pair_step.model_number 
_ndb_struct_na_base_pair_step.i_label_asym_id_1 
_ndb_struct_na_base_pair_step.i_label_comp_id_1 
_ndb_struct_na_base_pair_step.i_label_seq_id_1 
_ndb_struct_na_base_pair_step.i_symmetry_1 
_ndb_struct_na_base_pair_step.j_label_asym_id_1 
_ndb_struct_na_base_pair_step.j_label_comp_id_1 
_ndb_struct_na_base_pair_step.j_label_seq_id_1 
_ndb_struct_na_base_pair_step.j_symmetry_1 
_ndb_struct_na_base_pair_step.i_label_asym_id_2 
_ndb_struct_na_base_pair_step.i_label_comp_id_2 
_ndb_struct_na_base_pair_step.i_label_seq_id_2 
_ndb_struct_na_base_pair_step.i_symmetry_2 
_ndb_struct_na_base_pair_step.j_label_asym_id_2 
_ndb_struct_na_base_pair_step.j_label_comp_id_2 
_ndb_struct_na_base_pair_step.j_label_seq_id_2 
_ndb_struct_na_base_pair_step.j_symmetry_2 
_ndb_struct_na_base_pair_step.shift 
_ndb_struct_na_base_pair_step.slide 
_ndb_struct_na_base_pair_step.rise 
_ndb_struct_na_base_pair_step.tilt 
_ndb_struct_na_base_pair_step.roll 
_ndb_struct_na_base_pair_step.twist 
_ndb_struct_na_base_pair_step.x_displacement 
_ndb_struct_na_base_pair_step.y_displacement 
_ndb_struct_na_base_pair_step.helical_rise 
_ndb_struct_na_base_pair_step.inclination 
_ndb_struct_na_base_pair_step.tip 
_ndb_struct_na_base_pair_step.helical_twist 
_ndb_struct_na_base_pair_step.step_number 
_ndb_struct_na_base_pair_step.step_name 
_ndb_struct_na_base_pair_step.i_auth_asym_id_1 
_ndb_struct_na_base_pair_step.i_auth_seq_id_1 
_ndb_struct_na_base_pair_step.i_PDB_ins_code_1 
_ndb_struct_na_base_pair_step.j_auth_asym_id_1 
_ndb_struct_na_base_pair_step.j_auth_seq_id_1 
_ndb_struct_na_base_pair_step.j_PDB_ins_code_1 
_ndb_struct_na_base_pair_step.i_auth_asym_id_2 
_ndb_struct_na_base_pair_step.i_auth_seq_id_2 
_ndb_struct_na_base_pair_step.i_PDB_ins_code_2 
_ndb_struct_na_base_pair_step.j_auth_asym_id_2 
_ndb_struct_na_base_pair_step.j_auth_seq_id_2 
_ndb_struct_na_base_pair_step.j_PDB_ins_code_2 
1 A DC 1  1_555 B DG 12 1_555 A DT 2  1_555 B DA 11 1_555 -0.585 -2.109 3.046 -3.579 2.739  27.298 -5.017 0.431  2.877 5.753  
7.519   27.660 1  AA_DC1DT2:DA11DG12_BB A 1  ? B 12 ? A 2  ? B 11 ? 
1 A DT 2  1_555 B DA 11 1_555 A DA 3  1_555 B DT 10 1_555 -0.613 -1.403 2.931 -1.163 10.544 28.817 -4.370 0.970  2.308 20.337 
2.243   30.668 2  AA_DT2DA3:DT10DA11_BB A 2  ? B 11 ? A 3  ? B 10 ? 
1 A DA 3  1_555 B DT 10 1_555 A DC 4  1_555 B DG 9  1_555 0.609  -1.510 3.264 0.532  3.079  35.096 -2.943 -0.928 3.133 5.094  
-0.879  35.231 3  AA_DA3DC4:DG9DT10_BB  A 3  ? B 10 ? A 4  ? B 9  ? 
1 A DC 4  1_555 B DG 9  1_555 A DG 5  1_555 B DC 8  1_555 -0.091 -1.892 3.243 -0.744 12.786 24.991 -6.496 0.038  2.050 27.371 
1.593   28.035 4  AA_DC4DG5:DC8DG9_BB   A 4  ? B 9  ? A 5  ? B 8  ? 
1 A DG 5  1_555 B DC 8  1_555 A DC 6  1_555 B DG 7  1_555 -0.781 -1.176 3.262 0.687  8.440  34.080 -3.157 1.393  2.882 14.132 
-1.150  35.086 5  AA_DG5DC6:DG7DC8_BB   A 5  ? B 8  ? A 6  ? B 7  ? 
1 A DC 6  1_555 B DG 7  1_555 A DG 7  1_555 B DC 6  1_555 1.051  -2.091 3.230 -0.657 14.416 24.579 -6.954 -2.262 1.731 30.712 
1.399   28.446 6  AA_DC6DG7:DC6DG7_BB   A 6  ? B 7  ? A 7  ? B 6  ? 
1 A DG 7  1_555 B DC 6  1_555 A DC 8  1_555 B DG 5  1_555 -0.715 -2.754 3.194 -1.240 9.670  22.082 -9.098 1.390  1.874 23.810 
3.053   24.114 7  AA_DG7DC8:DG5DC6_BB   A 7  ? B 6  ? A 8  ? B 5  ? 
1 A DC 8  1_555 B DG 5  1_555 A DG 9  1_555 B DC 4  1_555 1.187  -1.315 3.712 10.297 18.593 37.299 -3.856 -0.493 2.981 26.596 
-14.729 42.741 8  AA_DC8DG9:DC4DG5_BB   A 8  ? B 5  ? A 9  ? B 4  ? 
1 A DG 9  1_555 B DC 4  1_555 A DT 10 1_555 B DA 3  1_555 -0.920 -1.059 2.998 -1.960 5.130  29.468 -2.999 1.416  2.831 9.975  
3.811   29.964 9  AA_DG9DT10:DA3DC4_BB  A 9  ? B 4  ? A 10 ? B 3  ? 
1 A DT 10 1_555 B DA 3  1_555 A DA 11 1_555 B DT 2  1_555 0.699  -1.254 2.981 -0.903 17.611 28.506 -4.533 -1.335 1.887 32.170 
1.650   33.423 10 AA_DT10DA11:DT2DA3_BB A 10 ? B 3  ? A 11 ? B 2  ? 
1 A DA 11 1_555 B DT 2  1_555 A DG 12 1_555 B DC 1  1_555 0.533  -1.689 3.036 3.276  0.176  30.682 -3.206 -0.406 3.065 0.331  
-6.168  30.853 11 AA_DA11DG12:DC1DT2_BB A 11 ? B 2  ? A 12 ? B 1  ? 
# 
_pdbx_audit_support.country                ? 
_pdbx_audit_support.funding_organization   'Biotechnology and Biological Sciences Research Council' 
_pdbx_audit_support.grant_number           BB/J001694/2 
_pdbx_audit_support.ordinal                1 
# 
_atom_sites.entry_id                    5MVK 
_atom_sites.fract_transf_matrix[1][1]   0.00900720 
_atom_sites.fract_transf_matrix[1][2]   0.02198205 
_atom_sites.fract_transf_matrix[1][3]   -0.01159983 
_atom_sites.fract_transf_matrix[2][1]   0.02006105 
_atom_sites.fract_transf_matrix[2][2]   0.01338936 
_atom_sites.fract_transf_matrix[2][3]   0.01082563 
_atom_sites.fract_transf_matrix[3][1]   0.01103423 
_atom_sites.fract_transf_matrix[3][2]   -0.00926469 
_atom_sites.fract_transf_matrix[3][3]   -0.00898886 
_atom_sites.fract_transf_vector[1]      0.023941 
_atom_sites.fract_transf_vector[2]      0.483023 
_atom_sites.fract_transf_vector[3]      0.078713 
# 
loop_
_atom_type.symbol 
C 
N 
O 
P 
# 
loop_
_atom_site.group_PDB 
_atom_site.id 
_atom_site.type_symbol 
_atom_site.label_atom_id 
_atom_site.label_alt_id 
_atom_site.label_comp_id 
_atom_site.label_asym_id 
_atom_site.label_entity_id 
_atom_site.label_seq_id 
_atom_site.pdbx_PDB_ins_code 
_atom_site.Cartn_x 
_atom_site.Cartn_y 
_atom_site.Cartn_z 
_atom_site.occupancy 
_atom_site.B_iso_or_equiv 
_atom_site.pdbx_formal_charge 
_atom_site.auth_seq_id 
_atom_site.auth_comp_id 
_atom_site.auth_asym_id 
_atom_site.auth_atom_id 
_atom_site.pdbx_PDB_model_num 
ATOM   1   O "O5'" . DC  A 1 1  ? 8.010   -3.088  -9.300  1.00 41.63 ? 1   DC  A "O5'" 1 
ATOM   2   C "C5'" . DC  A 1 1  ? 9.077   -2.363  -9.885  1.00 37.06 ? 1   DC  A "C5'" 1 
ATOM   3   C "C4'" . DC  A 1 1  ? 8.551   -1.232  -10.737 1.00 39.35 ? 1   DC  A "C4'" 1 
ATOM   4   O "O4'" . DC  A 1 1  ? 7.996   -1.759  -11.966 1.00 44.06 ? 1   DC  A "O4'" 1 
ATOM   5   C "C3'" . DC  A 1 1  ? 7.417   -0.451  -10.108 1.00 32.06 ? 1   DC  A "C3'" 1 
ATOM   6   O "O3'" . DC  A 1 1  ? 7.902   0.496   -9.229  1.00 31.64 ? 1   DC  A "O3'" 1 
ATOM   7   C "C2'" . DC  A 1 1  ? 6.762   0.152   -11.329 1.00 37.14 ? 1   DC  A "C2'" 1 
ATOM   8   C "C1'" . DC  A 1 1  ? 6.849   -1.000  -12.316 1.00 37.82 ? 1   DC  A "C1'" 1 
ATOM   9   N N1    . DC  A 1 1  ? 5.658   -1.867  -12.290 1.00 38.79 ? 1   DC  A N1    1 
ATOM   10  C C2    . DC  A 1 1  ? 4.497   -1.366  -12.837 1.00 33.63 ? 1   DC  A C2    1 
ATOM   11  O O2    . DC  A 1 1  ? 4.527   -0.236  -13.317 1.00 36.11 ? 1   DC  A O2    1 
ATOM   12  N N3    . DC  A 1 1  ? 3.379   -2.132  -12.857 1.00 37.13 ? 1   DC  A N3    1 
ATOM   13  C C4    . DC  A 1 1  ? 3.406   -3.346  -12.331 1.00 36.95 ? 1   DC  A C4    1 
ATOM   14  N N4    . DC  A 1 1  ? 2.274   -4.063  -12.380 1.00 39.31 ? 1   DC  A N4    1 
ATOM   15  C C5    . DC  A 1 1  ? 4.591   -3.883  -11.736 1.00 37.53 ? 1   DC  A C5    1 
ATOM   16  C C6    . DC  A 1 1  ? 5.688   -3.107  -11.730 1.00 38.23 ? 1   DC  A C6    1 
ATOM   17  P P     . DT  A 1 2  ? 6.911   1.270   -8.251  1.00 33.18 ? 2   DT  A P     1 
ATOM   18  O OP1   . DT  A 1 2  ? 7.754   2.264   -7.560  1.00 39.16 ? 2   DT  A OP1   1 
ATOM   19  O OP2   . DT  A 1 2  ? 6.105   0.347   -7.465  1.00 31.19 ? 2   DT  A OP2   1 
ATOM   20  O "O5'" . DT  A 1 2  ? 5.903   2.048   -9.213  1.00 31.05 ? 2   DT  A "O5'" 1 
ATOM   21  C "C5'" . DT  A 1 2  ? 6.341   3.166   -9.946  1.00 30.66 ? 2   DT  A "C5'" 1 
ATOM   22  C "C4'" . DT  A 1 2  ? 5.153   3.857   -10.614 1.00 31.08 ? 2   DT  A "C4'" 1 
ATOM   23  O "O4'" . DT  A 1 2  ? 4.506   2.930   -11.535 1.00 30.17 ? 2   DT  A "O4'" 1 
ATOM   24  C "C3'" . DT  A 1 2  ? 4.039   4.283   -9.673  1.00 34.43 ? 2   DT  A "C3'" 1 
ATOM   25  O "O3'" . DT  A 1 2  ? 4.300   5.570   -9.085  1.00 47.71 ? 2   DT  A "O3'" 1 
ATOM   26  C "C2'" . DT  A 1 2  ? 2.834   4.300   -10.578 1.00 33.34 ? 2   DT  A "C2'" 1 
ATOM   27  C "C1'" . DT  A 1 2  ? 3.108   3.142   -11.514 1.00 29.36 ? 2   DT  A "C1'" 1 
ATOM   28  N N1    . DT  A 1 2  ? 2.390   1.839   -11.134 1.00 26.81 ? 2   DT  A N1    1 
ATOM   29  C C2    . DT  A 1 2  ? 1.082   1.693   -11.525 1.00 26.93 ? 2   DT  A C2    1 
ATOM   30  O O2    . DT  A 1 2  ? 0.466   2.575   -12.097 1.00 28.03 ? 2   DT  A O2    1 
ATOM   31  N N3    . DT  A 1 2  ? 0.511   0.487   -11.223 1.00 29.34 ? 2   DT  A N3    1 
ATOM   32  C C4    . DT  A 1 2  ? 1.110   -0.567  -10.548 1.00 29.80 ? 2   DT  A C4    1 
ATOM   33  O O4    . DT  A 1 2  ? 0.511   -1.636  -10.322 1.00 34.30 ? 2   DT  A O4    1 
ATOM   34  C C5    . DT  A 1 2  ? 2.490   -0.359  -10.177 1.00 29.99 ? 2   DT  A C5    1 
ATOM   35  C C7    . DT  A 1 2  ? 3.243   -1.437  -9.458  1.00 33.62 ? 2   DT  A C7    1 
ATOM   36  C C6    . DT  A 1 2  ? 3.065   0.826   -10.487 1.00 29.69 ? 2   DT  A C6    1 
ATOM   37  P P     . DA  A 1 3  ? 3.787   5.847   -7.589  1.00 54.55 ? 3   DA  A P     1 
ATOM   38  O OP1   . DA  A 1 3  ? 4.436   7.107   -7.176  1.00 62.45 ? 3   DA  A OP1   1 
ATOM   39  O OP2   . DA  A 1 3  ? 3.897   4.574   -6.836  1.00 48.74 ? 3   DA  A OP2   1 
ATOM   40  O "O5'" . DA  A 1 3  ? 2.202   6.049   -7.723  1.00 37.28 ? 3   DA  A "O5'" 1 
ATOM   41  C "C5'" . DA  A 1 3  ? 1.727   7.198   -8.357  1.00 36.76 ? 3   DA  A "C5'" 1 
ATOM   42  C "C4'" . DA  A 1 3  ? 0.297   7.051   -8.797  1.00 36.12 ? 3   DA  A "C4'" 1 
ATOM   43  O "O4'" . DA  A 1 3  ? 0.143   5.867   -9.634  1.00 35.21 ? 3   DA  A "O4'" 1 
ATOM   44  C "C3'" . DA  A 1 3  ? -0.731  6.841   -7.707  1.00 32.46 ? 3   DA  A "C3'" 1 
ATOM   45  O "O3'" . DA  A 1 3  ? -1.049  8.060   -7.053  1.00 39.19 ? 3   DA  A "O3'" 1 
ATOM   46  C "C2'" . DA  A 1 3  ? -1.899  6.279   -8.510  1.00 34.69 ? 3   DA  A "C2'" 1 
ATOM   47  C "C1'" . DA  A 1 3  ? -1.194  5.401   -9.534  1.00 34.39 ? 3   DA  A "C1'" 1 
ATOM   48  N N9    . DA  A 1 3  ? -1.153  3.996   -9.182  1.00 27.10 ? 3   DA  A N9    1 
ATOM   49  C C8    . DA  A 1 3  ? -0.095  3.288   -8.663  1.00 31.63 ? 3   DA  A C8    1 
ATOM   50  N N7    . DA  A 1 3  ? -0.367  2.004   -8.462  1.00 32.04 ? 3   DA  A N7    1 
ATOM   51  C C5    . DA  A 1 3  ? -1.684  1.874   -8.897  1.00 26.43 ? 3   DA  A C5    1 
ATOM   52  C C6    . DA  A 1 3  ? -2.587  0.773   -8.947  1.00 31.22 ? 3   DA  A C6    1 
ATOM   53  N N6    . DA  A 1 3  ? -2.265  -0.469  -8.580  1.00 31.28 ? 3   DA  A N6    1 
ATOM   54  N N1    . DA  A 1 3  ? -3.825  0.998   -9.434  1.00 29.34 ? 3   DA  A N1    1 
ATOM   55  C C2    . DA  A 1 3  ? -4.152  2.224   -9.813  1.00 30.28 ? 3   DA  A C2    1 
ATOM   56  N N3    . DA  A 1 3  ? -3.412  3.326   -9.799  1.00 30.42 ? 3   DA  A N3    1 
ATOM   57  C C4    . DA  A 1 3  ? -2.186  3.084   -9.312  1.00 28.12 ? 3   DA  A C4    1 
ATOM   58  P P     . DC  A 1 4  ? -1.455  8.040   -5.505  1.00 41.72 ? 4   DC  A P     1 
ATOM   59  O OP1   . DC  A 1 4  ? -1.573  9.466   -5.139  1.00 45.40 ? 4   DC  A OP1   1 
ATOM   60  O OP2   . DC  A 1 4  ? -0.657  7.014   -4.801  1.00 43.35 ? 4   DC  A OP2   1 
ATOM   61  O "O5'" . DC  A 1 4  ? -2.893  7.372   -5.500  1.00 35.32 ? 4   DC  A "O5'" 1 
ATOM   62  C "C5'" . DC  A 1 4  ? -3.942  7.988   -6.159  1.00 35.61 ? 4   DC  A "C5'" 1 
ATOM   63  C "C4'" . DC  A 1 4  ? -5.126  7.034   -6.283  1.00 35.68 ? 4   DC  A "C4'" 1 
ATOM   64  O "O4'" . DC  A 1 4  ? -4.753  5.899   -7.105  1.00 30.92 ? 4   DC  A "O4'" 1 
ATOM   65  C "C3'" . DC  A 1 4  ? -5.604  6.393   -4.995  1.00 38.87 ? 4   DC  A "C3'" 1 
ATOM   66  O "O3'" . DC  A 1 4  ? -6.411  7.267   -4.231  1.00 43.44 ? 4   DC  A "O3'" 1 
ATOM   67  C "C2'" . DC  A 1 4  ? -6.379  5.219   -5.535  1.00 36.94 ? 4   DC  A "C2'" 1 
ATOM   68  C "C1'" . DC  A 1 4  ? -5.521  4.770   -6.711  1.00 29.95 ? 4   DC  A "C1'" 1 
ATOM   69  N N1    . DC  A 1 4  ? -4.613  3.638   -6.376  1.00 28.47 ? 4   DC  A N1    1 
ATOM   70  C C2    . DC  A 1 4  ? -5.129  2.348   -6.411  1.00 28.47 ? 4   DC  A C2    1 
ATOM   71  O O2    . DC  A 1 4  ? -6.304  2.198   -6.751  1.00 28.61 ? 4   DC  A O2    1 
ATOM   72  N N3    . DC  A 1 4  ? -4.324  1.298   -6.077  1.00 29.16 ? 4   DC  A N3    1 
ATOM   73  C C4    . DC  A 1 4  ? -3.077  1.507   -5.702  1.00 26.09 ? 4   DC  A C4    1 
ATOM   74  N N4    . DC  A 1 4  ? -2.345  0.434   -5.398  1.00 28.92 ? 4   DC  A N4    1 
ATOM   75  C C5    . DC  A 1 4  ? -2.524  2.820   -5.634  1.00 28.48 ? 4   DC  A C5    1 
ATOM   76  C C6    . DC  A 1 4  ? -3.329  3.857   -5.980  1.00 28.90 ? 4   DC  A C6    1 
ATOM   77  P P     . DG  A 1 5  ? -6.437  7.113   -2.629  1.00 46.82 ? 5   DG  A P     1 
ATOM   78  O OP1   . DG  A 1 5  ? -7.211  8.267   -2.132  1.00 50.81 ? 5   DG  A OP1   1 
ATOM   79  O OP2   . DG  A 1 5  ? -5.119  6.725   -2.080  1.00 48.58 ? 5   DG  A OP2   1 
ATOM   80  O "O5'" . DG  A 1 5  ? -7.303  5.794   -2.389  1.00 38.65 ? 5   DG  A "O5'" 1 
ATOM   81  C "C5'" . DG  A 1 5  ? -8.648  5.758   -2.773  1.00 35.46 ? 5   DG  A "C5'" 1 
ATOM   82  C "C4'" . DG  A 1 5  ? -9.211  4.358   -2.631  1.00 34.14 ? 5   DG  A "C4'" 1 
ATOM   83  O "O4'" . DG  A 1 5  ? -8.470  3.436   -3.476  1.00 32.11 ? 5   DG  A "O4'" 1 
ATOM   84  C "C3'" . DG  A 1 5  ? -9.124  3.745   -1.244  1.00 37.79 ? 5   DG  A "C3'" 1 
ATOM   85  O "O3'" . DG  A 1 5  ? -10.211 4.156   -0.426  1.00 38.57 ? 5   DG  A "O3'" 1 
ATOM   86  C "C2'" . DG  A 1 5  ? -9.181  2.262   -1.540  1.00 39.18 ? 5   DG  A "C2'" 1 
ATOM   87  C "C1'" . DG  A 1 5  ? -8.512  2.137   -2.897  1.00 36.44 ? 5   DG  A "C1'" 1 
ATOM   88  N N9    . DG  A 1 5  ? -7.162  1.566   -2.830  1.00 29.26 ? 5   DG  A N9    1 
ATOM   89  C C8    . DG  A 1 5  ? -5.944  2.227   -2.923  1.00 28.52 ? 5   DG  A C8    1 
ATOM   90  N N7    . DG  A 1 5  ? -4.911  1.414   -2.857  1.00 28.50 ? 5   DG  A N7    1 
ATOM   91  C C5    . DG  A 1 5  ? -5.498  0.140   -2.750  1.00 26.15 ? 5   DG  A C5    1 
ATOM   92  C C6    . DG  A 1 5  ? -4.908  -1.149  -2.648  1.00 24.11 ? 5   DG  A C6    1 
ATOM   93  O O6    . DG  A 1 5  ? -3.694  -1.446  -2.657  1.00 29.23 ? 5   DG  A O6    1 
ATOM   94  N N1    . DG  A 1 5  ? -5.868  -2.155  -2.558  1.00 26.75 ? 5   DG  A N1    1 
ATOM   95  C C2    . DG  A 1 5  ? -7.225  -1.942  -2.544  1.00 27.80 ? 5   DG  A C2    1 
ATOM   96  N N2    . DG  A 1 5  ? -8.013  -3.029  -2.429  1.00 31.68 ? 5   DG  A N2    1 
ATOM   97  N N3    . DG  A 1 5  ? -7.784  -0.746  -2.638  1.00 28.07 ? 5   DG  A N3    1 
ATOM   98  C C4    . DG  A 1 5  ? -6.870  0.241   -2.746  1.00 32.17 ? 5   DG  A C4    1 
ATOM   99  P P     . DC  A 1 6  ? -10.071 4.120   1.176   1.00 38.86 ? 6   DC  A P     1 
ATOM   100 O OP1   . DC  A 1 6  ? -11.185 4.938   1.704   1.00 49.61 ? 6   DC  A OP1   1 
ATOM   101 O OP2   . DC  A 1 6  ? -8.665  4.373   1.570   1.00 41.32 ? 6   DC  A OP2   1 
ATOM   102 O "O5'" . DC  A 1 6  ? -10.333 2.594   1.536   1.00 35.76 ? 6   DC  A "O5'" 1 
ATOM   103 C "C5'" . DC  A 1 6  ? -11.581 2.017   1.315   1.00 31.05 ? 6   DC  A "C5'" 1 
ATOM   104 C "C4'" . DC  A 1 6  ? -11.503 0.561   1.675   1.00 32.31 ? 6   DC  A "C4'" 1 
ATOM   105 O "O4'" . DC  A 1 6  ? -10.658 -0.107  0.728   1.00 31.06 ? 6   DC  A "O4'" 1 
ATOM   106 C "C3'" . DC  A 1 6  ? -10.862 0.257   3.013   1.00 30.35 ? 6   DC  A "C3'" 1 
ATOM   107 O "O3'" . DC  A 1 6  ? -11.786 0.359   4.054   1.00 30.44 ? 6   DC  A "O3'" 1 
ATOM   108 C "C2'" . DC  A 1 6  ? -10.400 -1.176  2.832   1.00 31.99 ? 6   DC  A "C2'" 1 
ATOM   109 C "C1'" . DC  A 1 6  ? -10.019 -1.211  1.361   1.00 31.20 ? 6   DC  A "C1'" 1 
ATOM   110 N N1    . DC  A 1 6  ? -8.566  -1.090  1.128   1.00 27.35 ? 6   DC  A N1    1 
ATOM   111 C C2    . DC  A 1 6  ? -7.785  -2.243  1.078   1.00 26.65 ? 6   DC  A C2    1 
ATOM   112 O O2    . DC  A 1 6  ? -8.339  -3.354  1.254   1.00 27.74 ? 6   DC  A O2    1 
ATOM   113 N N3    . DC  A 1 6  ? -6.443  -2.112  0.870   1.00 24.34 ? 6   DC  A N3    1 
ATOM   114 C C4    . DC  A 1 6  ? -5.903  -0.918  0.702   1.00 24.23 ? 6   DC  A C4    1 
ATOM   115 N N4    . DC  A 1 6  ? -4.587  -0.852  0.475   1.00 26.44 ? 6   DC  A N4    1 
ATOM   116 C C5    . DC  A 1 6  ? -6.690  0.271   0.747   1.00 23.70 ? 6   DC  A C5    1 
ATOM   117 C C6    . DC  A 1 6  ? -8.000  0.138   0.982   1.00 24.31 ? 6   DC  A C6    1 
ATOM   118 P P     . DG  A 1 7  ? -11.308 0.778   5.509   1.00 34.01 ? 7   DG  A P     1 
ATOM   119 O OP1   . DG  A 1 7  ? -12.548 0.795   6.335   1.00 36.57 ? 7   DG  A OP1   1 
ATOM   120 O OP2   . DG  A 1 7  ? -10.424 1.965   5.444   1.00 33.35 ? 7   DG  A OP2   1 
ATOM   121 O "O5'" . DG  A 1 7  ? -10.450 -0.496  5.975   1.00 34.25 ? 7   DG  A "O5'" 1 
ATOM   122 C "C5'" . DG  A 1 7  ? -9.130  -0.366  6.396   1.00 29.40 ? 7   DG  A "C5'" 1 
ATOM   123 C "C4'" . DG  A 1 7  ? -8.541  -1.735  6.574   1.00 33.13 ? 7   DG  A "C4'" 1 
ATOM   124 O "O4'" . DG  A 1 7  ? -8.204  -2.304  5.268   1.00 28.84 ? 7   DG  A "O4'" 1 
ATOM   125 C "C3'" . DG  A 1 7  ? -7.253  -1.782  7.350   1.00 31.35 ? 7   DG  A "C3'" 1 
ATOM   126 O "O3'" . DG  A 1 7  ? -7.496  -1.740  8.742   1.00 33.30 ? 7   DG  A "O3'" 1 
ATOM   127 C "C2'" . DG  A 1 7  ? -6.679  -3.107  6.884   1.00 29.20 ? 7   DG  A "C2'" 1 
ATOM   128 C "C1'" . DG  A 1 7  ? -6.992  -3.056  5.385   1.00 31.15 ? 7   DG  A "C1'" 1 
ATOM   129 N N9    . DG  A 1 7  ? -5.930  -2.411  4.654   1.00 26.25 ? 7   DG  A N9    1 
ATOM   130 C C8    . DG  A 1 7  ? -5.887  -1.116  4.207   1.00 25.44 ? 7   DG  A C8    1 
ATOM   131 N N7    . DG  A 1 7  ? -4.748  -0.787  3.632   1.00 27.28 ? 7   DG  A N7    1 
ATOM   132 C C5    . DG  A 1 7  ? -3.979  -1.948  3.774   1.00 27.41 ? 7   DG  A C5    1 
ATOM   133 C C6    . DG  A 1 7  ? -2.645  -2.226  3.361   1.00 25.93 ? 7   DG  A C6    1 
ATOM   134 O O6    . DG  A 1 7  ? -1.855  -1.490  2.771   1.00 26.17 ? 7   DG  A O6    1 
ATOM   135 N N1    . DG  A 1 7  ? -2.280  -3.542  3.673   1.00 24.98 ? 7   DG  A N1    1 
ATOM   136 C C2    . DG  A 1 7  ? -3.057  -4.436  4.348   1.00 26.49 ? 7   DG  A C2    1 
ATOM   137 N N2    . DG  A 1 7  ? -2.523  -5.636  4.560   1.00 28.40 ? 7   DG  A N2    1 
ATOM   138 N N3    . DG  A 1 7  ? -4.327  -4.212  4.713   1.00 26.59 ? 7   DG  A N3    1 
ATOM   139 C C4    . DG  A 1 7  ? -4.705  -2.944  4.399   1.00 27.65 ? 7   DG  A C4    1 
ATOM   140 P P     . DC  A 1 8  ? -6.405  -1.056  9.717   1.00 34.76 ? 8   DC  A P     1 
ATOM   141 O OP1   . DC  A 1 8  ? -7.112  -1.064  11.017  1.00 38.82 ? 8   DC  A OP1   1 
ATOM   142 O OP2   . DC  A 1 8  ? -5.797  0.162   9.132   1.00 36.45 ? 8   DC  A OP2   1 
ATOM   143 O "O5'" . DC  A 1 8  ? -5.242  -2.132  9.788   1.00 36.80 ? 8   DC  A "O5'" 1 
ATOM   144 C "C5'" . DC  A 1 8  ? -5.528  -3.387  10.302  1.00 32.80 ? 8   DC  A "C5'" 1 
ATOM   145 C "C4'" . DC  A 1 8  ? -4.335  -4.291  10.157  1.00 34.82 ? 8   DC  A "C4'" 1 
ATOM   146 O "O4'" . DC  A 1 8  ? -4.020  -4.481  8.757   1.00 33.93 ? 8   DC  A "O4'" 1 
ATOM   147 C "C3'" . DC  A 1 8  ? -3.050  -3.763  10.733  1.00 32.78 ? 8   DC  A "C3'" 1 
ATOM   148 O "O3'" . DC  A 1 8  ? -3.048  -3.879  12.117  1.00 37.53 ? 8   DC  A "O3'" 1 
ATOM   149 C "C2'" . DC  A 1 8  ? -2.049  -4.677  10.054  1.00 29.59 ? 8   DC  A "C2'" 1 
ATOM   150 C "C1'" . DC  A 1 8  ? -2.626  -4.767  8.645   1.00 34.63 ? 8   DC  A "C1'" 1 
ATOM   151 N N1    . DC  A 1 8  ? -1.959  -3.790  7.742   1.00 29.02 ? 8   DC  A N1    1 
ATOM   152 C C2    . DC  A 1 8  ? -0.669  -4.084  7.316   1.00 25.51 ? 8   DC  A C2    1 
ATOM   153 O O2    . DC  A 1 8  ? -0.184  -5.200  7.649   1.00 27.49 ? 8   DC  A O2    1 
ATOM   154 N N3    . DC  A 1 8  ? -0.015  -3.211  6.515   1.00 28.34 ? 8   DC  A N3    1 
ATOM   155 C C4    . DC  A 1 8  ? -0.607  -2.065  6.163   1.00 30.10 ? 8   DC  A C4    1 
ATOM   156 N N4    . DC  A 1 8  ? 0.082   -1.219  5.380   1.00 28.11 ? 8   DC  A N4    1 
ATOM   157 C C5    . DC  A 1 8  ? -1.928  -1.731  6.633   1.00 26.24 ? 8   DC  A C5    1 
ATOM   158 C C6    . DC  A 1 8  ? -2.570  -2.616  7.386   1.00 26.80 ? 8   DC  A C6    1 
ATOM   159 P P     . DG  A 1 9  ? -2.352  -2.755  13.020  1.00 34.53 ? 9   DG  A P     1 
ATOM   160 O OP1   . DG  A 1 9  ? -2.702  -3.204  14.402  1.00 37.68 ? 9   DG  A OP1   1 
ATOM   161 O OP2   . DG  A 1 9  ? -2.622  -1.400  12.491  1.00 36.88 ? 9   DG  A OP2   1 
ATOM   162 O "O5'" . DG  A 1 9  ? -0.803  -3.030  12.840  1.00 36.21 ? 9   DG  A "O5'" 1 
ATOM   163 C "C5'" . DG  A 1 9  ? -0.235  -4.192  13.364  1.00 34.43 ? 9   DG  A "C5'" 1 
ATOM   164 C "C4'" . DG  A 1 9  ? 1.163   -4.346  12.826  1.00 26.96 ? 9   DG  A "C4'" 1 
ATOM   165 O "O4'" . DG  A 1 9  ? 1.088   -4.358  11.386  1.00 27.87 ? 9   DG  A "O4'" 1 
ATOM   166 C "C3'" . DG  A 1 9  ? 2.141   -3.224  13.152  1.00 27.32 ? 9   DG  A "C3'" 1 
ATOM   167 O "O3'" . DG  A 1 9  ? 2.703   -3.407  14.449  1.00 30.09 ? 9   DG  A "O3'" 1 
ATOM   168 C "C2'" . DG  A 1 9  ? 3.147   -3.401  12.053  1.00 29.05 ? 9   DG  A "C2'" 1 
ATOM   169 C "C1'" . DG  A 1 9  ? 2.265   -3.761  10.855  1.00 27.29 ? 9   DG  A "C1'" 1 
ATOM   170 N N9    . DG  A 1 9  ? 1.900   -2.623  10.005  1.00 25.53 ? 9   DG  A N9    1 
ATOM   171 C C8    . DG  A 1 9  ? 0.704   -1.941  9.933   1.00 27.22 ? 9   DG  A C8    1 
ATOM   172 N N7    . DG  A 1 9  ? 0.724   -0.953  9.065   1.00 24.29 ? 9   DG  A N7    1 
ATOM   173 C C5    . DG  A 1 9  ? 1.997   -0.997  8.527   1.00 23.91 ? 9   DG  A C5    1 
ATOM   174 C C6    . DG  A 1 9  ? 2.624   -0.175  7.564   1.00 25.11 ? 9   DG  A C6    1 
ATOM   175 O O6    . DG  A 1 9  ? 2.148   0.794   6.931   1.00 26.65 ? 9   DG  A O6    1 
ATOM   176 N N1    . DG  A 1 9  ? 3.932   -0.571  7.319   1.00 23.96 ? 9   DG  A N1    1 
ATOM   177 C C2    . DG  A 1 9  ? 4.579   -1.587  7.986   1.00 24.36 ? 9   DG  A C2    1 
ATOM   178 N N2    . DG  A 1 9  ? 5.852   -1.805  7.645   1.00 24.46 ? 9   DG  A N2    1 
ATOM   179 N N3    . DG  A 1 9  ? 3.988   -2.370  8.871   1.00 25.06 ? 9   DG  A N3    1 
ATOM   180 C C4    . DG  A 1 9  ? 2.734   -2.000  9.119   1.00 26.48 ? 9   DG  A C4    1 
ATOM   181 P P     . DT  A 1 10 ? 3.457   -2.225  15.202  1.00 32.24 ? 10  DT  A P     1 
ATOM   182 O OP1   . DT  A 1 10 ? 3.787   -2.735  16.565  1.00 34.88 ? 10  DT  A OP1   1 
ATOM   183 O OP2   . DT  A 1 10 ? 2.668   -0.976  15.088  1.00 34.88 ? 10  DT  A OP2   1 
ATOM   184 O "O5'" . DT  A 1 10 ? 4.800   -2.057  14.379  1.00 30.23 ? 10  DT  A "O5'" 1 
ATOM   185 C "C5'" . DT  A 1 10 ? 5.797   -3.061  14.402  1.00 29.68 ? 10  DT  A "C5'" 1 
ATOM   186 C "C4'" . DT  A 1 10 ? 7.014   -2.558  13.665  1.00 30.57 ? 10  DT  A "C4'" 1 
ATOM   187 O "O4'" . DT  A 1 10 ? 6.670   -2.397  12.271  1.00 26.29 ? 10  DT  A "O4'" 1 
ATOM   188 C "C3'" . DT  A 1 10 ? 7.490   -1.189  14.081  1.00 34.22 ? 10  DT  A "C3'" 1 
ATOM   189 O "O3'" . DT  A 1 10 ? 8.292   -1.269  15.220  1.00 35.26 ? 10  DT  A "O3'" 1 
ATOM   190 C "C2'" . DT  A 1 10 ? 8.255   -0.741  12.862  1.00 29.35 ? 10  DT  A "C2'" 1 
ATOM   191 C "C1'" . DT  A 1 10 ? 7.407   -1.310  11.748  1.00 27.12 ? 10  DT  A "C1'" 1 
ATOM   192 N N1    . DT  A 1 10 ? 6.427   -0.336  11.164  1.00 27.63 ? 10  DT  A N1    1 
ATOM   193 C C2    . DT  A 1 10 ? 6.829   0.429   10.102  1.00 26.23 ? 10  DT  A C2    1 
ATOM   194 O O2    . DT  A 1 10 ? 7.946   0.361   9.647   1.00 27.84 ? 10  DT  A O2    1 
ATOM   195 N N3    . DT  A 1 10 ? 5.844   1.249   9.565   1.00 24.49 ? 10  DT  A N3    1 
ATOM   196 C C4    . DT  A 1 10 ? 4.553   1.392   10.024  1.00 24.63 ? 10  DT  A C4    1 
ATOM   197 O O4    . DT  A 1 10 ? 3.756   2.194   9.512   1.00 27.61 ? 10  DT  A O4    1 
ATOM   198 C C5    . DT  A 1 10 ? 4.211   0.573   11.164  1.00 23.83 ? 10  DT  A C5    1 
ATOM   199 C C7    . DT  A 1 10 ? 2.836   0.625   11.736  1.00 23.68 ? 10  DT  A C7    1 
ATOM   200 C C6    . DT  A 1 10 ? 5.153   -0.249  11.672  1.00 27.32 ? 10  DT  A C6    1 
ATOM   201 P P     . DA  A 1 11 ? 8.354   -0.044  16.250  1.00 44.88 ? 11  DA  A P     1 
ATOM   202 O OP1   . DA  A 1 11 ? 9.103   -0.563  17.424  1.00 48.75 ? 11  DA  A OP1   1 
ATOM   203 O OP2   . DA  A 1 11 ? 7.045   0.632   16.418  1.00 36.31 ? 11  DA  A OP2   1 
ATOM   204 O "O5'" . DA  A 1 11 ? 9.318   0.949   15.493  1.00 41.86 ? 11  DA  A "O5'" 1 
ATOM   205 C "C5'" . DA  A 1 11 ? 8.929   2.214   15.291  1.00 33.62 ? 11  DA  A "C5'" 1 
ATOM   206 C "C4'" . DA  A 1 11 ? 9.784   2.831   14.239  1.00 34.95 ? 11  DA  A "C4'" 1 
ATOM   207 O "O4'" . DA  A 1 11 ? 9.353   2.352   12.944  1.00 30.43 ? 11  DA  A "O4'" 1 
ATOM   208 C "C3'" . DA  A 1 11 ? 9.672   4.330   14.161  1.00 29.83 ? 11  DA  A "C3'" 1 
ATOM   209 O "O3'" . DA  A 1 11 ? 10.581  4.947   15.080  1.00 32.65 ? 11  DA  A "O3'" 1 
ATOM   210 C "C2'" . DA  A 1 11 ? 9.984   4.595   12.699  1.00 33.36 ? 11  DA  A "C2'" 1 
ATOM   211 C "C1'" . DA  A 1 11 ? 9.277   3.425   12.024  1.00 33.42 ? 11  DA  A "C1'" 1 
ATOM   212 N N9    . DA  A 1 11 ? 7.873   3.698   11.722  1.00 28.47 ? 11  DA  A N9    1 
ATOM   213 C C8    . DA  A 1 11 ? 6.768   3.263   12.395  1.00 29.24 ? 11  DA  A C8    1 
ATOM   214 N N7    . DA  A 1 11 ? 5.628   3.700   11.884  1.00 30.63 ? 11  DA  A N7    1 
ATOM   215 C C5    . DA  A 1 11 ? 6.029   4.489   10.817  1.00 24.91 ? 11  DA  A C5    1 
ATOM   216 C C6    . DA  A 1 11 ? 5.314   5.245   9.845   1.00 28.09 ? 11  DA  A C6    1 
ATOM   217 N N6    . DA  A 1 11 ? 4.001   5.357   9.837   1.00 27.14 ? 11  DA  A N6    1 
ATOM   218 N N1    . DA  A 1 11 ? 6.040   5.922   8.925   1.00 27.17 ? 11  DA  A N1    1 
ATOM   219 C C2    . DA  A 1 11 ? 7.359   5.817   8.945   1.00 31.23 ? 11  DA  A C2    1 
ATOM   220 N N3    . DA  A 1 11 ? 8.125   5.113   9.774   1.00 27.69 ? 11  DA  A N3    1 
ATOM   221 C C4    . DA  A 1 11 ? 7.401   4.504   10.704  1.00 25.90 ? 11  DA  A C4    1 
ATOM   222 P P     . DG  A 1 12 ? 10.137  6.258   15.876  1.00 32.55 ? 12  DG  A P     1 
ATOM   223 O OP1   . DG  A 1 12 ? 11.219  6.574   16.835  1.00 37.13 ? 12  DG  A OP1   1 
ATOM   224 O OP2   . DG  A 1 12 ? 8.768   6.057   16.405  1.00 35.68 ? 12  DG  A OP2   1 
ATOM   225 O "O5'" . DG  A 1 12 ? 10.086  7.366   14.742  1.00 32.52 ? 12  DG  A "O5'" 1 
ATOM   226 C "C5'" . DG  A 1 12 ? 11.300  7.721   14.057  1.00 31.73 ? 12  DG  A "C5'" 1 
ATOM   227 C "C4'" . DG  A 1 12 ? 11.016  8.566   12.848  1.00 30.85 ? 12  DG  A "C4'" 1 
ATOM   228 O "O4'" . DG  A 1 12 ? 10.103  7.888   11.990  1.00 30.24 ? 12  DG  A "O4'" 1 
ATOM   229 C "C3'" . DG  A 1 12 ? 10.355  9.895   13.156  1.00 29.42 ? 12  DG  A "C3'" 1 
ATOM   230 O "O3'" . DG  A 1 12 ? 11.308  10.849  13.577  1.00 34.99 ? 12  DG  A "O3'" 1 
ATOM   231 C "C2'" . DG  A 1 12 ? 9.714   10.217  11.814  1.00 30.81 ? 12  DG  A "C2'" 1 
ATOM   232 C "C1'" . DG  A 1 12 ? 9.318   8.830   11.302  1.00 32.74 ? 12  DG  A "C1'" 1 
ATOM   233 N N9    . DG  A 1 12 ? 7.926   8.514   11.543  1.00 28.78 ? 12  DG  A N9    1 
ATOM   234 C C8    . DG  A 1 12 ? 7.378   7.866   12.623  1.00 28.77 ? 12  DG  A C8    1 
ATOM   235 N N7    . DG  A 1 12 ? 6.077   7.769   12.550  1.00 30.45 ? 12  DG  A N7    1 
ATOM   236 C C5    . DG  A 1 12 ? 5.753   8.401   11.356  1.00 28.91 ? 12  DG  A C5    1 
ATOM   237 C C6    . DG  A 1 12 ? 4.501   8.613   10.728  1.00 26.50 ? 12  DG  A C6    1 
ATOM   238 O O6    . DG  A 1 12 ? 3.380   8.299   11.129  1.00 28.68 ? 12  DG  A O6    1 
ATOM   239 N N1    . DG  A 1 12 ? 4.634   9.295   9.524   1.00 28.99 ? 12  DG  A N1    1 
ATOM   240 C C2    . DG  A 1 12 ? 5.817   9.728   9.000   1.00 29.71 ? 12  DG  A C2    1 
ATOM   241 N N2    . DG  A 1 12 ? 5.744   10.364  7.835   1.00 31.24 ? 12  DG  A N2    1 
ATOM   242 N N3    . DG  A 1 12 ? 6.981   9.528   9.555   1.00 31.18 ? 12  DG  A N3    1 
ATOM   243 C C4    . DG  A 1 12 ? 6.876   8.848   10.724  1.00 29.24 ? 12  DG  A C4    1 
ATOM   244 O "O5'" . DC  B 1 1  ? -2.135  10.266  4.051   1.00 46.47 ? 1   DC  B "O5'" 1 
ATOM   245 C "C5'" . DC  B 1 1  ? -1.966  11.530  3.423   1.00 42.14 ? 1   DC  B "C5'" 1 
ATOM   246 C "C4'" . DC  B 1 1  ? -0.524  12.008  3.534   1.00 36.61 ? 1   DC  B "C4'" 1 
ATOM   247 O "O4'" . DC  B 1 1  ? -0.251  12.384  4.896   1.00 37.54 ? 1   DC  B "O4'" 1 
ATOM   248 C "C3'" . DC  B 1 1  ? 0.528   10.977  3.186   1.00 37.82 ? 1   DC  B "C3'" 1 
ATOM   249 O "O3'" . DC  B 1 1  ? 0.779   10.978  1.808   1.00 34.56 ? 1   DC  B "O3'" 1 
ATOM   250 C "C2'" . DC  B 1 1  ? 1.720   11.435  3.997   1.00 36.32 ? 1   DC  B "C2'" 1 
ATOM   251 C "C1'" . DC  B 1 1  ? 1.062   11.980  5.253   1.00 34.10 ? 1   DC  B "C1'" 1 
ATOM   252 N N1    . DC  B 1 1  ? 0.987   10.980  6.353   1.00 35.06 ? 1   DC  B N1    1 
ATOM   253 C C2    . DC  B 1 1  ? 2.160   10.597  6.964   1.00 34.20 ? 1   DC  B C2    1 
ATOM   254 O O2    . DC  B 1 1  ? 3.201   11.103  6.569   1.00 32.46 ? 1   DC  B O2    1 
ATOM   255 N N3    . DC  B 1 1  ? 2.131   9.722   7.993   1.00 32.57 ? 1   DC  B N3    1 
ATOM   256 C C4    . DC  B 1 1  ? 0.975   9.197   8.375   1.00 37.25 ? 1   DC  B C4    1 
ATOM   257 N N4    . DC  B 1 1  ? 0.987   8.337   9.387   1.00 35.45 ? 1   DC  B N4    1 
ATOM   258 C C5    . DC  B 1 1  ? -0.248  9.566   7.761   1.00 32.68 ? 1   DC  B C5    1 
ATOM   259 C C6    . DC  B 1 1  ? -0.201  10.462  6.752   1.00 36.28 ? 1   DC  B C6    1 
ATOM   260 P P     . DT  B 1 2  ? 1.391   9.686   1.110   1.00 34.24 ? 2   DT  B P     1 
ATOM   261 O OP1   . DT  B 1 2  ? 1.375   9.878   -0.379  1.00 40.51 ? 2   DT  B OP1   1 
ATOM   262 O OP2   . DT  B 1 2  ? 0.702   8.547   1.724   1.00 34.07 ? 2   DT  B OP2   1 
ATOM   263 O "O5'" . DT  B 1 2  ? 2.892   9.643   1.653   1.00 31.84 ? 2   DT  B "O5'" 1 
ATOM   264 C "C5'" . DT  B 1 2  ? 3.779   10.680  1.349   1.00 35.24 ? 2   DT  B "C5'" 1 
ATOM   265 C "C4'" . DT  B 1 2  ? 5.131   10.414  1.979   1.00 38.24 ? 2   DT  B "C4'" 1 
ATOM   266 O "O4'" . DT  B 1 2  ? 5.021   10.485  3.430   1.00 30.74 ? 2   DT  B "O4'" 1 
ATOM   267 C "C3'" . DT  B 1 2  ? 5.714   9.031   1.718   1.00 34.58 ? 2   DT  B "C3'" 1 
ATOM   268 O "O3'" . DT  B 1 2  ? 6.419   8.965   0.497   1.00 34.91 ? 2   DT  B "O3'" 1 
ATOM   269 C "C2'" . DT  B 1 2  ? 6.638   8.833   2.908   1.00 32.57 ? 2   DT  B "C2'" 1 
ATOM   270 C "C1'" . DT  B 1 2  ? 5.888   9.536   4.026   1.00 26.69 ? 2   DT  B "C1'" 1 
ATOM   271 N N1    . DT  B 1 2  ? 5.089   8.618   4.897   1.00 27.77 ? 2   DT  B N1    1 
ATOM   272 C C2    . DT  B 1 2  ? 5.718   7.941   5.910   1.00 25.98 ? 2   DT  B C2    1 
ATOM   273 O O2    . DT  B 1 2  ? 6.918   8.019   6.121   1.00 30.49 ? 2   DT  B O2    1 
ATOM   274 N N3    . DT  B 1 2  ? 4.906   7.167   6.671   1.00 28.60 ? 2   DT  B N3    1 
ATOM   275 C C4    . DT  B 1 2  ? 3.552   6.975   6.504   1.00 30.14 ? 2   DT  B C4    1 
ATOM   276 O O4    . DT  B 1 2  ? 2.906   6.284   7.251   1.00 29.08 ? 2   DT  B O4    1 
ATOM   277 C C5    . DT  B 1 2  ? 2.945   7.695   5.431   1.00 29.00 ? 2   DT  B C5    1 
ATOM   278 C C7    . DT  B 1 2  ? 1.472   7.551   5.173   1.00 27.34 ? 2   DT  B C7    1 
ATOM   279 C C6    . DT  B 1 2  ? 3.728   8.481   4.675   1.00 31.87 ? 2   DT  B C6    1 
ATOM   280 P P     . DA  B 1 3  ? 6.593   7.531   -0.208  1.00 40.26 ? 3   DA  B P     1 
ATOM   281 O OP1   . DA  B 1 3  ? 7.268   7.850   -1.488  1.00 43.53 ? 3   DA  B OP1   1 
ATOM   282 O OP2   . DA  B 1 3  ? 5.325   6.781   -0.095  1.00 41.52 ? 3   DA  B OP2   1 
ATOM   283 O "O5'" . DA  B 1 3  ? 7.629   6.751   0.725   1.00 32.74 ? 3   DA  B "O5'" 1 
ATOM   284 C "C5'" . DA  B 1 3  ? 8.906   7.263   0.942   1.00 30.39 ? 3   DA  B "C5'" 1 
ATOM   285 C "C4'" . DA  B 1 3  ? 9.733   6.258   1.696   1.00 32.94 ? 3   DA  B "C4'" 1 
ATOM   286 O "O4'" . DA  B 1 3  ? 9.178   6.105   3.027   1.00 33.18 ? 3   DA  B "O4'" 1 
ATOM   287 C "C3'" . DA  B 1 3  ? 9.743   4.868   1.057   1.00 31.87 ? 3   DA  B "C3'" 1 
ATOM   288 O "O3'" . DA  B 1 3  ? 11.036  4.320   1.020   1.00 36.40 ? 3   DA  B "O3'" 1 
ATOM   289 C "C2'" . DA  B 1 3  ? 8.806   4.063   1.931   1.00 36.09 ? 3   DA  B "C2'" 1 
ATOM   290 C "C1'" . DA  B 1 3  ? 8.890   4.759   3.278   1.00 33.12 ? 3   DA  B "C1'" 1 
ATOM   291 N N9    . DA  B 1 3  ? 7.646   4.651   4.004   1.00 32.04 ? 3   DA  B N9    1 
ATOM   292 C C8    . DA  B 1 3  ? 6.422   5.143   3.620   1.00 30.25 ? 3   DA  B C8    1 
ATOM   293 N N7    . DA  B 1 3  ? 5.451   4.860   4.454   1.00 26.45 ? 3   DA  B N7    1 
ATOM   294 C C5    . DA  B 1 3  ? 6.092   4.141   5.468   1.00 24.51 ? 3   DA  B C5    1 
ATOM   295 C C6    . DA  B 1 3  ? 5.626   3.555   6.661   1.00 23.35 ? 3   DA  B C6    1 
ATOM   296 N N6    . DA  B 1 3  ? 4.344   3.574   7.053   1.00 25.73 ? 3   DA  B N6    1 
ATOM   297 N N1    . DA  B 1 3  ? 6.510   2.886   7.423   1.00 26.26 ? 3   DA  B N1    1 
ATOM   298 C C2    . DA  B 1 3  ? 7.808   2.857   7.041   1.00 26.97 ? 3   DA  B C2    1 
ATOM   299 N N3    . DA  B 1 3  ? 8.370   3.380   5.950   1.00 28.33 ? 3   DA  B N3    1 
ATOM   300 C C4    . DA  B 1 3  ? 7.447   4.008   5.193   1.00 24.92 ? 3   DA  B C4    1 
ATOM   301 P P     . DC  B 1 4  ? 11.306  3.030   0.104   1.00 42.52 ? 4   DC  B P     1 
ATOM   302 O OP1   . DC  B 1 4  ? 12.780  2.942   -0.065  1.00 47.72 ? 4   DC  B OP1   1 
ATOM   303 O OP2   . DC  B 1 4  ? 10.321  3.066   -1.007  1.00 41.85 ? 4   DC  B OP2   1 
ATOM   304 O "O5'" . DC  B 1 4  ? 10.772  1.816   1.012   1.00 34.92 ? 4   DC  B "O5'" 1 
ATOM   305 C "C5'" . DC  B 1 4  ? 11.517  1.436   2.100   1.00 33.57 ? 4   DC  B "C5'" 1 
ATOM   306 C "C4'" . DC  B 1 4  ? 10.751  0.429   2.889   1.00 32.13 ? 4   DC  B "C4'" 1 
ATOM   307 O "O4'" . DC  B 1 4  ? 9.564   1.059   3.437   1.00 28.90 ? 4   DC  B "O4'" 1 
ATOM   308 C "C3'" . DC  B 1 4  ? 10.245  -0.761  2.062   1.00 34.37 ? 4   DC  B "C3'" 1 
ATOM   309 O "O3'" . DC  B 1 4  ? 10.646  -1.976  2.652   1.00 35.62 ? 4   DC  B "O3'" 1 
ATOM   310 C "C2'" . DC  B 1 4  ? 8.746   -0.597  2.108   1.00 32.80 ? 4   DC  B "C2'" 1 
ATOM   311 C "C1'" . DC  B 1 4  ? 8.587   0.070   3.454   1.00 29.99 ? 4   DC  B "C1'" 1 
ATOM   312 N N1    . DC  B 1 4  ? 7.230   0.604   3.699   1.00 28.56 ? 4   DC  B N1    1 
ATOM   313 C C2    . DC  B 1 4  ? 6.638   0.325   4.916   1.00 24.81 ? 4   DC  B C2    1 
ATOM   314 O O2    . DC  B 1 4  ? 7.314   -0.251  5.770   1.00 26.06 ? 4   DC  B O2    1 
ATOM   315 N N3    . DC  B 1 4  ? 5.369   0.731   5.138   1.00 24.27 ? 4   DC  B N3    1 
ATOM   316 C C4    . DC  B 1 4  ? 4.695   1.376   4.179   1.00 26.05 ? 4   DC  B C4    1 
ATOM   317 N N4    . DC  B 1 4  ? 3.445   1.752   4.443   1.00 30.53 ? 4   DC  B N4    1 
ATOM   318 C C5    . DC  B 1 4  ? 5.282   1.662   2.915   1.00 30.23 ? 4   DC  B C5    1 
ATOM   319 C C6    . DC  B 1 4  ? 6.539   1.249   2.715   1.00 29.03 ? 4   DC  B C6    1 
ATOM   320 P P     . DG  B 1 5  ? 10.744  -3.310  1.768   1.00 38.56 ? 5   DG  B P     1 
ATOM   321 O OP1   . DG  B 1 5  ? 12.176  -3.704  1.786   1.00 40.37 ? 5   DG  B OP1   1 
ATOM   322 O OP2   . DG  B 1 5  ? 9.945   -3.140  0.539   1.00 37.44 ? 5   DG  B OP2   1 
ATOM   323 O "O5'" . DG  B 1 5  ? 9.866   -4.353  2.618   1.00 35.68 ? 5   DG  B "O5'" 1 
ATOM   324 C "C5'" . DG  B 1 5  ? 10.472  -5.215  3.561   1.00 33.53 ? 5   DG  B "C5'" 1 
ATOM   325 C "C4'" . DG  B 1 5  ? 9.402   -5.959  4.322   1.00 28.46 ? 5   DG  B "C4'" 1 
ATOM   326 O "O4'" . DG  B 1 5  ? 8.705   -5.038  5.180   1.00 29.08 ? 5   DG  B "O4'" 1 
ATOM   327 C "C3'" . DG  B 1 5  ? 8.313   -6.540  3.472   1.00 30.37 ? 5   DG  B "C3'" 1 
ATOM   328 O "O3'" . DG  B 1 5  ? 8.720   -7.724  2.868   1.00 31.92 ? 5   DG  B "O3'" 1 
ATOM   329 C "C2'" . DG  B 1 5  ? 7.219   -6.730  4.489   1.00 29.16 ? 5   DG  B "C2'" 1 
ATOM   330 C "C1'" . DG  B 1 5  ? 7.382   -5.486  5.370   1.00 25.56 ? 5   DG  B "C1'" 1 
ATOM   331 N N9    . DG  B 1 5  ? 6.471   -4.396  5.021   1.00 25.73 ? 5   DG  B N9    1 
ATOM   332 C C8    . DG  B 1 5  ? 6.684   -3.363  4.162   1.00 26.52 ? 5   DG  B C8    1 
ATOM   333 N N7    . DG  B 1 5  ? 5.635   -2.586  4.005   1.00 28.63 ? 5   DG  B N7    1 
ATOM   334 C C5    . DG  B 1 5  ? 4.659   -3.194  4.789   1.00 23.97 ? 5   DG  B C5    1 
ATOM   335 C C6    . DG  B 1 5  ? 3.316   -2.825  5.035   1.00 23.76 ? 5   DG  B C6    1 
ATOM   336 O O6    . DG  B 1 5  ? 2.697   -1.859  4.592   1.00 26.19 ? 5   DG  B O6    1 
ATOM   337 N N1    . DG  B 1 5  ? 2.671   -3.731  5.866   1.00 24.16 ? 5   DG  B N1    1 
ATOM   338 C C2    . DG  B 1 5  ? 3.281   -4.831  6.439   1.00 25.07 ? 5   DG  B C2    1 
ATOM   339 N N2    . DG  B 1 5  ? 2.540   -5.584  7.240   1.00 28.35 ? 5   DG  B N2    1 
ATOM   340 N N3    . DG  B 1 5  ? 4.544   -5.163  6.220   1.00 25.90 ? 5   DG  B N3    1 
ATOM   341 C C4    . DG  B 1 5  ? 5.162   -4.305  5.405   1.00 26.59 ? 5   DG  B C4    1 
ATOM   342 P P     . DC  B 1 6  ? 7.983   -8.216  1.537   1.00 32.57 ? 6   DC  B P     1 
ATOM   343 O OP1   . DC  B 1 6  ? 8.701   -9.416  1.103   1.00 39.53 ? 6   DC  B OP1   1 
ATOM   344 O OP2   . DC  B 1 6  ? 7.883   -7.074  0.584   1.00 34.66 ? 6   DC  B OP2   1 
ATOM   345 O "O5'" . DC  B 1 6  ? 6.536   -8.600  2.076   1.00 33.69 ? 6   DC  B "O5'" 1 
ATOM   346 C "C5'" . DC  B 1 6  ? 5.367   -8.155  1.426   1.00 33.27 ? 6   DC  B "C5'" 1 
ATOM   347 C "C4'" . DC  B 1 6  ? 4.159   -8.564  2.242   1.00 27.81 ? 6   DC  B "C4'" 1 
ATOM   348 O "O4'" . DC  B 1 6  ? 3.900   -7.575  3.262   1.00 30.29 ? 6   DC  B "O4'" 1 
ATOM   349 C "C3'" . DC  B 1 6  ? 2.870   -8.656  1.469   1.00 28.88 ? 6   DC  B "C3'" 1 
ATOM   350 O "O3'" . DC  B 1 6  ? 2.804   -9.873  0.785   1.00 35.62 ? 6   DC  B "O3'" 1 
ATOM   351 C "C2'" . DC  B 1 6  ? 1.857   -8.531  2.586   1.00 28.73 ? 6   DC  B "C2'" 1 
ATOM   352 C "C1'" . DC  B 1 6  ? 2.503   -7.451  3.448   1.00 27.99 ? 6   DC  B "C1'" 1 
ATOM   353 N N1    . DC  B 1 6  ? 2.087   -6.059  3.054   1.00 24.72 ? 6   DC  B N1    1 
ATOM   354 C C2    . DC  B 1 6  ? 0.793   -5.660  3.357   1.00 28.47 ? 6   DC  B C2    1 
ATOM   355 O O2    . DC  B 1 6  ? 0.087   -6.423  3.986   1.00 29.57 ? 6   DC  B O2    1 
ATOM   356 N N3    . DC  B 1 6  ? 0.390   -4.423  3.002   1.00 25.24 ? 6   DC  B N3    1 
ATOM   357 C C4    . DC  B 1 6  ? 1.210   -3.629  2.318   1.00 25.60 ? 6   DC  B C4    1 
ATOM   358 N N4    . DC  B 1 6  ? 0.757   -2.419  1.980   1.00 32.22 ? 6   DC  B N4    1 
ATOM   359 C C5    . DC  B 1 6  ? 2.549   -4.015  1.991   1.00 24.53 ? 6   DC  B C5    1 
ATOM   360 C C6    . DC  B 1 6  ? 2.928   -5.249  2.354   1.00 24.04 ? 6   DC  B C6    1 
ATOM   361 P P     . DG  B 1 7  ? 1.889   -10.025 -0.535  1.00 35.24 ? 7   DG  B P     1 
ATOM   362 O OP1   . DG  B 1 7  ? 2.213   -11.389 -1.054  1.00 38.73 ? 7   DG  B OP1   1 
ATOM   363 O OP2   . DG  B 1 7  ? 2.025   -8.841  -1.389  1.00 34.82 ? 7   DG  B OP2   1 
ATOM   364 O "O5'" . DG  B 1 7  ? 0.400   -10.016 0.060   1.00 37.91 ? 7   DG  B "O5'" 1 
ATOM   365 C "C5'" . DG  B 1 7  ? 0.001   -11.029 0.970   1.00 40.77 ? 7   DG  B "C5'" 1 
ATOM   366 C "C4'" . DG  B 1 7  ? -1.455  -10.886 1.279   1.00 34.48 ? 7   DG  B "C4'" 1 
ATOM   367 O "O4'" . DG  B 1 7  ? -1.669  -9.740  2.151   1.00 31.18 ? 7   DG  B "O4'" 1 
ATOM   368 C "C3'" . DG  B 1 7  ? -2.320  -10.625 0.065   1.00 36.33 ? 7   DG  B "C3'" 1 
ATOM   369 O "O3'" . DG  B 1 7  ? -2.633  -11.847 -0.586  1.00 42.13 ? 7   DG  B "O3'" 1 
ATOM   370 C "C2'" . DG  B 1 7  ? -3.537  -9.932  0.682   1.00 35.11 ? 7   DG  B "C2'" 1 
ATOM   371 C "C1'" . DG  B 1 7  ? -2.896  -9.081  1.781   1.00 37.01 ? 7   DG  B "C1'" 1 
ATOM   372 N N9    . DG  B 1 7  ? -2.612  -7.707  1.354   1.00 29.23 ? 7   DG  B N9    1 
ATOM   373 C C8    . DG  B 1 7  ? -1.409  -7.178  0.886   1.00 26.01 ? 7   DG  B C8    1 
ATOM   374 N N7    . DG  B 1 7  ? -1.485  -5.919  0.574   1.00 28.43 ? 7   DG  B N7    1 
ATOM   375 C C5    . DG  B 1 7  ? -2.801  -5.570  0.878   1.00 24.92 ? 7   DG  B C5    1 
ATOM   376 C C6    . DG  B 1 7  ? -3.469  -4.317  0.768   1.00 22.41 ? 7   DG  B C6    1 
ATOM   377 O O6    . DG  B 1 7  ? -3.045  -3.231  0.356   1.00 24.06 ? 7   DG  B O6    1 
ATOM   378 N N1    . DG  B 1 7  ? -4.803  -4.429  1.167   1.00 23.86 ? 7   DG  B N1    1 
ATOM   379 C C2    . DG  B 1 7  ? -5.395  -5.578  1.616   1.00 24.05 ? 7   DG  B C2    1 
ATOM   380 N N2    . DG  B 1 7  ? -6.679  -5.477  1.967   1.00 25.90 ? 7   DG  B N2    1 
ATOM   381 N N3    . DG  B 1 7  ? -4.780  -6.747  1.745   1.00 25.84 ? 7   DG  B N3    1 
ATOM   382 C C4    . DG  B 1 7  ? -3.494  -6.668  1.359   1.00 28.49 ? 7   DG  B C4    1 
ATOM   383 P P     . DC  B 1 8  ? -2.852  -11.870 -2.173  1.00 41.40 ? 8   DC  B P     1 
ATOM   384 O OP1   . DC  B 1 8  ? -3.081  -13.302 -2.508  1.00 42.37 ? 8   DC  B OP1   1 
ATOM   385 O OP2   . DC  B 1 8  ? -1.813  -11.033 -2.836  1.00 39.54 ? 8   DC  B OP2   1 
ATOM   386 O "O5'" . DC  B 1 8  ? -4.163  -10.989 -2.373  1.00 36.28 ? 8   DC  B "O5'" 1 
ATOM   387 C "C5'" . DC  B 1 8  ? -5.430  -11.499 -2.016  1.00 28.70 ? 8   DC  B "C5'" 1 
ATOM   388 C "C4'" . DC  B 1 8  ? -6.486  -10.426 -2.154  1.00 30.29 ? 8   DC  B "C4'" 1 
ATOM   389 O "O4'" . DC  B 1 8  ? -6.186  -9.325  -1.254  1.00 30.83 ? 8   DC  B "O4'" 1 
ATOM   390 C "C3'" . DC  B 1 8  ? -6.572  -9.743  -3.513  1.00 30.77 ? 8   DC  B "C3'" 1 
ATOM   391 O "O3'" . DC  B 1 8  ? -7.253  -10.534 -4.514  1.00 35.18 ? 8   DC  B "O3'" 1 
ATOM   392 C "C2'" . DC  B 1 8  ? -7.344  -8.501  -3.142  1.00 29.82 ? 8   DC  B "C2'" 1 
ATOM   393 C "C1'" . DC  B 1 8  ? -6.690  -8.118  -1.835  1.00 27.89 ? 8   DC  B "C1'" 1 
ATOM   394 N N1    . DC  B 1 8  ? -5.591  -7.120  -2.052  1.00 28.10 ? 8   DC  B N1    1 
ATOM   395 C C2    . DC  B 1 8  ? -5.934  -5.774  -2.183  1.00 28.81 ? 8   DC  B C2    1 
ATOM   396 O O2    . DC  B 1 8  ? -7.125  -5.447  -2.069  1.00 27.99 ? 8   DC  B O2    1 
ATOM   397 N N3    . DC  B 1 8  ? -4.960  -4.851  -2.417  1.00 26.91 ? 8   DC  B N3    1 
ATOM   398 C C4    . DC  B 1 8  ? -3.694  -5.234  -2.537  1.00 29.47 ? 8   DC  B C4    1 
ATOM   399 N N4    . DC  B 1 8  ? -2.784  -4.277  -2.784  1.00 30.04 ? 8   DC  B N4    1 
ATOM   400 C C5    . DC  B 1 8  ? -3.315  -6.609  -2.450  1.00 27.75 ? 8   DC  B C5    1 
ATOM   401 C C6    . DC  B 1 8  ? -4.295  -7.518  -2.211  1.00 28.52 ? 8   DC  B C6    1 
ATOM   402 P P     . DG  B 1 9  ? -6.982  -10.205 -6.068  1.00 34.80 ? 9   DG  B P     1 
ATOM   403 O OP1   . DG  B 1 9  ? -7.707  -11.242 -6.844  1.00 37.19 ? 9   DG  B OP1   1 
ATOM   404 O OP2   . DG  B 1 9  ? -5.531  -9.911  -6.267  1.00 40.64 ? 9   DG  B OP2   1 
ATOM   405 O "O5'" . DG  B 1 9  ? -7.737  -8.832  -6.343  1.00 32.99 ? 9   DG  B "O5'" 1 
ATOM   406 C "C5'" . DG  B 1 9  ? -9.127  -8.765  -6.249  1.00 34.45 ? 9   DG  B "C5'" 1 
ATOM   407 C "C4'" . DG  B 1 9  ? -9.586  -7.326  -6.200  1.00 28.66 ? 9   DG  B "C4'" 1 
ATOM   408 O "O4'" . DG  B 1 9  ? -8.824  -6.613  -5.198  1.00 29.10 ? 9   DG  B "O4'" 1 
ATOM   409 C "C3'" . DG  B 1 9  ? -9.364  -6.520  -7.465  1.00 29.95 ? 9   DG  B "C3'" 1 
ATOM   410 O "O3'" . DG  B 1 9  ? -10.413 -6.735  -8.403  1.00 30.55 ? 9   DG  B "O3'" 1 
ATOM   411 C "C2'" . DG  B 1 9  ? -9.365  -5.110  -6.932  1.00 26.43 ? 9   DG  B "C2'" 1 
ATOM   412 C "C1'" . DG  B 1 9  ? -8.702  -5.266  -5.570  1.00 32.99 ? 9   DG  B "C1'" 1 
ATOM   413 N N9    . DG  B 1 9  ? -7.302  -4.889  -5.600  1.00 28.52 ? 9   DG  B N9    1 
ATOM   414 C C8    . DG  B 1 9  ? -6.176  -5.693  -5.535  1.00 28.42 ? 9   DG  B C8    1 
ATOM   415 N N7    . DG  B 1 9  ? -5.049  -5.007  -5.634  1.00 26.84 ? 9   DG  B N7    1 
ATOM   416 C C5    . DG  B 1 9  ? -5.470  -3.679  -5.753  1.00 24.25 ? 9   DG  B C5    1 
ATOM   417 C C6    . DG  B 1 9  ? -4.724  -2.468  -5.923  1.00 28.47 ? 9   DG  B C6    1 
ATOM   418 O O6    . DG  B 1 9  ? -3.486  -2.303  -5.952  1.00 29.12 ? 9   DG  B O6    1 
ATOM   419 N N1    . DG  B 1 9  ? -5.560  -1.363  -6.020  1.00 28.46 ? 9   DG  B N1    1 
ATOM   420 C C2    . DG  B 1 9  ? -6.924  -1.407  -6.017  1.00 27.84 ? 9   DG  B C2    1 
ATOM   421 N N2    . DG  B 1 9  ? -7.558  -0.240  -6.149  1.00 28.34 ? 9   DG  B N2    1 
ATOM   422 N N3    . DG  B 1 9  ? -7.627  -2.515  -5.882  1.00 25.60 ? 9   DG  B N3    1 
ATOM   423 C C4    . DG  B 1 9  ? -6.842  -3.603  -5.762  1.00 28.69 ? 9   DG  B C4    1 
ATOM   424 P P     . DT  B 1 10 ? -10.176 -6.439  -9.947  1.00 32.99 ? 10  DT  B P     1 
ATOM   425 O OP1   . DT  B 1 10 ? -11.354 -7.007  -10.606 1.00 33.47 ? 10  DT  B OP1   1 
ATOM   426 O OP2   . DT  B 1 10 ? -8.822  -6.887  -10.357 1.00 40.07 ? 10  DT  B OP2   1 
ATOM   427 O "O5'" . DT  B 1 10 ? -10.185 -4.852  -10.022 1.00 32.81 ? 10  DT  B "O5'" 1 
ATOM   428 C "C5'" . DT  B 1 10 ? -11.381 -4.162  -9.749  1.00 32.52 ? 10  DT  B "C5'" 1 
ATOM   429 C "C4'" . DT  B 1 10 ? -11.163 -2.687  -9.968  1.00 34.00 ? 10  DT  B "C4'" 1 
ATOM   430 O "O4'" . DT  B 1 10 ? -10.197 -2.208  -9.001  1.00 28.67 ? 10  DT  B "O4'" 1 
ATOM   431 C "C3'" . DT  B 1 10 ? -10.581 -2.334  -11.308 1.00 35.43 ? 10  DT  B "C3'" 1 
ATOM   432 O "O3'" . DT  B 1 10 ? -11.604 -2.243  -12.261 1.00 42.53 ? 10  DT  B "O3'" 1 
ATOM   433 C "C2'" . DT  B 1 10 ? -9.904  -1.013  -11.022 1.00 30.44 ? 10  DT  B "C2'" 1 
ATOM   434 C "C1'" . DT  B 1 10 ? -9.378  -1.205  -9.607  1.00 28.74 ? 10  DT  B "C1'" 1 
ATOM   435 N N1    . DT  B 1 10 ? -7.951  -1.619  -9.531  1.00 27.51 ? 10  DT  B N1    1 
ATOM   436 C C2    . DT  B 1 10 ? -7.001  -0.637  -9.560  1.00 26.54 ? 10  DT  B C2    1 
ATOM   437 O O2    . DT  B 1 10 ? -7.287  0.530   -9.636  1.00 29.40 ? 10  DT  B O2    1 
ATOM   438 N N3    . DT  B 1 10 ? -5.720  -1.070  -9.451  1.00 29.92 ? 10  DT  B N3    1 
ATOM   439 C C4    . DT  B 1 10 ? -5.291  -2.364  -9.361  1.00 28.69 ? 10  DT  B C4    1 
ATOM   440 O O4    . DT  B 1 10 ? -4.098  -2.647  -9.281  1.00 31.34 ? 10  DT  B O4    1 
ATOM   441 C C5    . DT  B 1 10 ? -6.342  -3.369  -9.350  1.00 27.10 ? 10  DT  B C5    1 
ATOM   442 C C7    . DT  B 1 10 ? -5.981  -4.813  -9.249  1.00 30.79 ? 10  DT  B C7    1 
ATOM   443 C C6    . DT  B 1 10 ? -7.606  -2.949  -9.428  1.00 27.68 ? 10  DT  B C6    1 
ATOM   444 P P     . DA  B 1 11 ? -11.268 -2.476  -13.809 1.00 47.67 ? 11  DA  B P     1 
ATOM   445 O OP1   . DA  B 1 11 ? -12.541 -2.493  -14.574 1.00 51.11 ? 11  DA  B OP1   1 
ATOM   446 O OP2   . DA  B 1 11 ? -10.256 -3.554  -13.969 1.00 45.59 ? 11  DA  B OP2   1 
ATOM   447 O "O5'" . DA  B 1 11 ? -10.556 -1.122  -14.169 1.00 44.27 ? 11  DA  B "O5'" 1 
ATOM   448 C "C5'" . DA  B 1 11 ? -9.366  -1.135  -14.771 1.00 35.98 ? 11  DA  B "C5'" 1 
ATOM   449 C "C4'" . DA  B 1 11 ? -8.782  0.247   -14.769 1.00 38.86 ? 11  DA  B "C4'" 1 
ATOM   450 O "O4'" . DA  B 1 11 ? -8.200  0.513   -13.466 1.00 36.83 ? 11  DA  B "O4'" 1 
ATOM   451 C "C3'" . DA  B 1 11 ? -7.683  0.434   -15.780 1.00 39.20 ? 11  DA  B "C3'" 1 
ATOM   452 O "O3'" . DA  B 1 11 ? -8.208  0.966   -16.985 1.00 39.42 ? 11  DA  B "O3'" 1 
ATOM   453 C "C2'" . DA  B 1 11 ? -6.722  1.377   -15.086 1.00 43.11 ? 11  DA  B "C2'" 1 
ATOM   454 C "C1'" . DA  B 1 11 ? -6.886  0.993   -13.623 1.00 33.55 ? 11  DA  B "C1'" 1 
ATOM   455 N N9    . DA  B 1 11 ? -5.937  -0.037  -13.155 1.00 30.64 ? 11  DA  B N9    1 
ATOM   456 C C8    . DA  B 1 11 ? -6.161  -1.373  -12.915 1.00 29.68 ? 11  DA  B C8    1 
ATOM   457 N N7    . DA  B 1 11 ? -5.077  -2.019  -12.510 1.00 30.54 ? 11  DA  B N7    1 
ATOM   458 C C5    . DA  B 1 11 ? -4.094  -1.037  -12.474 1.00 31.05 ? 11  DA  B C5    1 
ATOM   459 C C6    . DA  B 1 11 ? -2.724  -1.067  -12.109 1.00 29.70 ? 11  DA  B C6    1 
ATOM   460 N N6    . DA  B 1 11 ? -2.091  -2.172  -11.692 1.00 31.62 ? 11  DA  B N6    1 
ATOM   461 N N1    . DA  B 1 11 ? -2.020  0.098   -12.184 1.00 31.19 ? 11  DA  B N1    1 
ATOM   462 C C2    . DA  B 1 11 ? -2.657  1.201   -12.586 1.00 30.41 ? 11  DA  B C2    1 
ATOM   463 N N3    . DA  B 1 11 ? -3.933  1.342   -12.933 1.00 32.37 ? 11  DA  B N3    1 
ATOM   464 C C4    . DA  B 1 11 ? -4.598  0.183   -12.846 1.00 30.15 ? 11  DA  B C4    1 
ATOM   465 P P     . DG  B 1 12 ? -7.522  0.558   -18.374 1.00 45.31 ? 12  DG  B P     1 
ATOM   466 O OP1   . DG  B 1 12 ? -8.128  1.375   -19.447 1.00 55.22 ? 12  DG  B OP1   1 
ATOM   467 O OP2   . DG  B 1 12 ? -7.511  -0.915  -18.416 1.00 47.28 ? 12  DG  B OP2   1 
ATOM   468 O "O5'" . DG  B 1 12 ? -5.959  0.922   -18.174 1.00 43.16 ? 12  DG  B "O5'" 1 
ATOM   469 C "C5'" . DG  B 1 12 ? -5.536  2.219   -18.305 1.00 44.19 ? 12  DG  B "C5'" 1 
ATOM   470 C "C4'" . DG  B 1 12 ? -4.098  2.386   -17.837 1.00 33.24 ? 12  DG  B "C4'" 1 
ATOM   471 O "O4'" . DG  B 1 12 ? -3.862  1.639   -16.638 1.00 34.76 ? 12  DG  B "O4'" 1 
ATOM   472 C "C3'" . DG  B 1 12 ? -3.024  1.868   -18.762 1.00 35.80 ? 12  DG  B "C3'" 1 
ATOM   473 O "O3'" . DG  B 1 12 ? -2.844  2.714   -19.811 1.00 44.88 ? 12  DG  B "O3'" 1 
ATOM   474 C "C2'" . DG  B 1 12 ? -1.813  1.826   -17.840 1.00 41.60 ? 12  DG  B "C2'" 1 
ATOM   475 C "C1'" . DG  B 1 12 ? -2.448  1.548   -16.492 1.00 34.73 ? 12  DG  B "C1'" 1 
ATOM   476 N N9    . DG  B 1 12 ? -2.145  0.248   -15.968 1.00 30.70 ? 12  DG  B N9    1 
ATOM   477 C C8    . DG  B 1 12 ? -2.919  -0.869  -15.970 1.00 31.22 ? 12  DG  B C8    1 
ATOM   478 N N7    . DG  B 1 12 ? -2.361  -1.887  -15.368 1.00 33.64 ? 12  DG  B N7    1 
ATOM   479 C C5    . DG  B 1 12 ? -1.115  -1.391  -14.978 1.00 31.11 ? 12  DG  B C5    1 
ATOM   480 C C6    . DG  B 1 12 ? -0.035  -2.024  -14.323 1.00 34.62 ? 12  DG  B C6    1 
ATOM   481 O O6    . DG  B 1 12 ? 0.018   -3.184  -13.900 1.00 33.13 ? 12  DG  B O6    1 
ATOM   482 N N1    . DG  B 1 12 ? 1.042   -1.147  -14.139 1.00 30.41 ? 12  DG  B N1    1 
ATOM   483 C C2    . DG  B 1 12 ? 1.073   0.163   -14.566 1.00 33.95 ? 12  DG  B C2    1 
ATOM   484 N N2    . DG  B 1 12 ? 2.177   0.859   -14.306 1.00 31.71 ? 12  DG  B N2    1 
ATOM   485 N N3    . DG  B 1 12 ? 0.061   0.749   -15.190 1.00 33.48 ? 12  DG  B N3    1 
ATOM   486 C C4    . DG  B 1 12 ? -0.972  -0.084  -15.364 1.00 32.21 ? 12  DG  B C4    1 
HETATM 487 O O     . HOH C 2 .  ? -4.819  0.837   7.104   1.00 47.02 ? 101 HOH A O     1 
HETATM 488 O O     . HOH C 2 .  ? -4.602  5.239   -10.764 1.00 36.76 ? 102 HOH A O     1 
HETATM 489 O O     . HOH C 2 .  ? 0.535   -3.717  -8.801  1.00 40.12 ? 103 HOH A O     1 
HETATM 490 O O     . HOH C 2 .  ? -8.597  3.296   -7.294  0.87 37.77 ? 104 HOH A O     1 
HETATM 491 O O     . HOH C 2 .  ? -1.220  -0.630  -2.590  1.00 37.60 ? 105 HOH A O     1 
HETATM 492 O O     . HOH C 2 .  ? -3.625  1.562   3.139   1.00 39.58 ? 106 HOH A O     1 
HETATM 493 O O     . HOH C 2 .  ? -0.944  -7.819  7.605   0.84 30.70 ? 107 HOH A O     1 
HETATM 494 O O     . HOH C 2 .  ? -2.441  2.306   -2.115  1.00 35.00 ? 108 HOH A O     1 
HETATM 495 O O     . HOH C 2 .  ? 2.459   6.642   13.106  0.91 40.79 ? 109 HOH A O     1 
HETATM 496 O O     . HOH C 2 .  ? 10.578  0.822   10.318  1.00 37.18 ? 110 HOH A O     1 
HETATM 497 O O     . HOH C 2 .  ? -0.978  1.217   8.873   0.94 35.14 ? 111 HOH A O     1 
HETATM 498 O O     . HOH C 2 .  ? 3.313   3.977   13.381  1.00 39.26 ? 112 HOH A O     1 
HETATM 499 O O     . HOH C 2 .  ? 3.683   1.438   -6.615  1.00 39.19 ? 113 HOH A O     1 
HETATM 500 O O     . HOH C 2 .  ? 10.932  5.082   9.508   1.00 38.73 ? 114 HOH A O     1 
HETATM 501 O O     . HOH C 2 .  ? 1.059   3.005   9.383   1.00 33.36 ? 115 HOH A O     1 
HETATM 502 O O     . HOH C 2 .  ? -7.946  2.111   4.025   1.00 38.58 ? 116 HOH A O     1 
HETATM 503 O O     . HOH C 2 .  ? -0.964  1.370   4.707   0.85 34.65 ? 117 HOH A O     1 
HETATM 504 O O     . HOH C 2 .  ? 1.166   0.305   -6.720  1.00 35.50 ? 118 HOH A O     1 
HETATM 505 O O     . HOH C 2 .  ? -5.644  -6.462  5.944   1.00 31.69 ? 119 HOH A O     1 
HETATM 506 O O     . HOH C 2 .  ? -11.462 4.615   4.587   1.00 45.56 ? 120 HOH A O     1 
HETATM 507 O O     . HOH C 2 .  ? -3.481  1.863   0.304   1.00 35.88 ? 121 HOH A O     1 
HETATM 508 O O     . HOH C 2 .  ? 5.553   6.102   14.933  1.00 51.27 ? 122 HOH A O     1 
HETATM 509 O O     . HOH C 2 .  ? 4.550   1.459   14.964  1.00 45.90 ? 123 HOH A O     1 
HETATM 510 O O     . HOH C 2 .  ? 0.299   0.952   -3.997  1.00 41.11 ? 124 HOH A O     1 
HETATM 511 O O     . HOH C 2 .  ? -2.744  4.832   -2.397  0.93 44.77 ? 125 HOH A O     1 
HETATM 512 O O     . HOH C 2 .  ? -5.736  4.157   0.503   1.00 48.20 ? 126 HOH A O     1 
HETATM 513 O O     . HOH C 2 .  ? 3.005   -7.086  -11.839 0.93 44.55 ? 127 HOH A O     1 
HETATM 514 O O     . HOH C 2 .  ? -14.986 1.607   4.420   1.00 63.31 ? 128 HOH A O     1 
HETATM 515 O O     . HOH C 2 .  ? 1.490   4.230   11.571  1.00 45.07 ? 129 HOH A O     1 
HETATM 516 O O     . HOH C 2 .  ? -5.957  -7.209  8.804   1.00 43.38 ? 130 HOH A O     1 
HETATM 517 O O     . HOH C 2 .  ? -3.854  -8.864  5.080   1.00 40.25 ? 131 HOH A O     1 
HETATM 518 O O     . HOH C 2 .  ? 12.015  -0.133  12.215  1.00 44.15 ? 132 HOH A O     1 
HETATM 519 O O     . HOH C 2 .  ? -3.946  -7.592  11.908  1.00 54.60 ? 133 HOH A O     1 
HETATM 520 O O     . HOH C 2 .  ? -3.379  -8.237  9.487   0.75 33.14 ? 134 HOH A O     1 
HETATM 521 O O     . HOH C 2 .  ? -5.225  9.597   -8.768  1.00 49.30 ? 135 HOH A O     1 
HETATM 522 O O     . HOH D 2 .  ? -1.535  8.124   2.959   0.71 39.17 ? 101 HOH B O     1 
HETATM 523 O O     . HOH D 2 .  ? 7.998   -11.305 -0.347  0.88 47.34 ? 102 HOH B O     1 
HETATM 524 O O     . HOH D 2 .  ? -8.731  2.509   -10.387 1.00 51.00 ? 103 HOH B O     1 
HETATM 525 O O     . HOH D 2 .  ? 6.965   -7.861  -1.687  0.74 37.20 ? 104 HOH B O     1 
HETATM 526 O O     . HOH D 2 .  ? -2.262  -4.246  -8.444  0.88 42.65 ? 105 HOH B O     1 
HETATM 527 O O     . HOH D 2 .  ? -1.077  -3.082  -5.388  1.00 51.27 ? 106 HOH B O     1 
HETATM 528 O O     . HOH D 2 .  ? 0.647   4.975   7.662   0.76 31.44 ? 107 HOH B O     1 
HETATM 529 O O     . HOH D 2 .  ? 0.352   -4.654  -0.862  1.00 40.65 ? 108 HOH B O     1 
HETATM 530 O O     . HOH D 2 .  ? -3.999  2.652   -22.236 0.89 33.42 ? 109 HOH B O     1 
HETATM 531 O O     . HOH D 2 .  ? -0.890  -2.092  -0.795  1.00 33.28 ? 110 HOH B O     1 
HETATM 532 O O     . HOH D 2 .  ? -0.268  -8.441  -2.807  0.81 42.88 ? 111 HOH B O     1 
HETATM 533 O O     . HOH D 2 .  ? -1.447  -5.486  -13.474 1.00 45.74 ? 112 HOH B O     1 
HETATM 534 O O     . HOH D 2 .  ? -7.000  -8.973  -10.439 1.00 48.27 ? 113 HOH B O     1 
HETATM 535 O O     . HOH D 2 .  ? -2.926  -9.415  -5.401  1.00 51.76 ? 114 HOH B O     1 
HETATM 536 O O     . HOH D 2 .  ? -0.526  -8.830  5.261   0.81 33.70 ? 115 HOH B O     1 
HETATM 537 O O     . HOH D 2 .  ? -5.139  3.825   -13.373 1.00 40.41 ? 116 HOH B O     1 
HETATM 538 O O     . HOH D 2 .  ? 2.951   -0.641  1.946   0.58 28.16 ? 117 HOH B O     1 
HETATM 539 O O     . HOH D 2 .  ? 2.505   6.398   1.312   1.00 41.29 ? 118 HOH B O     1 
HETATM 540 O O     . HOH D 2 .  ? 5.298   -1.680  1.334   0.85 31.03 ? 119 HOH B O     1 
HETATM 541 O O     . HOH D 2 .  ? -2.477  -6.054  -6.260  1.00 45.17 ? 120 HOH B O     1 
HETATM 542 O O     . HOH D 2 .  ? 5.190   3.924   0.055   1.00 44.52 ? 121 HOH B O     1 
HETATM 543 O O     . HOH D 2 .  ? 2.789   4.537   3.429   0.85 30.33 ? 122 HOH B O     1 
HETATM 544 O O     . HOH D 2 .  ? -4.328  -4.867  -12.474 1.00 45.97 ? 123 HOH B O     1 
HETATM 545 O O     . HOH D 2 .  ? -0.113  -5.432  -3.458  1.00 43.70 ? 124 HOH B O     1 
HETATM 546 O O     . HOH D 2 .  ? -3.680  -4.574  -15.544 1.00 47.21 ? 125 HOH B O     1 
HETATM 547 O O     . HOH D 2 .  ? 11.578  -9.403  1.968   0.89 37.35 ? 126 HOH B O     1 
HETATM 548 O O     . HOH D 2 .  ? 13.858  -4.492  4.270   0.81 37.75 ? 127 HOH B O     1 
HETATM 549 O O     . HOH D 2 .  ? 5.786   -4.574  0.554   1.00 37.64 ? 128 HOH B O     1 
HETATM 550 O O     . HOH D 2 .  ? 6.972   2.191   -0.404  0.68 32.79 ? 129 HOH B O     1 
HETATM 551 O O     . HOH D 2 .  ? 12.612  -6.806  0.092   1.00 46.51 ? 130 HOH B O     1 
HETATM 552 O O     . HOH D 2 .  ? -4.534  0.041   -22.261 0.75 31.43 ? 131 HOH B O     1 
HETATM 553 O O     . HOH D 2 .  ? 6.578   -0.332  -0.760  0.60 30.48 ? 132 HOH B O     1 
# 
loop_
_atom_site_anisotrop.id 
_atom_site_anisotrop.type_symbol 
_atom_site_anisotrop.pdbx_label_atom_id 
_atom_site_anisotrop.pdbx_label_alt_id 
_atom_site_anisotrop.pdbx_label_comp_id 
_atom_site_anisotrop.pdbx_label_asym_id 
_atom_site_anisotrop.pdbx_label_seq_id 
_atom_site_anisotrop.pdbx_PDB_ins_code 
_atom_site_anisotrop.U[1][1] 
_atom_site_anisotrop.U[2][2] 
_atom_site_anisotrop.U[3][3] 
_atom_site_anisotrop.U[1][2] 
_atom_site_anisotrop.U[1][3] 
_atom_site_anisotrop.U[2][3] 
_atom_site_anisotrop.pdbx_auth_seq_id 
_atom_site_anisotrop.pdbx_auth_comp_id 
_atom_site_anisotrop.pdbx_auth_asym_id 
_atom_site_anisotrop.pdbx_auth_atom_id 
1   O "O5'" . DC A 1  ? 0.4184 0.7895 0.3738 0.0530  -0.0089 -0.0738 1  DC A "O5'" 
2   C "C5'" . DC A 1  ? 0.3363 0.7776 0.2942 0.0446  0.0025  -0.0653 1  DC A "C5'" 
3   C "C4'" . DC A 1  ? 0.3631 0.8109 0.3210 0.0217  0.0111  -0.0434 1  DC A "C4'" 
4   O "O4'" . DC A 1  ? 0.4252 0.8792 0.3696 0.0402  0.0056  -0.0514 1  DC A "O4'" 
5   C "C3'" . DC A 1  ? 0.2907 0.6723 0.2553 -0.0015 0.0122  -0.0283 1  DC A "C3'" 
6   O "O3'" . DC A 1  ? 0.2822 0.6628 0.2573 -0.0254 0.0182  -0.0144 1  DC A "O3'" 
7   C "C2'" . DC A 1  ? 0.3555 0.7420 0.3137 -0.0099 0.0141  -0.0159 1  DC A "C2'" 
8   C "C1'" . DC A 1  ? 0.3596 0.7729 0.3043 0.0214  0.0073  -0.0350 1  DC A "C1'" 
9   N N1    . DC A 1  ? 0.3933 0.7477 0.3331 0.0376  -0.0050 -0.0470 1  DC A N1    
10  C C2    . DC A 1  ? 0.3396 0.6601 0.2782 0.0268  -0.0057 -0.0357 1  DC A C2    
11  O O2    . DC A 1  ? 0.3648 0.7026 0.3048 0.0054  0.0028  -0.0172 1  DC A O2    
12  N N3    . DC A 1  ? 0.4015 0.6718 0.3374 0.0392  -0.0176 -0.0442 1  DC A N3    
13  C C4    . DC A 1  ? 0.4068 0.6572 0.3400 0.0597  -0.0304 -0.0618 1  DC A C4    
14  N N4    . DC A 1  ? 0.4538 0.6549 0.3848 0.0679  -0.0445 -0.0664 1  DC A N4    
15  C C5    . DC A 1  ? 0.4046 0.6841 0.3372 0.0717  -0.0314 -0.0745 1  DC A C5    
16  C C6    . DC A 1  ? 0.3946 0.7270 0.3313 0.0608  -0.0175 -0.0672 1  DC A C6    
17  P P     . DT A 2  ? 0.3214 0.6358 0.3033 -0.0444 0.0177  -0.0036 2  DT A P     
18  O OP1   . DT A 2  ? 0.3902 0.7183 0.3797 -0.0667 0.0213  0.0095  2  DT A OP1   
19  O OP2   . DT A 2  ? 0.3125 0.5781 0.2944 -0.0292 0.0118  -0.0175 2  DT A OP2   
20  O "O5'" . DT A 2  ? 0.3016 0.5982 0.2796 -0.0563 0.0175  0.0102  2  DT A "O5'" 
21  C "C5'" . DT A 2  ? 0.2868 0.6146 0.2636 -0.0782 0.0203  0.0298  2  DT A "C5'" 
22  C "C4'" . DT A 2  ? 0.3052 0.5975 0.2781 -0.0880 0.0166  0.0409  2  DT A "C4'" 
23  O "O4'" . DT A 2  ? 0.2962 0.5891 0.2610 -0.0666 0.0147  0.0292  2  DT A "O4'" 
24  C "C3'" . DT A 2  ? 0.3679 0.5941 0.3464 -0.0927 0.0126  0.0411  2  DT A "C3'" 
25  O "O3'" . DT A 2  ? 0.5398 0.7514 0.5217 -0.1165 0.0095  0.0561  2  DT A "O3'" 
26  C "C2'" . DT A 2  ? 0.3637 0.5658 0.3373 -0.0885 0.0089  0.0427  2  DT A "C2'" 
27  C "C1'" . DT A 2  ? 0.3039 0.5417 0.2699 -0.0677 0.0100  0.0309  2  DT A "C1'" 
28  N N1    . DT A 2  ? 0.2810 0.4896 0.2480 -0.0439 0.0055  0.0122  2  DT A N1    
29  C C2    . DT A 2  ? 0.2950 0.4668 0.2616 -0.0393 0.0000  0.0118  2  DT A C2    
30  O O2    . DT A 2  ? 0.3133 0.4725 0.2792 -0.0517 -0.0008 0.0239  2  DT A O2    
31  N N3    . DT A 2  ? 0.3328 0.4818 0.3003 -0.0210 -0.0069 -0.0020 2  DT A N3    
32  C C4    . DT A 2  ? 0.3368 0.4916 0.3038 -0.0067 -0.0104 -0.0158 2  DT A C4    
33  O O4    . DT A 2  ? 0.4027 0.5314 0.3692 0.0070  -0.0207 -0.0256 2  DT A O4    
34  C C5    . DT A 2  ? 0.3264 0.5200 0.2932 -0.0096 -0.0037 -0.0170 2  DT A C5    
35  C C7    . DT A 2  ? 0.3702 0.5717 0.3357 0.0064  -0.0086 -0.0327 2  DT A C7    
36  C C6    . DT A 2  ? 0.3131 0.5340 0.2808 -0.0284 0.0046  -0.0027 2  DT A C6    
37  P P     . DA A 3  ? 0.6411 0.8022 0.6293 -0.1162 0.0069  0.0505  3  DA A P     
38  O OP1   . DA A 3  ? 0.7422 0.8999 0.7307 -0.1394 0.0005  0.0653  3  DA A OP1   
39  O OP2   . DA A 3  ? 0.5660 0.7284 0.5574 -0.0962 0.0117  0.0326  3  DA A OP2   
40  O "O5'" . DA A 3  ? 0.4384 0.5520 0.4263 -0.1106 0.0028  0.0487  3  DA A "O5'" 
41  C "C5'" . DA A 3  ? 0.4389 0.5350 0.4229 -0.1255 -0.0051 0.0624  3  DA A "C5'" 
42  C "C4'" . DA A 3  ? 0.4408 0.5066 0.4252 -0.1150 -0.0076 0.0581  3  DA A "C4'" 
43  O "O4'" . DA A 3  ? 0.4223 0.5106 0.4051 -0.1000 -0.0025 0.0506  3  DA A "O4'" 
44  C "C3'" . DA A 3  ? 0.4039 0.4336 0.3956 -0.1024 -0.0071 0.0469  3  DA A "C3'" 
45  O "O3'" . DA A 3  ? 0.5001 0.4978 0.4912 -0.1106 -0.0154 0.0509  3  DA A "O3'" 
46  C "C2'" . DA A 3  ? 0.4348 0.4551 0.4283 -0.0912 -0.0077 0.0435  3  DA A "C2'" 
47  C "C1'" . DA A 3  ? 0.4206 0.4779 0.4082 -0.0870 -0.0041 0.0427  3  DA A "C1'" 
48  N N9    . DA A 3  ? 0.3246 0.3902 0.3150 -0.0700 -0.0005 0.0295  3  DA A N9    
49  C C8    . DA A 3  ? 0.3742 0.4638 0.3638 -0.0647 0.0032  0.0221  3  DA A C8    
50  N N7    . DA A 3  ? 0.3804 0.4659 0.3709 -0.0485 0.0011  0.0105  3  DA A N7    
51  C C5    . DA A 3  ? 0.3168 0.3770 0.3103 -0.0446 -0.0036 0.0118  3  DA A C5    
52  C C6    . DA A 3  ? 0.3824 0.4252 0.3786 -0.0323 -0.0106 0.0054  3  DA A C6    
53  N N6    . DA A 3  ? 0.3833 0.4279 0.3774 -0.0206 -0.0161 -0.0043 3  DA A N6    
54  N N1    . DA A 3  ? 0.3639 0.3863 0.3645 -0.0333 -0.0144 0.0103  3  DA A N1    
55  C C2    . DA A 3  ? 0.3775 0.3942 0.3789 -0.0436 -0.0121 0.0190  3  DA A C2    
56  N N3    . DA A 3  ? 0.3774 0.4038 0.3747 -0.0558 -0.0081 0.0257  3  DA A N3    
57  C C4    . DA A 3  ? 0.3418 0.3907 0.3357 -0.0565 -0.0036 0.0224  3  DA A C4    
58  P P     . DC A 4  ? 0.5378 0.5130 0.5341 -0.1004 -0.0137 0.0397  4  DC A P     
59  O OP1   . DC A 4  ? 0.5965 0.5412 0.5873 -0.1090 -0.0270 0.0443  4  DC A OP1   
60  O OP2   . DC A 4  ? 0.5502 0.5479 0.5492 -0.0949 -0.0042 0.0325  4  DC A OP2   
61  O "O5'" . DC A 4  ? 0.4582 0.4219 0.4619 -0.0843 -0.0100 0.0316  4  DC A "O5'" 
62  C "C5'" . DC A 4  ? 0.4680 0.4125 0.4724 -0.0831 -0.0173 0.0345  4  DC A "C5'" 
63  C "C4'" . DC A 4  ? 0.4653 0.4111 0.4793 -0.0694 -0.0124 0.0287  4  DC A "C4'" 
64  O "O4'" . DC A 4  ? 0.3983 0.3654 0.4113 -0.0680 -0.0083 0.0294  4  DC A "O4'" 
65  C "C3'" . DC A 4  ? 0.5023 0.4500 0.5245 -0.0587 -0.0056 0.0202  4  DC A "C3'" 
66  O "O3'" . DC A 4  ? 0.5647 0.4961 0.5895 -0.0523 -0.0089 0.0159  4  DC A "O3'" 
67  C "C2'" . DC A 4  ? 0.4725 0.4287 0.5025 -0.0521 -0.0034 0.0202  4  DC A "C2'" 
68  C "C1'" . DC A 4  ? 0.3824 0.3512 0.4044 -0.0568 -0.0050 0.0236  4  DC A "C1'" 
69  N N1    . DC A 4  ? 0.3586 0.3451 0.3782 -0.0539 -0.0010 0.0190  4  DC A N1    
70  C C2    . DC A 4  ? 0.3568 0.3443 0.3807 -0.0456 -0.0033 0.0156  4  DC A C2    
71  O O2    . DC A 4  ? 0.3595 0.3370 0.3906 -0.0426 -0.0071 0.0180  4  DC A O2    
72  N N3    . DC A 4  ? 0.3632 0.3615 0.3833 -0.0411 -0.0039 0.0101  4  DC A N3    
73  C C4    . DC A 4  ? 0.3218 0.3337 0.3358 -0.0441 0.0001  0.0075  4  DC A C4    
74  N N4    . DC A 4  ? 0.3556 0.3772 0.3658 -0.0374 -0.0024 0.0004  4  DC A N4    
75  C C5    . DC A 4  ? 0.3519 0.3666 0.3633 -0.0543 0.0041  0.0123  4  DC A C5    
76  C C6    . DC A 4  ? 0.3619 0.3610 0.3752 -0.0593 0.0020  0.0182  4  DC A C6    
77  P P     . DG A 5  ? 0.6054 0.5413 0.6323 -0.0443 -0.0028 0.0080  5  DG A P     
78  O OP1   . DG A 5  ? 0.6618 0.5811 0.6876 -0.0352 -0.0099 0.0019  5  DG A OP1   
79  O OP2   . DG A 5  ? 0.6268 0.5715 0.6476 -0.0508 0.0014  0.0077  5  DG A OP2   
80  O "O5'" . DG A 5  ? 0.4918 0.4463 0.5306 -0.0377 0.0051  0.0079  5  DG A "O5'" 
81  C "C5'" . DG A 5  ? 0.4472 0.4035 0.4968 -0.0312 0.0034  0.0090  5  DG A "C5'" 
82  C "C4'" . DG A 5  ? 0.4210 0.3951 0.4811 -0.0308 0.0077  0.0133  5  DG A "C4'" 
83  O "O4'" . DG A 5  ? 0.3972 0.3702 0.4526 -0.0372 0.0050  0.0167  5  DG A "O4'" 
84  C "C3'" . DG A 5  ? 0.4615 0.4513 0.5232 -0.0296 0.0146  0.0122  5  DG A "C3'" 
85  O "O3'" . DG A 5  ? 0.4636 0.4680 0.5338 -0.0209 0.0183  0.0103  5  DG A "O3'" 
86  C "C2'" . DG A 5  ? 0.4751 0.4718 0.5417 -0.0351 0.0121  0.0191  5  DG A "C2'" 
87  C "C1'" . DG A 5  ? 0.4471 0.4308 0.5067 -0.0380 0.0058  0.0190  5  DG A "C1'" 
88  N N9    . DG A 5  ? 0.3598 0.3434 0.4086 -0.0408 0.0054  0.0158  5  DG A N9    
89  C C8    . DG A 5  ? 0.3543 0.3367 0.3927 -0.0433 0.0076  0.0118  5  DG A C8    
90  N N7    . DG A 5  ? 0.3540 0.3429 0.3860 -0.0436 0.0064  0.0089  5  DG A N7    
91  C C5    . DG A 5  ? 0.3230 0.3111 0.3596 -0.0408 0.0006  0.0107  5  DG A C5    
92  C C6    . DG A 5  ? 0.2988 0.2871 0.3302 -0.0382 -0.0072 0.0077  5  DG A C6    
93  O O6    . DG A 5  ? 0.3647 0.3587 0.3872 -0.0354 -0.0086 0.0010  5  DG A O6    
94  N N1    . DG A 5  ? 0.3324 0.3139 0.3700 -0.0389 -0.0165 0.0134  5  DG A N1    
95  C C2    . DG A 5  ? 0.3416 0.3234 0.3913 -0.0423 -0.0156 0.0219  5  DG A C2    
96  N N2    . DG A 5  ? 0.3901 0.3677 0.4457 -0.0460 -0.0272 0.0299  5  DG A N2    
97  N N3    . DG A 5  ? 0.3416 0.3277 0.3971 -0.0421 -0.0066 0.0228  5  DG A N3    
98  C C4    . DG A 5  ? 0.3963 0.3821 0.4436 -0.0410 0.0001  0.0165  5  DG A C4    
99  P P     . DC A 6  ? 0.4627 0.4841 0.5295 -0.0165 0.0260  0.0064  6  DC A P     
100 O OP1   . DC A 6  ? 0.5915 0.6288 0.6644 -0.0027 0.0280  0.0008  6  DC A OP1   
101 O OP2   . DC A 6  ? 0.5040 0.5098 0.5562 -0.0201 0.0260  0.0013  6  DC A OP2   
102 O "O5'" . DC A 6  ? 0.4144 0.4552 0.4890 -0.0254 0.0282  0.0174  6  DC A "O5'" 
103 C "C5'" . DC A 6  ? 0.3430 0.4036 0.4332 -0.0272 0.0270  0.0270  6  DC A "C5'" 
104 C "C4'" . DC A 6  ? 0.3552 0.4244 0.4481 -0.0395 0.0236  0.0389  6  DC A "C4'" 
105 O "O4'" . DC A 6  ? 0.3508 0.3932 0.4363 -0.0451 0.0141  0.0388  6  DC A "O4'" 
106 C "C3'" . DC A 6  ? 0.3303 0.4091 0.4139 -0.0419 0.0290  0.0385  6  DC A "C3'" 
107 O "O3'" . DC A 6  ? 0.3169 0.4319 0.4079 -0.0396 0.0367  0.0435  6  DC A "O3'" 
108 C "C2'" . DC A 6  ? 0.3557 0.4228 0.4369 -0.0546 0.0181  0.0479  6  DC A "C2'" 
109 C "C1'" . DC A 6  ? 0.3552 0.3959 0.4345 -0.0529 0.0095  0.0433  6  DC A "C1'" 
110 N N1    . DC A 6  ? 0.3180 0.3387 0.3825 -0.0502 0.0086  0.0328  6  DC A N1    
111 C C2    . DC A 6  ? 0.3156 0.3246 0.3723 -0.0542 -0.0018 0.0334  6  DC A C2    
112 O O2    . DC A 6  ? 0.3279 0.3373 0.3889 -0.0614 -0.0126 0.0438  6  DC A O2    
113 N N3    . DC A 6  ? 0.2938 0.2925 0.3386 -0.0502 -0.0019 0.0231  6  DC A N3    
114 C C4    . DC A 6  ? 0.2935 0.2925 0.3346 -0.0463 0.0070  0.0157  6  DC A C4    
115 N N4    . DC A 6  ? 0.3259 0.3212 0.3574 -0.0446 0.0063  0.0082  6  DC A N4    
116 C C5    . DC A 6  ? 0.2833 0.2869 0.3304 -0.0437 0.0148  0.0159  6  DC A C5    
117 C C6    . DC A 6  ? 0.2834 0.2984 0.3419 -0.0439 0.0157  0.0230  6  DC A C6    
118 P P     . DG A 7  ? 0.3613 0.4905 0.4404 -0.0334 0.0460  0.0368  7  DG A P     
119 O OP1   . DG A 7  ? 0.3741 0.5514 0.4638 -0.0301 0.0537  0.0440  7  DG A OP1   
120 O OP2   . DG A 7  ? 0.3660 0.4693 0.4318 -0.0217 0.0474  0.0196  7  DG A OP2   
121 O "O5'" . DG A 7  ? 0.3705 0.4896 0.4413 -0.0484 0.0402  0.0458  7  DG A "O5'" 
122 C "C5'" . DG A 7  ? 0.3217 0.4189 0.3766 -0.0468 0.0403  0.0362  7  DG A "C5'" 
123 C "C4'" . DG A 7  ? 0.3741 0.4604 0.4242 -0.0604 0.0304  0.0456  7  DG A "C4'" 
124 O "O4'" . DG A 7  ? 0.3279 0.3880 0.3801 -0.0637 0.0183  0.0456  7  DG A "O4'" 
125 C "C3'" . DG A 7  ? 0.3615 0.4337 0.3959 -0.0597 0.0306  0.0377  7  DG A "C3'" 
126 O "O3'" . DG A 7  ? 0.3802 0.4762 0.4090 -0.0602 0.0379  0.0413  7  DG A "O3'" 
127 C "C2'" . DG A 7  ? 0.3423 0.3934 0.3738 -0.0695 0.0150  0.0434  7  DG A "C2'" 
128 C "C1'" . DG A 7  ? 0.3681 0.4072 0.4083 -0.0668 0.0093  0.0419  7  DG A "C1'" 
129 N N9    . DG A 7  ? 0.3140 0.3357 0.3475 -0.0586 0.0108  0.0278  7  DG A N9    
130 C C8    . DG A 7  ? 0.3034 0.3249 0.3382 -0.0512 0.0196  0.0196  7  DG A C8    
131 N N7    . DG A 7  ? 0.3334 0.3421 0.3611 -0.0485 0.0180  0.0109  7  DG A N7    
132 C C5    . DG A 7  ? 0.3392 0.3415 0.3608 -0.0512 0.0088  0.0107  7  DG A C5    
133 C C6    . DG A 7  ? 0.3253 0.3208 0.3390 -0.0482 0.0036  0.0021  7  DG A C6    
134 O O6    . DG A 7  ? 0.3286 0.3261 0.3398 -0.0455 0.0071  -0.0044 7  DG A O6    
135 N N1    . DG A 7  ? 0.3176 0.3057 0.3259 -0.0490 -0.0090 0.0026  7  DG A N1    
136 C C2    . DG A 7  ? 0.3373 0.3223 0.3468 -0.0558 -0.0165 0.0130  7  DG A C2    
137 N N2    . DG A 7  ? 0.3686 0.3402 0.3703 -0.0564 -0.0329 0.0122  7  DG A N2    
138 N N3    . DG A 7  ? 0.3320 0.3281 0.3503 -0.0620 -0.0108 0.0242  7  DG A N3    
139 C C4    . DG A 7  ? 0.3402 0.3461 0.3644 -0.0575 0.0029  0.0208  7  DG A C4    
140 P P     . DC A 8  ? 0.4071 0.4943 0.4194 -0.0522 0.0436  0.0279  8  DC A P     
141 O OP1   . DC A 8  ? 0.4481 0.5698 0.4571 -0.0516 0.0517  0.0343  8  DC A OP1   
142 O OP2   . DC A 8  ? 0.4361 0.5036 0.4454 -0.0410 0.0458  0.0124  8  DC A OP2   
143 O "O5'" . DC A 8  ? 0.4438 0.5073 0.4473 -0.0617 0.0322  0.0297  8  DC A "O5'" 
144 C "C5'" . DC A 8  ? 0.3914 0.4612 0.3938 -0.0749 0.0236  0.0447  8  DC A "C5'" 
145 C "C4'" . DC A 8  ? 0.4298 0.4701 0.4230 -0.0792 0.0091  0.0416  8  DC A "C4'" 
146 O "O4'" . DC A 8  ? 0.4232 0.4438 0.4221 -0.0757 0.0005  0.0356  8  DC A "O4'" 
147 C "C3'" . DC A 8  ? 0.4121 0.4405 0.3930 -0.0718 0.0128  0.0272  8  DC A "C3'" 
148 O "O3'" . DC A 8  ? 0.4719 0.5117 0.4424 -0.0754 0.0161  0.0318  8  DC A "O3'" 
149 C "C2'" . DC A 8  ? 0.3813 0.3842 0.3587 -0.0727 -0.0033 0.0226  8  DC A "C2'" 
150 C "C1'" . DC A 8  ? 0.4421 0.4422 0.4313 -0.0711 -0.0072 0.0240  8  DC A "C1'" 
151 N N1    . DC A 8  ? 0.3715 0.3681 0.3629 -0.0613 -0.0001 0.0106  8  DC A N1    
152 C C2    . DC A 8  ? 0.3327 0.3182 0.3185 -0.0563 -0.0076 0.0000  8  DC A C2    
153 O O2    . DC A 8  ? 0.3638 0.3382 0.3424 -0.0577 -0.0218 0.0001  8  DC A O2    
154 N N3    . DC A 8  ? 0.3664 0.3554 0.3546 -0.0504 -0.0016 -0.0090 8  DC A N3    
155 C C4    . DC A 8  ? 0.3847 0.3800 0.3789 -0.0500 0.0092  -0.0078 8  DC A C4    
156 N N4    . DC A 8  ? 0.3585 0.3558 0.3537 -0.0476 0.0124  -0.0138 8  DC A N4    
157 C C5    . DC A 8  ? 0.3320 0.3341 0.3311 -0.0520 0.0159  0.0000  8  DC A C5    
158 C C6    . DC A 8  ? 0.3377 0.3443 0.3363 -0.0573 0.0121  0.0092  8  DC A C6    
159 P P     . DG A 9  ? 0.4372 0.4784 0.3964 -0.0647 0.0271  0.0181  9  DG A P     
160 O OP1   . DG A 9  ? 0.4745 0.5339 0.4232 -0.0707 0.0288  0.0279  9  DG A OP1   
161 O OP2   . DG A 9  ? 0.4641 0.5084 0.4289 -0.0530 0.0369  0.0078  9  DG A OP2   
162 O "O5'" . DG A 9  ? 0.4700 0.4837 0.4222 -0.0638 0.0175  0.0076  9  DG A "O5'" 
163 C "C5'" . DG A 9  ? 0.4540 0.4564 0.3977 -0.0713 0.0047  0.0123  9  DG A "C5'" 
164 C "C4'" . DG A 9  ? 0.3667 0.3491 0.3086 -0.0663 -0.0040 -0.0005 9  DG A "C4'" 
165 O "O4'" . DG A 9  ? 0.3753 0.3550 0.3286 -0.0628 -0.0067 -0.0035 9  DG A "O4'" 
166 C "C3'" . DG A 9  ? 0.3734 0.3537 0.3111 -0.0588 0.0038  -0.0136 9  DG A "C3'" 
167 O "O3'" . DG A 9  ? 0.4146 0.3901 0.3385 -0.0601 0.0014  -0.0150 9  DG A "O3'" 
168 C "C2'" . DG A 9  ? 0.3956 0.3687 0.3394 -0.0550 -0.0035 -0.0223 9  DG A "C2'" 
169 C "C1'" . DG A 9  ? 0.3687 0.3452 0.3229 -0.0557 -0.0053 -0.0165 9  DG A "C1'" 
170 N N9    . DG A 9  ? 0.3407 0.3252 0.3040 -0.0527 0.0052  -0.0185 9  DG A N9    
171 C C8    . DG A 9  ? 0.3578 0.3501 0.3264 -0.0529 0.0144  -0.0129 9  DG A C8    
172 N N7    . DG A 9  ? 0.3183 0.3116 0.2928 -0.0498 0.0192  -0.0169 9  DG A N7    
173 C C5    . DG A 9  ? 0.3145 0.3052 0.2885 -0.0493 0.0143  -0.0235 9  DG A C5    
174 C C6    . DG A 9  ? 0.3270 0.3216 0.3054 -0.0494 0.0155  -0.0270 9  DG A C6    
175 O O6    . DG A 9  ? 0.3450 0.3397 0.3278 -0.0502 0.0195  -0.0248 9  DG A O6    
176 N N1    . DG A 9  ? 0.3106 0.3120 0.2879 -0.0488 0.0101  -0.0325 9  DG A N1    
177 C C2    . DG A 9  ? 0.3183 0.3175 0.2900 -0.0463 0.0029  -0.0367 9  DG A C2    
178 N N2    . DG A 9  ? 0.3153 0.3265 0.2877 -0.0435 -0.0020 -0.0436 9  DG A N2    
179 N N3    . DG A 9  ? 0.3325 0.3212 0.2985 -0.0468 -0.0006 -0.0334 9  DG A N3    
180 C C4    . DG A 9  ? 0.3505 0.3376 0.3182 -0.0495 0.0063  -0.0259 9  DG A C4    
181 P P     . DT A 10 ? 0.4454 0.4182 0.3615 -0.0539 0.0081  -0.0257 10 DT A P     
182 O OP1   . DT A 10 ? 0.4854 0.4540 0.3861 -0.0565 0.0038  -0.0240 10 DT A OP1   
183 O OP2   . DT A 10 ? 0.4749 0.4565 0.3938 -0.0479 0.0194  -0.0275 10 DT A OP2   
184 O "O5'" . DT A 10 ? 0.4204 0.3850 0.3430 -0.0517 0.0020  -0.0356 10 DT A "O5'" 
185 C "C5'" . DT A 10 ? 0.4167 0.3743 0.3369 -0.0522 -0.0103 -0.0392 10 DT A "C5'" 
186 C "C4'" . DT A 10 ? 0.4237 0.3862 0.3517 -0.0489 -0.0121 -0.0487 10 DT A "C4'" 
187 O "O4'" . DT A 10 ? 0.3619 0.3349 0.3022 -0.0478 -0.0091 -0.0474 10 DT A "O4'" 
188 C "C3'" . DT A 10 ? 0.4705 0.4326 0.3971 -0.0495 -0.0061 -0.0525 10 DT A "C3'" 
189 O "O3'" . DT A 10 ? 0.4901 0.4435 0.4062 -0.0493 -0.0112 -0.0570 10 DT A "O3'" 
190 C "C2'" . DT A 10 ? 0.4001 0.3756 0.3395 -0.0504 -0.0067 -0.0552 10 DT A "C2'" 
191 C "C1'" . DT A 10 ? 0.3670 0.3495 0.3139 -0.0488 -0.0050 -0.0511 10 DT A "C1'" 
192 N N1    . DT A 10 ? 0.3716 0.3547 0.3235 -0.0508 0.0035  -0.0457 10 DT A N1    
193 C C2    . DT A 10 ? 0.3474 0.3412 0.3080 -0.0538 0.0049  -0.0450 10 DT A C2    
194 O O2    . DT A 10 ? 0.3613 0.3699 0.3268 -0.0552 0.0011  -0.0479 10 DT A O2    
195 N N3    . DT A 10 ? 0.3256 0.3155 0.2894 -0.0552 0.0102  -0.0401 10 DT A N3    
196 C C4    . DT A 10 ? 0.3316 0.3123 0.2920 -0.0518 0.0150  -0.0376 10 DT A C4    
197 O O4    . DT A 10 ? 0.3691 0.3472 0.3328 -0.0513 0.0180  -0.0349 10 DT A O4    
198 C C5    . DT A 10 ? 0.3254 0.3025 0.2776 -0.0492 0.0151  -0.0376 10 DT A C5    
199 C C7    . DT A 10 ? 0.3240 0.3027 0.2731 -0.0460 0.0212  -0.0332 10 DT A C7    
200 C C6    . DT A 10 ? 0.3713 0.3476 0.3190 -0.0498 0.0089  -0.0409 10 DT A C6    
201 P P     . DA A 11 ? 0.6189 0.5618 0.5246 -0.0485 -0.0079 -0.0598 11 DA A P     
202 O OP1   . DA A 11 ? 0.6751 0.6088 0.5686 -0.0480 -0.0151 -0.0636 11 DA A OP1   
203 O OP2   . DA A 11 ? 0.5118 0.4544 0.4133 -0.0451 0.0007  -0.0565 11 DA A OP2   
204 O "O5'" . DA A 11 ? 0.5756 0.5229 0.4920 -0.0522 -0.0108 -0.0627 11 DA A "O5'" 
205 C "C5'" . DA A 11 ? 0.4734 0.4142 0.3898 -0.0530 -0.0087 -0.0615 11 DA A "C5'" 
206 C "C4'" . DA A 11 ? 0.4821 0.4336 0.4121 -0.0612 -0.0128 -0.0589 11 DA A "C4'" 
207 O "O4'" . DA A 11 ? 0.4151 0.3841 0.3569 -0.0620 -0.0075 -0.0547 11 DA A "O4'" 
208 C "C3'" . DA A 11 ? 0.4232 0.3596 0.3507 -0.0653 -0.0177 -0.0570 11 DA A "C3'" 
209 O "O3'" . DA A 11 ? 0.4662 0.3881 0.3859 -0.0681 -0.0281 -0.0603 11 DA A "O3'" 
210 C "C2'" . DA A 11 ? 0.4562 0.4119 0.3994 -0.0750 -0.0177 -0.0492 11 DA A "C2'" 
211 C "C1'" . DA A 11 ? 0.4498 0.4214 0.3987 -0.0688 -0.0081 -0.0491 11 DA A "C1'" 
212 N N9    . DA A 11 ? 0.3908 0.3530 0.3380 -0.0641 -0.0023 -0.0469 11 DA A N9    
213 C C8    . DA A 11 ? 0.4055 0.3603 0.3451 -0.0554 0.0035  -0.0490 11 DA A C8    
214 N N7    . DA A 11 ? 0.4231 0.3757 0.3650 -0.0523 0.0077  -0.0464 11 DA A N7    
215 C C5    . DA A 11 ? 0.3476 0.3014 0.2973 -0.0600 0.0034  -0.0423 11 DA A C5    
216 C C6    . DA A 11 ? 0.3874 0.3377 0.3420 -0.0617 0.0030  -0.0378 11 DA A C6    
217 N N6    . DA A 11 ? 0.3773 0.3229 0.3308 -0.0533 0.0076  -0.0388 11 DA A N6    
218 N N1    . DA A 11 ? 0.3725 0.3267 0.3330 -0.0733 -0.0034 -0.0315 11 DA A N1    
219 C C2    . DA A 11 ? 0.4188 0.3857 0.3823 -0.0820 -0.0076 -0.0296 11 DA A C2    
220 N N3    . DA A 11 ? 0.3727 0.3455 0.3339 -0.0795 -0.0072 -0.0349 11 DA A N3    
221 C C4    . DA A 11 ? 0.3562 0.3185 0.3094 -0.0684 -0.0023 -0.0413 11 DA A C4    
222 P P     . DG A 12 ? 0.4811 0.3709 0.3850 -0.0632 -0.0371 -0.0645 12 DG A P     
223 O OP1   . DG A 12 ? 0.5462 0.4223 0.4423 -0.0661 -0.0492 -0.0683 12 DG A OP1   
224 O OP2   . DG A 12 ? 0.5262 0.4108 0.4187 -0.0485 -0.0280 -0.0698 12 DG A OP2   
225 O "O5'" . DG A 12 ? 0.4791 0.3646 0.3918 -0.0735 -0.0447 -0.0564 12 DG A "O5'" 
226 C "C5'" . DG A 12 ? 0.4606 0.3589 0.3860 -0.0914 -0.0538 -0.0469 12 DG A "C5'" 
227 C "C4'" . DG A 12 ? 0.4466 0.3457 0.3798 -0.1023 -0.0587 -0.0364 12 DG A "C4'" 
228 O "O4'" . DG A 12 ? 0.4308 0.3473 0.3707 -0.0963 -0.0438 -0.0356 12 DG A "O4'" 
229 C "C3'" . DG A 12 ? 0.4470 0.3050 0.3661 -0.0990 -0.0741 -0.0384 12 DG A "C3'" 
230 O "O3'" . DG A 12 ? 0.5262 0.3629 0.4403 -0.1111 -0.0958 -0.0341 12 DG A "O3'" 
231 C "C2'" . DG A 12 ? 0.4591 0.3245 0.3870 -0.1055 -0.0720 -0.0292 12 DG A "C2'" 
232 C "C1'" . DG A 12 ? 0.4682 0.3688 0.4068 -0.0987 -0.0495 -0.0308 12 DG A "C1'" 
233 N N9    . DG A 12 ? 0.4230 0.3152 0.3553 -0.0811 -0.0395 -0.0392 12 DG A N9    
234 C C8    . DG A 12 ? 0.4270 0.3165 0.3499 -0.0655 -0.0311 -0.0496 12 DG A C8    
235 N N7    . DG A 12 ? 0.4491 0.3381 0.3697 -0.0536 -0.0233 -0.0530 12 DG A N7    
236 C C5    . DG A 12 ? 0.4278 0.3145 0.3562 -0.0605 -0.0274 -0.0460 12 DG A C5    
237 C C6    . DG A 12 ? 0.3968 0.2823 0.3277 -0.0531 -0.0235 -0.0460 12 DG A C6    
238 O O6    . DG A 12 ? 0.4239 0.3141 0.3520 -0.0388 -0.0149 -0.0520 12 DG A O6    
239 N N1    . DG A 12 ? 0.4277 0.3086 0.3654 -0.0653 -0.0317 -0.0367 12 DG A N1    
240 C C2    . DG A 12 ? 0.4350 0.3172 0.3766 -0.0839 -0.0418 -0.0268 12 DG A C2    
241 N N2    . DG A 12 ? 0.4534 0.3337 0.4001 -0.0958 -0.0490 -0.0163 12 DG A N2    
242 N N3    . DG A 12 ? 0.4514 0.3401 0.3930 -0.0913 -0.0446 -0.0260 12 DG A N3    
243 C C4    . DG A 12 ? 0.4292 0.3178 0.3640 -0.0780 -0.0373 -0.0368 12 DG A C4    
244 O "O5'" . DC B 1  ? 0.6231 0.4709 0.6717 0.0367  -0.0920 -0.0635 1  DC B "O5'" 
245 C "C5'" . DC B 1  ? 0.5728 0.3905 0.6380 0.0346  -0.1265 -0.0554 1  DC B "C5'" 
246 C "C4'" . DC B 1  ? 0.5131 0.3100 0.5680 0.0197  -0.1432 -0.0355 1  DC B "C4'" 
247 O "O4'" . DC B 1  ? 0.5326 0.3156 0.5782 0.0306  -0.1479 -0.0559 1  DC B "O4'" 
248 C "C3'" . DC B 1  ? 0.5261 0.3451 0.5660 0.0019  -0.1219 -0.0123 1  DC B "C3'" 
249 O "O3'" . DC B 1  ? 0.4797 0.3079 0.5255 -0.0154 -0.1268 0.0123  1  DC B "O3'" 
250 C "C2'" . DC B 1  ? 0.5160 0.3171 0.5468 -0.0037 -0.1351 -0.0069 1  DC B "C2'" 
251 C "C1'" . DC B 1  ? 0.4946 0.2783 0.5226 0.0162  -0.1422 -0.0383 1  DC B "C1'" 
252 N N1    . DC B 1  ? 0.5064 0.3107 0.5151 0.0217  -0.1146 -0.0531 1  DC B N1    
253 C C2    . DC B 1  ? 0.5014 0.3033 0.4948 0.0109  -0.1119 -0.0411 1  DC B C2    
254 O O2    . DC B 1  ? 0.4826 0.2698 0.4808 -0.0013 -0.1299 -0.0205 1  DC B O2    
255 N N3    . DC B 1  ? 0.4823 0.2986 0.4565 0.0119  -0.0928 -0.0506 1  DC B N3    
256 C C4    . DC B 1  ? 0.5363 0.3742 0.5051 0.0210  -0.0740 -0.0701 1  DC B C4    
257 N N4    . DC B 1  ? 0.5156 0.3687 0.4627 0.0161  -0.0583 -0.0747 1  DC B N4    
258 C C5    . DC B 1  ? 0.4698 0.3156 0.4561 0.0332  -0.0733 -0.0844 1  DC B C5    
259 C C6    . DC B 1  ? 0.5151 0.3412 0.5221 0.0342  -0.0949 -0.0757 1  DC B C6    
260 P P     . DT B 2  ? 0.4665 0.3307 0.5039 -0.0283 -0.0986 0.0266  2  DT B P     
261 O OP1   . DT B 2  ? 0.5402 0.4172 0.5818 -0.0460 -0.1058 0.0466  2  DT B OP1   
262 O OP2   . DT B 2  ? 0.4611 0.3404 0.4930 -0.0141 -0.0717 0.0079  2  DT B OP2   
263 O "O5'" . DT B 2  ? 0.4374 0.3032 0.4693 -0.0380 -0.1000 0.0376  2  DT B "O5'" 
264 C "C5'" . DT B 2  ? 0.4833 0.3367 0.5191 -0.0542 -0.1260 0.0574  2  DT B "C5'" 
265 C "C4'" . DT B 2  ? 0.5196 0.3804 0.5528 -0.0610 -0.1227 0.0651  2  DT B "C4'" 
266 O "O4'" . DT B 2  ? 0.4359 0.2715 0.4606 -0.0454 -0.1250 0.0467  2  DT B "O4'" 
267 C "C3'" . DT B 2  ? 0.4596 0.3593 0.4949 -0.0630 -0.0931 0.0656  2  DT B "C3'" 
268 O "O3'" . DT B 2  ? 0.4496 0.3841 0.4926 -0.0823 -0.0899 0.0835  2  DT B "O3'" 
269 C "C2'" . DT B 2  ? 0.4378 0.3285 0.4713 -0.0599 -0.0946 0.0636  2  DT B "C2'" 
270 C "C1'" . DT B 2  ? 0.3802 0.2320 0.4017 -0.0465 -0.1087 0.0478  2  DT B "C1'" 
271 N N1    . DT B 2  ? 0.3975 0.2502 0.4076 -0.0309 -0.0891 0.0268  2  DT B N1    
272 C C2    . DT B 2  ? 0.3774 0.2300 0.3798 -0.0305 -0.0832 0.0250  2  DT B C2    
273 O O2    . DT B 2  ? 0.4330 0.2850 0.4405 -0.0397 -0.0922 0.0380  2  DT B O2    
274 N N3    . DT B 2  ? 0.4142 0.2691 0.4034 -0.0215 -0.0687 0.0097  2  DT B N3    
275 C C4    . DT B 2  ? 0.4324 0.2946 0.4182 -0.0123 -0.0570 -0.0049 2  DT B C4    
276 O O4    . DT B 2  ? 0.4208 0.2902 0.3941 -0.0086 -0.0448 -0.0159 2  DT B O4    
277 C C5    . DT B 2  ? 0.4140 0.2757 0.4121 -0.0100 -0.0631 -0.0044 2  DT B C5    
278 C C7    . DT B 2  ? 0.3892 0.2601 0.3895 0.0006  -0.0530 -0.0196 2  DT B C7    
279 C C6    . DT B 2  ? 0.4491 0.3042 0.4575 -0.0199 -0.0799 0.0121  2  DT B C6    
280 P P     . DA B 3  ? 0.5004 0.4795 0.5496 -0.0805 -0.0595 0.0761  3  DA B P     
281 O OP1   . DA B 3  ? 0.5273 0.5450 0.5815 -0.1041 -0.0609 0.0938  3  DA B OP1   
282 O OP2   . DA B 3  ? 0.5217 0.4914 0.5644 -0.0635 -0.0452 0.0580  3  DA B OP2   
283 O "O5'" . DA B 3  ? 0.3995 0.3859 0.4585 -0.0733 -0.0512 0.0703  3  DA B "O5'" 
284 C "C5'" . DA B 3  ? 0.3635 0.3585 0.4325 -0.0858 -0.0631 0.0846  3  DA B "C5'" 
285 C "C4'" . DA B 3  ? 0.3878 0.3930 0.4709 -0.0765 -0.0538 0.0764  3  DA B "C4'" 
286 O "O4'" . DA B 3  ? 0.4095 0.3730 0.4782 -0.0626 -0.0589 0.0665  3  DA B "O4'" 
287 C "C3'" . DA B 3  ? 0.3572 0.3982 0.4555 -0.0678 -0.0306 0.0616  3  DA B "C3'" 
288 O "O3'" . DA B 3  ? 0.3938 0.4693 0.5198 -0.0694 -0.0268 0.0608  3  DA B "O3'" 
289 C "C2'" . DA B 3  ? 0.4250 0.4341 0.5121 -0.0504 -0.0259 0.0471  3  DA B "C2'" 
290 C "C1'" . DA B 3  ? 0.4053 0.3749 0.4783 -0.0501 -0.0432 0.0526  3  DA B "C1'" 
291 N N9    . DA B 3  ? 0.4087 0.3489 0.4598 -0.0403 -0.0416 0.0421  3  DA B N9    
292 C C8    . DA B 3  ? 0.3933 0.3246 0.4315 -0.0370 -0.0394 0.0366  3  DA B C8    
293 N N7    . DA B 3  ? 0.3560 0.2703 0.3788 -0.0281 -0.0357 0.0250  3  DA B N7    
294 C C5    . DA B 3  ? 0.3337 0.2423 0.3551 -0.0283 -0.0372 0.0256  3  DA B C5    
295 C C6    . DA B 3  ? 0.3290 0.2247 0.3335 -0.0262 -0.0360 0.0193  3  DA B C6    
296 N N6    . DA B 3  ? 0.3660 0.2587 0.3529 -0.0218 -0.0290 0.0079  3  DA B N6    
297 N N1    . DA B 3  ? 0.3665 0.2571 0.3740 -0.0308 -0.0428 0.0259  3  DA B N1    
298 C C2    . DA B 3  ? 0.3648 0.2643 0.3955 -0.0339 -0.0496 0.0352  3  DA B C2    
299 N N3    . DA B 3  ? 0.3694 0.2882 0.4189 -0.0357 -0.0483 0.0398  3  DA B N3    
300 C C4    . DA B 3  ? 0.3281 0.2498 0.3690 -0.0343 -0.0421 0.0358  3  DA B C4    
301 P P     . DC B 4  ? 0.4473 0.5707 0.5977 -0.0612 -0.0060 0.0419  4  DC B P     
302 O OP1   . DC B 4  ? 0.4868 0.6557 0.6705 -0.0671 -0.0057 0.0433  4  DC B OP1   
303 O OP2   . DC B 4  ? 0.4403 0.5758 0.5739 -0.0650 0.0055  0.0376  4  DC B OP2   
304 O "O5'" . DC B 4  ? 0.3615 0.4515 0.5138 -0.0407 -0.0053 0.0264  4  DC B "O5'" 
305 C "C5'" . DC B 4  ? 0.3448 0.4184 0.5121 -0.0352 -0.0172 0.0279  4  DC B "C5'" 
306 C "C4'" . DC B 4  ? 0.3410 0.3795 0.5003 -0.0230 -0.0201 0.0193  4  DC B "C4'" 
307 O "O4'" . DC B 4  ? 0.3249 0.3270 0.4462 -0.0262 -0.0222 0.0256  4  DC B "O4'" 
308 C "C3'" . DC B 4  ? 0.3594 0.4148 0.5317 -0.0118 -0.0078 0.0004  4  DC B "C3'" 
309 O "O3'" . DC B 4  ? 0.3707 0.4151 0.5677 -0.0010 -0.0182 -0.0080 4  DC B "O3'" 
310 C "C2'" . DC B 4  ? 0.3603 0.3884 0.4977 -0.0127 -0.0030 0.0021  4  DC B "C2'" 
311 C "C1'" . DC B 4  ? 0.3446 0.3357 0.4592 -0.0181 -0.0160 0.0155  4  DC B "C1'" 
312 N N1    . DC B 4  ? 0.3445 0.3138 0.4268 -0.0197 -0.0127 0.0167  4  DC B N1    
313 C C2    . DC B 4  ? 0.3127 0.2544 0.3755 -0.0200 -0.0189 0.0182  4  DC B C2    
314 O O2    . DC B 4  ? 0.3299 0.2606 0.3994 -0.0217 -0.0300 0.0226  4  DC B O2    
315 N N3    . DC B 4  ? 0.3174 0.2488 0.3559 -0.0200 -0.0136 0.0149  4  DC B N3    
316 C C4    . DC B 4  ? 0.3375 0.2787 0.3736 -0.0183 -0.0058 0.0115  4  DC B C4    
317 N N4    . DC B 4  ? 0.4027 0.3359 0.4214 -0.0162 -0.0023 0.0061  4  DC B N4    
318 C C5    . DC B 4  ? 0.3775 0.3413 0.4298 -0.0204 -0.0023 0.0136  4  DC B C5    
319 C C6    . DC B 4  ? 0.3494 0.3301 0.4234 -0.0216 -0.0041 0.0155  4  DC B C6    
320 P P     . DG B 5  ? 0.3887 0.4578 0.6189 0.0139  -0.0127 -0.0327 5  DG B P     
321 O OP1   . DG B 5  ? 0.3862 0.4839 0.6639 0.0214  -0.0204 -0.0422 5  DG B OP1   
322 O OP2   . DG B 5  ? 0.3722 0.4640 0.5864 0.0124  0.0063  -0.0419 5  DG B OP2   
323 O "O5'" . DG B 5  ? 0.3714 0.3930 0.5912 0.0183  -0.0271 -0.0313 5  DG B "O5'" 
324 C "C5'" . DG B 5  ? 0.3440 0.3422 0.5878 0.0226  -0.0505 -0.0291 5  DG B "C5'" 
325 C "C4'" . DG B 5  ? 0.3020 0.2572 0.5223 0.0175  -0.0633 -0.0201 5  DG B "C4'" 
326 O "O4'" . DG B 5  ? 0.3319 0.2668 0.5062 0.0024  -0.0598 -0.0006 5  DG B "O4'" 
327 C "C3'" . DG B 5  ? 0.3283 0.2856 0.5400 0.0222  -0.0529 -0.0321 5  DG B "C3'" 
328 O "O3'" . DG B 5  ? 0.3321 0.2961 0.5845 0.0372  -0.0628 -0.0531 5  DG B "O3'" 
329 C "C2'" . DG B 5  ? 0.3372 0.2578 0.5129 0.0083  -0.0620 -0.0134 5  DG B "C2'" 
330 C "C1'" . DG B 5  ? 0.3025 0.2190 0.4497 -0.0033 -0.0583 0.0030  5  DG B "C1'" 
331 N N9    . DG B 5  ? 0.3119 0.2387 0.4269 -0.0074 -0.0375 0.0041  5  DG B N9    
332 C C8    . DG B 5  ? 0.3138 0.2649 0.4289 -0.0045 -0.0222 -0.0009 5  DG B C8    
333 N N7    . DG B 5  ? 0.3501 0.3003 0.4375 -0.0085 -0.0110 0.0011  5  DG B N7    
334 C C5    . DG B 5  ? 0.3037 0.2345 0.3726 -0.0135 -0.0152 0.0054  5  DG B C5    
335 C C6    . DG B 5  ? 0.3110 0.2389 0.3528 -0.0182 -0.0068 0.0065  5  DG B C6    
336 O O6    . DG B 5  ? 0.3425 0.2789 0.3736 -0.0163 0.0037  0.0029  5  DG B O6    
337 N N1    . DG B 5  ? 0.3240 0.2399 0.3541 -0.0268 -0.0142 0.0130  5  DG B N1    
338 C C2    . DG B 5  ? 0.3369 0.2371 0.3787 -0.0319 -0.0327 0.0205  5  DG B C2    
339 N N2    . DG B 5  ? 0.3872 0.2772 0.4126 -0.0459 -0.0416 0.0311  5  DG B N2    
340 N N3    . DG B 5  ? 0.3387 0.2358 0.4096 -0.0247 -0.0436 0.0181  5  DG B N3    
341 C C4    . DG B 5  ? 0.3370 0.2531 0.4201 -0.0152 -0.0321 0.0094  5  DG B C4    
342 P P     . DC B 6  ? 0.3337 0.3163 0.5876 0.0463  -0.0483 -0.0750 6  DC B P     
343 O OP1   . DC B 6  ? 0.4032 0.3920 0.7069 0.0649  -0.0639 -0.1013 6  DC B OP1   
344 O OP2   . DC B 6  ? 0.3536 0.3749 0.5884 0.0423  -0.0198 -0.0781 6  DC B OP2   
345 O "O5'" . DC B 6  ? 0.3726 0.3164 0.5910 0.0344  -0.0553 -0.0585 6  DC B "O5'" 
346 C "C5'" . DC B 6  ? 0.3751 0.3271 0.5621 0.0289  -0.0358 -0.0575 6  DC B "C5'" 
347 C "C4'" . DC B 6  ? 0.3259 0.2452 0.4857 0.0156  -0.0461 -0.0391 6  DC B "C4'" 
348 O "O4'" . DC B 6  ? 0.3694 0.2831 0.4983 0.0019  -0.0409 -0.0189 6  DC B "O4'" 
349 C "C3'" . DC B 6  ? 0.3443 0.2678 0.4852 0.0131  -0.0340 -0.0426 6  DC B "C3'" 
350 O "O3'" . DC B 6  ? 0.4246 0.3406 0.5884 0.0223  -0.0464 -0.0589 6  DC B "O3'" 
351 C "C2'" . DC B 6  ? 0.3589 0.2638 0.4690 -0.0044 -0.0382 -0.0196 6  DC B "C2'" 
352 C "C1'" . DC B 6  ? 0.3520 0.2610 0.4505 -0.0088 -0.0336 -0.0096 6  DC B "C1'" 
353 N N1    . DC B 6  ? 0.3105 0.2398 0.3890 -0.0085 -0.0112 -0.0109 6  DC B N1    
354 C C2    . DC B 6  ? 0.3661 0.2966 0.4189 -0.0168 -0.0027 -0.0041 6  DC B C2    
355 O O2    . DC B 6  ? 0.3867 0.3066 0.4304 -0.0269 -0.0112 0.0045  6  DC B O2    
356 N N3    . DC B 6  ? 0.3245 0.2689 0.3653 -0.0148 0.0119  -0.0068 6  DC B N3    
357 C C4    . DC B 6  ? 0.3226 0.2779 0.3724 -0.0086 0.0170  -0.0119 6  DC B C4    
358 N N4    . DC B 6  ? 0.4073 0.3707 0.4462 -0.0088 0.0251  -0.0117 6  DC B N4    
359 C C5    . DC B 6  ? 0.2995 0.2602 0.3724 -0.0032 0.0116  -0.0170 6  DC B C5    
360 C C6    . DC B 6  ? 0.2921 0.2404 0.3810 -0.0011 -0.0016 -0.0187 6  DC B C6    
361 P P     . DG B 7  ? 0.4178 0.3479 0.5732 0.0259  -0.0327 -0.0733 7  DG B P     
362 O OP1   . DG B 7  ? 0.4553 0.3733 0.6428 0.0390  -0.0526 -0.0952 7  DG B OP1   
363 O OP2   . DG B 7  ? 0.4047 0.3701 0.5481 0.0271  -0.0068 -0.0793 7  DG B OP2   
364 O "O5'" . DG B 7  ? 0.4681 0.3800 0.5923 0.0087  -0.0341 -0.0507 7  DG B "O5'" 
365 C "C5'" . DG B 7  ? 0.5142 0.3952 0.6398 -0.0020 -0.0592 -0.0357 7  DG B "C5'" 
366 C "C4'" . DG B 7  ? 0.4440 0.3250 0.5409 -0.0190 -0.0534 -0.0179 7  DG B "C4'" 
367 O "O4'" . DG B 7  ? 0.4056 0.3009 0.4784 -0.0284 -0.0380 -0.0039 7  DG B "O4'" 
368 C "C3'" . DG B 7  ? 0.4644 0.3621 0.5541 -0.0146 -0.0367 -0.0289 7  DG B "C3'" 
369 O "O3'" . DG B 7  ? 0.5389 0.4192 0.6425 -0.0120 -0.0543 -0.0379 7  DG B "O3'" 
370 C "C2'" . DG B 7  ? 0.4537 0.3632 0.5171 -0.0298 -0.0246 -0.0105 7  DG B "C2'" 
371 C "C1'" . DG B 7  ? 0.4792 0.3935 0.5335 -0.0328 -0.0195 -0.0020 7  DG B "C1'" 
372 N N9    . DG B 7  ? 0.3759 0.3101 0.4248 -0.0234 0.0010  -0.0103 7  DG B N9    
373 C C8    . DG B 7  ? 0.3290 0.2696 0.3896 -0.0121 0.0056  -0.0209 7  DG B C8    
374 N N7    . DG B 7  ? 0.3576 0.3139 0.4089 -0.0101 0.0199  -0.0220 7  DG B N7    
375 C C5    . DG B 7  ? 0.3168 0.2771 0.3529 -0.0169 0.0255  -0.0152 7  DG B C5    
376 C C6    . DG B 7  ? 0.2839 0.2568 0.3107 -0.0161 0.0360  -0.0153 7  DG B C6    
377 O O6    . DG B 7  ? 0.3029 0.2813 0.3301 -0.0117 0.0401  -0.0180 7  DG B O6    
378 N N1    . DG B 7  ? 0.3023 0.2824 0.3220 -0.0222 0.0388  -0.0116 7  DG B N1    
379 C C2    . DG B 7  ? 0.3064 0.2835 0.3240 -0.0322 0.0324  -0.0044 7  DG B C2    
380 N N2    . DG B 7  ? 0.3259 0.3202 0.3382 -0.0393 0.0378  -0.0010 7  DG B N2    
381 N N3    . DG B 7  ? 0.3330 0.2926 0.3564 -0.0359 0.0189  -0.0004 7  DG B N3    
382 C C4    . DG B 7  ? 0.3658 0.3169 0.3999 -0.0260 0.0161  -0.0080 7  DG B C4    
383 P P     . DC B 8  ? 0.5235 0.4188 0.6305 -0.0001 -0.0427 -0.0616 8  DC B P     
384 O OP1   . DC B 8  ? 0.5395 0.4074 0.6630 0.0020  -0.0691 -0.0706 8  DC B OP1   
385 O OP2   . DC B 8  ? 0.4888 0.4120 0.6015 0.0129  -0.0238 -0.0794 8  DC B OP2   
386 O "O5'" . DC B 8  ? 0.4618 0.3741 0.5425 -0.0116 -0.0240 -0.0478 8  DC B "O5'" 
387 C "C5'" . DC B 8  ? 0.3723 0.2745 0.4437 -0.0265 -0.0332 -0.0311 8  DC B "C5'" 
388 C "C4'" . DC B 8  ? 0.3901 0.3166 0.4444 -0.0330 -0.0131 -0.0223 8  DC B "C4'" 
389 O "O4'" . DC B 8  ? 0.3949 0.3353 0.4411 -0.0337 -0.0002 -0.0148 8  DC B "O4'" 
390 C "C3'" . DC B 8  ? 0.3919 0.3347 0.4425 -0.0246 0.0012  -0.0365 8  DC B "C3'" 
391 O "O3'" . DC B 8  ? 0.4499 0.3854 0.5012 -0.0262 -0.0072 -0.0435 8  DC B "O3'" 
392 C "C2'" . DC B 8  ? 0.3770 0.3390 0.4172 -0.0298 0.0157  -0.0248 8  DC B "C2'" 
393 C "C1'" . DC B 8  ? 0.3531 0.3145 0.3921 -0.0303 0.0172  -0.0178 8  DC B "C1'" 
394 N N1    . DC B 8  ? 0.3531 0.3218 0.3926 -0.0206 0.0266  -0.0258 8  DC B N1    
395 C C2    . DC B 8  ? 0.3594 0.3426 0.3927 -0.0196 0.0373  -0.0237 8  DC B C2    
396 O O2    . DC B 8  ? 0.3471 0.3384 0.3780 -0.0237 0.0400  -0.0186 8  DC B O2    
397 N N3    . DC B 8  ? 0.3335 0.3220 0.3670 -0.0145 0.0420  -0.0273 8  DC B N3    
398 C C4    . DC B 8  ? 0.3643 0.3509 0.4046 -0.0102 0.0400  -0.0340 8  DC B C4    
399 N N4    . DC B 8  ? 0.3678 0.3650 0.4085 -0.0086 0.0445  -0.0349 8  DC B N4    
400 C C5    . DC B 8  ? 0.3429 0.3178 0.3938 -0.0076 0.0305  -0.0405 8  DC B C5    
401 C C6    . DC B 8  ? 0.3570 0.3197 0.4066 -0.0132 0.0221  -0.0354 8  DC B C6    
402 P P     . DG B 9  ? 0.4419 0.3917 0.4884 -0.0190 0.0022  -0.0631 9  DG B P     
403 O OP1   . DG B 9  ? 0.4770 0.4129 0.5232 -0.0219 -0.0114 -0.0700 9  DG B OP1   
404 O OP2   . DG B 9  ? 0.5098 0.4715 0.5629 -0.0078 0.0096  -0.0791 9  DG B OP2   
405 O "O5'" . DG B 9  ? 0.4166 0.3866 0.4502 -0.0254 0.0169  -0.0512 9  DG B "O5'" 
406 C "C5'" . DG B 9  ? 0.4357 0.4063 0.4670 -0.0345 0.0142  -0.0374 9  DG B "C5'" 
407 C "C4'" . DG B 9  ? 0.3573 0.3457 0.3859 -0.0358 0.0250  -0.0287 9  DG B "C4'" 
408 O "O4'" . DG B 9  ? 0.3610 0.3530 0.3916 -0.0308 0.0318  -0.0264 9  DG B "O4'" 
409 C "C3'" . DG B 9  ? 0.3733 0.3717 0.3931 -0.0366 0.0288  -0.0337 9  DG B "C3'" 
410 O "O3'" . DG B 9  ? 0.3822 0.3806 0.3979 -0.0441 0.0225  -0.0313 9  DG B "O3'" 
411 C "C2'" . DG B 9  ? 0.3247 0.3319 0.3479 -0.0349 0.0340  -0.0252 9  DG B "C2'" 
412 C "C1'" . DG B 9  ? 0.4076 0.4104 0.4356 -0.0290 0.0375  -0.0252 9  DG B "C1'" 
413 N N9    . DG B 9  ? 0.3514 0.3556 0.3767 -0.0246 0.0415  -0.0307 9  DG B N9    
414 C C8    . DG B 9  ? 0.3504 0.3510 0.3785 -0.0201 0.0412  -0.0406 9  DG B C8    
415 N N7    . DG B 9  ? 0.3271 0.3375 0.3551 -0.0179 0.0461  -0.0433 9  DG B N7    
416 C C5    . DG B 9  ? 0.2944 0.3101 0.3170 -0.0226 0.0470  -0.0329 9  DG B C5    
417 C C6    . DG B 9  ? 0.3460 0.3701 0.3659 -0.0259 0.0474  -0.0274 9  DG B C6    
418 O O6    . DG B 9  ? 0.3506 0.3843 0.3717 -0.0261 0.0503  -0.0301 9  DG B O6    
419 N N1    . DG B 9  ? 0.3474 0.3676 0.3665 -0.0296 0.0409  -0.0174 9  DG B N1    
420 C C2    . DG B 9  ? 0.3398 0.3550 0.3629 -0.0288 0.0372  -0.0153 9  DG B C2    
421 N N2    . DG B 9  ? 0.3452 0.3575 0.3742 -0.0302 0.0276  -0.0083 9  DG B N2    
422 N N3    . DG B 9  ? 0.3113 0.3248 0.3364 -0.0272 0.0398  -0.0194 9  DG B N3    
423 C C4    . DG B 9  ? 0.3519 0.3634 0.3749 -0.0250 0.0437  -0.0270 9  DG B C4    
424 P P     . DT B 10 ? 0.4157 0.4226 0.4154 -0.0506 0.0219  -0.0379 10 DT B P     
425 O OP1   . DT B 10 ? 0.4246 0.4250 0.4219 -0.0582 0.0120  -0.0348 10 DT B OP1   
426 O OP2   . DT B 10 ? 0.5053 0.5191 0.4981 -0.0460 0.0275  -0.0559 10 DT B OP2   
427 O "O5'" . DT B 10 ? 0.4099 0.4272 0.4095 -0.0544 0.0233  -0.0255 10 DT B "O5'" 
428 C "C5'" . DT B 10 ? 0.4025 0.4183 0.4147 -0.0558 0.0165  -0.0129 10 DT B "C5'" 
429 C "C4'" . DT B 10 ? 0.4196 0.4392 0.4332 -0.0589 0.0116  -0.0040 10 DT B "C4'" 
430 O "O4'" . DT B 10 ? 0.3506 0.3705 0.3683 -0.0503 0.0188  -0.0065 10 DT B "O4'" 
431 C "C3'" . DT B 10 ? 0.4423 0.4691 0.4346 -0.0735 0.0071  -0.0011 10 DT B "C3'" 
432 O "O3'" . DT B 10 ? 0.5343 0.5589 0.5229 -0.0849 -0.0058 0.0072  10 DT B "O3'" 
433 C "C2'" . DT B 10 ? 0.3778 0.4055 0.3734 -0.0748 0.0028  0.0079  10 DT B "C2'" 
434 C "C1'" . DT B 10 ? 0.3533 0.3773 0.3615 -0.0585 0.0141  -0.0003 10 DT B "C1'" 
435 N N1    . DT B 10 ? 0.3381 0.3712 0.3360 -0.0577 0.0255  -0.0088 10 DT B N1    
436 C C2    . DT B 10 ? 0.3250 0.3642 0.3194 -0.0632 0.0233  -0.0020 10 DT B C2    
437 O O2    . DT B 10 ? 0.3622 0.3945 0.3605 -0.0689 0.0098  0.0111  10 DT B O2    
438 N N3    . DT B 10 ? 0.3646 0.4173 0.3548 -0.0614 0.0344  -0.0112 10 DT B N3    
439 C C4    . DT B 10 ? 0.3468 0.4049 0.3385 -0.0530 0.0448  -0.0283 10 DT B C4    
440 O O4    . DT B 10 ? 0.3747 0.4475 0.3687 -0.0501 0.0525  -0.0379 10 DT B O4    
441 C C5    . DT B 10 ? 0.3302 0.3751 0.3244 -0.0478 0.0430  -0.0342 10 DT B C5    
442 C C7    . DT B 10 ? 0.3761 0.4186 0.3750 -0.0388 0.0468  -0.0522 10 DT B C7    
443 C C6    . DT B 10 ? 0.3403 0.3752 0.3363 -0.0515 0.0347  -0.0232 10 DT B C6    
444 P P     . DA B 11 ? 0.6058 0.6417 0.5639 -0.1046 -0.0092 0.0067  11 DA B P     
445 O OP1   . DA B 11 ? 0.6519 0.6804 0.6097 -0.1151 -0.0251 0.0166  11 DA B OP1   
446 O OP2   . DA B 11 ? 0.5802 0.6281 0.5237 -0.1005 0.0064  -0.0143 11 DA B OP2   
447 O "O5'" . DA B 11 ? 0.5626 0.6066 0.5127 -0.1180 -0.0170 0.0213  11 DA B "O5'" 
448 C "C5'" . DA B 11 ? 0.4579 0.5243 0.3851 -0.1298 -0.0081 0.0166  11 DA B "C5'" 
449 C "C4'" . DA B 11 ? 0.4935 0.5628 0.4203 -0.1423 -0.0191 0.0358  11 DA B "C4'" 
450 O "O4'" . DA B 11 ? 0.4636 0.5246 0.4112 -0.1232 -0.0115 0.0312  11 DA B "O4'" 
451 C "C3'" . DA B 11 ? 0.4964 0.5996 0.3934 -0.1666 -0.0145 0.0384  11 DA B "C3'" 
452 O "O3'" . DA B 11 ? 0.5048 0.6126 0.3802 -0.1952 -0.0336 0.0577  11 DA B "O3'" 
453 C "C2'" . DA B 11 ? 0.5418 0.6469 0.4491 -0.1663 -0.0160 0.0485  11 DA B "C2'" 
454 C "C1'" . DA B 11 ? 0.4190 0.5005 0.3551 -0.1343 -0.0067 0.0348  11 DA B "C1'" 
455 N N9    . DA B 11 ? 0.3760 0.4742 0.3138 -0.1197 0.0166  0.0119  11 DA B N9    
456 C C8    . DA B 11 ? 0.3632 0.4585 0.3059 -0.1033 0.0289  -0.0096 11 DA B C8    
457 N N7    . DA B 11 ? 0.3674 0.4771 0.3158 -0.0925 0.0434  -0.0270 11 DA B N7    
458 C C5    . DA B 11 ? 0.3689 0.4956 0.3153 -0.1029 0.0432  -0.0159 11 DA B C5    
459 C C6    . DA B 11 ? 0.3418 0.4911 0.2955 -0.0994 0.0542  -0.0241 11 DA B C6    
460 N N6    . DA B 11 ? 0.3590 0.5157 0.3266 -0.0815 0.0665  -0.0480 11 DA B N6    
461 N N1    . DA B 11 ? 0.3574 0.5204 0.3071 -0.1156 0.0483  -0.0054 11 DA B N1    
462 C C2    . DA B 11 ? 0.3555 0.5051 0.2950 -0.1337 0.0296  0.0194  11 DA B C2    
463 N N3    . DA B 11 ? 0.3895 0.5159 0.3246 -0.1365 0.0164  0.0277  11 DA B N3    
464 C C4    . DA B 11 ? 0.3628 0.4809 0.3017 -0.1204 0.0260  0.0089  11 DA B C4    
465 P P     . DG B 12 ? 0.5782 0.7312 0.4124 -0.2236 -0.0240 0.0519  12 DG B P     
466 O OP1   . DG B 12 ? 0.7114 0.8628 0.5237 -0.2576 -0.0509 0.0807  12 DG B OP1   
467 O OP2   . DG B 12 ? 0.6008 0.7637 0.4321 -0.2050 -0.0024 0.0181  12 DG B OP2   
468 O "O5'" . DG B 12 ? 0.5402 0.7297 0.3701 -0.2301 -0.0091 0.0495  12 DG B "O5'" 
469 C "C5'" . DG B 12 ? 0.5536 0.7465 0.3789 -0.2544 -0.0273 0.0795  12 DG B "C5'" 
470 C "C4'" . DG B 12 ? 0.4029 0.6272 0.2331 -0.2531 -0.0108 0.0737  12 DG B "C4'" 
471 O "O4'" . DG B 12 ? 0.4176 0.6262 0.2768 -0.2148 0.0077  0.0482  12 DG B "O4'" 
472 C "C3'" . DG B 12 ? 0.4205 0.7016 0.2383 -0.2620 0.0056  0.0517  12 DG B "C3'" 
473 O "O3'" . DG B 12 ? 0.5339 0.8354 0.3361 -0.2950 -0.0145 0.0717  12 DG B "O3'" 
474 C "C2'" . DG B 12 ? 0.4821 0.7772 0.3213 -0.2440 0.0213  0.0400  12 DG B "C2'" 
475 C "C1'" . DG B 12 ? 0.4031 0.6528 0.2636 -0.2165 0.0258  0.0377  12 DG B "C1'" 
476 N N9    . DG B 12 ? 0.3450 0.5996 0.2218 -0.1856 0.0487  0.0020  12 DG B N9    
477 C C8    . DG B 12 ? 0.3565 0.5930 0.2368 -0.1663 0.0541  -0.0198 12 DG B C8    
478 N N7    . DG B 12 ? 0.3793 0.6197 0.2792 -0.1407 0.0696  -0.0480 12 DG B N7    
479 C C5    . DG B 12 ? 0.3349 0.6019 0.2453 -0.1432 0.0769  -0.0456 12 DG B C5    
480 C C6    . DG B 12 ? 0.3657 0.6494 0.3003 -0.1231 0.0908  -0.0683 12 DG B C6    
481 O O6    . DG B 12 ? 0.3441 0.6171 0.2974 -0.0980 0.0970  -0.0952 12 DG B O6    
482 N N1    . DG B 12 ? 0.3025 0.6105 0.2424 -0.1346 0.0908  -0.0541 12 DG B N1    
483 C C2    . DG B 12 ? 0.3516 0.6640 0.2742 -0.1624 0.0763  -0.0220 12 DG B C2    
484 N N2    . DG B 12 ? 0.3144 0.6446 0.2459 -0.1693 0.0734  -0.0112 12 DG B N2    
485 N N3    . DG B 12 ? 0.3586 0.6548 0.2586 -0.1825 0.0615  -0.0007 12 DG B N3    
486 C C4    . DG B 12 ? 0.3505 0.6278 0.2453 -0.1717 0.0648  -0.0145 12 DG B C4    
# 
